data_7ZFS
# 
_entry.id   7ZFS 
# 
_audit_conform.dict_name       mmcif_pdbx.dic 
_audit_conform.dict_version    5.384 
_audit_conform.dict_location   http://mmcif.pdb.org/dictionaries/ascii/mmcif_pdbx.dic 
# 
loop_
_database_2.database_id 
_database_2.database_code 
_database_2.pdbx_database_accession 
_database_2.pdbx_DOI 
PDB   7ZFS         pdb_00007zfs 10.2210/pdb7zfs/pdb 
WWPDB D_1292122179 ?            ?                   
# 
loop_
_pdbx_audit_revision_history.ordinal 
_pdbx_audit_revision_history.data_content_type 
_pdbx_audit_revision_history.major_revision 
_pdbx_audit_revision_history.minor_revision 
_pdbx_audit_revision_history.revision_date 
1 'Structure model' 1 0 2022-11-23 
2 'Structure model' 1 1 2022-12-07 
3 'Structure model' 1 2 2023-01-11 
4 'Structure model' 1 3 2024-01-31 
# 
_pdbx_audit_revision_details.ordinal             1 
_pdbx_audit_revision_details.revision_ordinal    1 
_pdbx_audit_revision_details.data_content_type   'Structure model' 
_pdbx_audit_revision_details.provider            repository 
_pdbx_audit_revision_details.type                'Initial release' 
_pdbx_audit_revision_details.description         ? 
_pdbx_audit_revision_details.details             ? 
# 
loop_
_pdbx_audit_revision_group.ordinal 
_pdbx_audit_revision_group.revision_ordinal 
_pdbx_audit_revision_group.data_content_type 
_pdbx_audit_revision_group.group 
1 2 'Structure model' 'Database references'    
2 3 'Structure model' 'Database references'    
3 4 'Structure model' 'Data collection'        
4 4 'Structure model' 'Refinement description' 
# 
loop_
_pdbx_audit_revision_category.ordinal 
_pdbx_audit_revision_category.revision_ordinal 
_pdbx_audit_revision_category.data_content_type 
_pdbx_audit_revision_category.category 
1 2 'Structure model' citation                      
2 2 'Structure model' citation_author               
3 3 'Structure model' citation_author               
4 4 'Structure model' chem_comp_atom                
5 4 'Structure model' chem_comp_bond                
6 4 'Structure model' pdbx_initial_refinement_model 
# 
loop_
_pdbx_audit_revision_item.ordinal 
_pdbx_audit_revision_item.revision_ordinal 
_pdbx_audit_revision_item.data_content_type 
_pdbx_audit_revision_item.item 
1 2 'Structure model' '_citation.journal_volume'          
2 2 'Structure model' '_citation.page_first'              
3 2 'Structure model' '_citation.page_last'               
4 2 'Structure model' '_citation_author.identifier_ORCID' 
5 3 'Structure model' '_citation_author.identifier_ORCID' 
# 
_pdbx_database_status.status_code                     REL 
_pdbx_database_status.status_code_sf                  REL 
_pdbx_database_status.status_code_mr                  ? 
_pdbx_database_status.entry_id                        7ZFS 
_pdbx_database_status.recvd_initial_deposition_date   2022-04-01 
_pdbx_database_status.SG_entry                        N 
_pdbx_database_status.deposit_site                    PDBE 
_pdbx_database_status.process_site                    PDBE 
_pdbx_database_status.status_code_cs                  ? 
_pdbx_database_status.status_code_nmr_data            ? 
_pdbx_database_status.methods_development_category    ? 
_pdbx_database_status.pdb_format_compatible           N 
# 
_pdbx_contact_author.id                 2 
_pdbx_contact_author.email              martin.noble@ncl.ac.uk 
_pdbx_contact_author.name_first         Martin 
_pdbx_contact_author.name_last          Noble 
_pdbx_contact_author.name_mi            E.M. 
_pdbx_contact_author.role               'principal investigator/group leader' 
_pdbx_contact_author.identifier_ORCID   0000-0002-3595-9807 
# 
loop_
_audit_author.name 
_audit_author.pdbx_ordinal 
_audit_author.identifier_ORCID 
'Turberville, S.' 1 0000-0003-2173-9675 
'Martin, M.P.'    2 0000-0003-4810-3351 
'Hope, I.'        3 ?                   
'Noble, M.E.M.'   4 0000-0002-3595-9807 
# 
_citation.abstract                  ? 
_citation.abstract_id_CAS           ? 
_citation.book_id_ISBN              ? 
_citation.book_publisher            ? 
_citation.book_publisher_city       ? 
_citation.book_title                ? 
_citation.coordinate_linkage        ? 
_citation.country                   US 
_citation.database_id_Medline       ? 
_citation.details                   ? 
_citation.id                        primary 
_citation.journal_abbrev            J.Med.Chem. 
_citation.journal_id_ASTM           JMCMAR 
_citation.journal_id_CSD            0151 
_citation.journal_id_ISSN           0022-2623 
_citation.journal_full              ? 
_citation.journal_issue             ? 
_citation.journal_volume            65 
_citation.language                  ? 
_citation.page_first                15416 
_citation.page_last                 15432 
_citation.title                     
;Mapping Ligand Interactions of Bromodomains BRD4 and ATAD2 with FragLites and PepLites&#9472;Halogenated Probes of Druglike and Peptide-like Molecular Interactions.
;
_citation.year                      2022 
_citation.database_id_CSD           ? 
_citation.pdbx_database_id_DOI      10.1021/acs.jmedchem.2c01357 
_citation.pdbx_database_id_PubMed   36367089 
_citation.pdbx_database_id_patent   ? 
_citation.unpublished_flag          ? 
# 
loop_
_citation_author.citation_id 
_citation_author.name 
_citation_author.ordinal 
_citation_author.identifier_ORCID 
primary 'Davison, G.'       1  0000-0001-5466-2702 
primary 'Martin, M.P.'      2  ?                   
primary 'Turberville, S.'   3  ?                   
primary 'Dormen, S.'        4  ?                   
primary 'Heath, R.'         5  ?                   
primary 'Heptinstall, A.B.' 6  ?                   
primary 'Lawson, M.'        7  ?                   
primary 'Miller, D.C.'      8  0000-0001-6846-2007 
primary 'Ng, Y.M.'          9  ?                   
primary 'Sanderson, J.N.'   10 0000-0003-1000-2897 
primary 'Hope, I.'          11 0000-0002-8002-5026 
primary 'Wood, D.J.'        12 ?                   
primary 'Cano, C.'          13 0000-0002-2032-2272 
primary 'Endicott, J.A.'    14 ?                   
primary 'Hardcastle, I.R.'  15 0000-0001-7495-3769 
primary 'Noble, M.E.M.'     16 ?                   
primary 'Waring, M.J.'      17 0000-0002-9110-8783 
# 
loop_
_entity.id 
_entity.type 
_entity.src_method 
_entity.pdbx_description 
_entity.formula_weight 
_entity.pdbx_number_of_molecules 
_entity.pdbx_ec 
_entity.pdbx_mutation 
_entity.pdbx_fragment 
_entity.details 
1 polymer     man 'Bromodomain-containing protein 4' 15294.578 1   ? ? ? ? 
2 non-polymer syn GLYCEROL                           92.094    1   ? ? ? ? 
3 non-polymer syn 4-bromanyl-1,2-dimethoxy-benzene   217.060   1   ? ? ? ? 
4 non-polymer syn 1,2-ETHANEDIOL                     62.068    1   ? ? ? ? 
5 water       nat water                              18.015    155 ? ? ? ? 
# 
_entity_name_com.entity_id   1 
_entity_name_com.name        'Protein HUNK1' 
# 
_entity_poly.entity_id                      1 
_entity_poly.type                           'polypeptide(L)' 
_entity_poly.nstd_linkage                   no 
_entity_poly.nstd_monomer                   no 
_entity_poly.pdbx_seq_one_letter_code       
;GSHMNPPPPETSNPNKPKRQTNQLQYLLRVVLKTLWKHQFAWPFQQPVDAVKLNLPDYYKIIKTPMDMGTIKKRLENNYY
WNAQECIQDFNTMFTNCYIYNKPGDDIVLMAEALEKLFLQKINELPTEE
;
_entity_poly.pdbx_seq_one_letter_code_can   
;GSHMNPPPPETSNPNKPKRQTNQLQYLLRVVLKTLWKHQFAWPFQQPVDAVKLNLPDYYKIIKTPMDMGTIKKRLENNYY
WNAQECIQDFNTMFTNCYIYNKPGDDIVLMAEALEKLFLQKINELPTEE
;
_entity_poly.pdbx_strand_id                 AAA 
_entity_poly.pdbx_target_identifier         ? 
# 
loop_
_pdbx_entity_nonpoly.entity_id 
_pdbx_entity_nonpoly.name 
_pdbx_entity_nonpoly.comp_id 
2 GLYCEROL                         GOL 
3 4-bromanyl-1,2-dimethoxy-benzene IS0 
4 1,2-ETHANEDIOL                   EDO 
5 water                            HOH 
# 
loop_
_entity_poly_seq.entity_id 
_entity_poly_seq.num 
_entity_poly_seq.mon_id 
_entity_poly_seq.hetero 
1 1   GLY n 
1 2   SER n 
1 3   HIS n 
1 4   MET n 
1 5   ASN n 
1 6   PRO n 
1 7   PRO n 
1 8   PRO n 
1 9   PRO n 
1 10  GLU n 
1 11  THR n 
1 12  SER n 
1 13  ASN n 
1 14  PRO n 
1 15  ASN n 
1 16  LYS n 
1 17  PRO n 
1 18  LYS n 
1 19  ARG n 
1 20  GLN n 
1 21  THR n 
1 22  ASN n 
1 23  GLN n 
1 24  LEU n 
1 25  GLN n 
1 26  TYR n 
1 27  LEU n 
1 28  LEU n 
1 29  ARG n 
1 30  VAL n 
1 31  VAL n 
1 32  LEU n 
1 33  LYS n 
1 34  THR n 
1 35  LEU n 
1 36  TRP n 
1 37  LYS n 
1 38  HIS n 
1 39  GLN n 
1 40  PHE n 
1 41  ALA n 
1 42  TRP n 
1 43  PRO n 
1 44  PHE n 
1 45  GLN n 
1 46  GLN n 
1 47  PRO n 
1 48  VAL n 
1 49  ASP n 
1 50  ALA n 
1 51  VAL n 
1 52  LYS n 
1 53  LEU n 
1 54  ASN n 
1 55  LEU n 
1 56  PRO n 
1 57  ASP n 
1 58  TYR n 
1 59  TYR n 
1 60  LYS n 
1 61  ILE n 
1 62  ILE n 
1 63  LYS n 
1 64  THR n 
1 65  PRO n 
1 66  MET n 
1 67  ASP n 
1 68  MET n 
1 69  GLY n 
1 70  THR n 
1 71  ILE n 
1 72  LYS n 
1 73  LYS n 
1 74  ARG n 
1 75  LEU n 
1 76  GLU n 
1 77  ASN n 
1 78  ASN n 
1 79  TYR n 
1 80  TYR n 
1 81  TRP n 
1 82  ASN n 
1 83  ALA n 
1 84  GLN n 
1 85  GLU n 
1 86  CYS n 
1 87  ILE n 
1 88  GLN n 
1 89  ASP n 
1 90  PHE n 
1 91  ASN n 
1 92  THR n 
1 93  MET n 
1 94  PHE n 
1 95  THR n 
1 96  ASN n 
1 97  CYS n 
1 98  TYR n 
1 99  ILE n 
1 100 TYR n 
1 101 ASN n 
1 102 LYS n 
1 103 PRO n 
1 104 GLY n 
1 105 ASP n 
1 106 ASP n 
1 107 ILE n 
1 108 VAL n 
1 109 LEU n 
1 110 MET n 
1 111 ALA n 
1 112 GLU n 
1 113 ALA n 
1 114 LEU n 
1 115 GLU n 
1 116 LYS n 
1 117 LEU n 
1 118 PHE n 
1 119 LEU n 
1 120 GLN n 
1 121 LYS n 
1 122 ILE n 
1 123 ASN n 
1 124 GLU n 
1 125 LEU n 
1 126 PRO n 
1 127 THR n 
1 128 GLU n 
1 129 GLU n 
# 
_entity_src_gen.entity_id                          1 
_entity_src_gen.pdbx_src_id                        1 
_entity_src_gen.pdbx_alt_source_flag               sample 
_entity_src_gen.pdbx_seq_type                      'Biological sequence' 
_entity_src_gen.pdbx_beg_seq_num                   1 
_entity_src_gen.pdbx_end_seq_num                   129 
_entity_src_gen.gene_src_common_name               human 
_entity_src_gen.gene_src_genus                     ? 
_entity_src_gen.pdbx_gene_src_gene                 'BRD4, HUNK1' 
_entity_src_gen.gene_src_species                   ? 
_entity_src_gen.gene_src_strain                    ? 
_entity_src_gen.gene_src_tissue                    ? 
_entity_src_gen.gene_src_tissue_fraction           ? 
_entity_src_gen.gene_src_details                   ? 
_entity_src_gen.pdbx_gene_src_fragment             ? 
_entity_src_gen.pdbx_gene_src_scientific_name      'Homo sapiens' 
_entity_src_gen.pdbx_gene_src_ncbi_taxonomy_id     9606 
_entity_src_gen.pdbx_gene_src_variant              ? 
_entity_src_gen.pdbx_gene_src_cell_line            ? 
_entity_src_gen.pdbx_gene_src_atcc                 ? 
_entity_src_gen.pdbx_gene_src_organ                ? 
_entity_src_gen.pdbx_gene_src_organelle            ? 
_entity_src_gen.pdbx_gene_src_cell                 ? 
_entity_src_gen.pdbx_gene_src_cellular_location    ? 
_entity_src_gen.host_org_common_name               ? 
_entity_src_gen.pdbx_host_org_scientific_name      'Escherichia coli BL21(DE3)' 
_entity_src_gen.pdbx_host_org_ncbi_taxonomy_id     469008 
_entity_src_gen.host_org_genus                     ? 
_entity_src_gen.pdbx_host_org_gene                 ? 
_entity_src_gen.pdbx_host_org_organ                ? 
_entity_src_gen.host_org_species                   ? 
_entity_src_gen.pdbx_host_org_tissue               ? 
_entity_src_gen.pdbx_host_org_tissue_fraction      ? 
_entity_src_gen.pdbx_host_org_strain               ? 
_entity_src_gen.pdbx_host_org_variant              ? 
_entity_src_gen.pdbx_host_org_cell_line            ? 
_entity_src_gen.pdbx_host_org_atcc                 ? 
_entity_src_gen.pdbx_host_org_culture_collection   ? 
_entity_src_gen.pdbx_host_org_cell                 ? 
_entity_src_gen.pdbx_host_org_organelle            ? 
_entity_src_gen.pdbx_host_org_cellular_location    ? 
_entity_src_gen.pdbx_host_org_vector_type          ? 
_entity_src_gen.pdbx_host_org_vector               ? 
_entity_src_gen.host_org_details                   ? 
_entity_src_gen.expression_system_id               ? 
_entity_src_gen.plasmid_name                       pET28b 
_entity_src_gen.plasmid_details                    ? 
_entity_src_gen.pdbx_description                   ? 
# 
loop_
_chem_comp.id 
_chem_comp.type 
_chem_comp.mon_nstd_flag 
_chem_comp.name 
_chem_comp.pdbx_synonyms 
_chem_comp.formula 
_chem_comp.formula_weight 
ALA 'L-peptide linking' y ALANINE                          ?                               'C3 H7 N O2'     89.093  
ARG 'L-peptide linking' y ARGININE                         ?                               'C6 H15 N4 O2 1' 175.209 
ASN 'L-peptide linking' y ASPARAGINE                       ?                               'C4 H8 N2 O3'    132.118 
ASP 'L-peptide linking' y 'ASPARTIC ACID'                  ?                               'C4 H7 N O4'     133.103 
CYS 'L-peptide linking' y CYSTEINE                         ?                               'C3 H7 N O2 S'   121.158 
EDO non-polymer         . 1,2-ETHANEDIOL                   'ETHYLENE GLYCOL'               'C2 H6 O2'       62.068  
GLN 'L-peptide linking' y GLUTAMINE                        ?                               'C5 H10 N2 O3'   146.144 
GLU 'L-peptide linking' y 'GLUTAMIC ACID'                  ?                               'C5 H9 N O4'     147.129 
GLY 'peptide linking'   y GLYCINE                          ?                               'C2 H5 N O2'     75.067  
GOL non-polymer         . GLYCEROL                         'GLYCERIN; PROPANE-1,2,3-TRIOL' 'C3 H8 O3'       92.094  
HIS 'L-peptide linking' y HISTIDINE                        ?                               'C6 H10 N3 O2 1' 156.162 
HOH non-polymer         . WATER                            ?                               'H2 O'           18.015  
ILE 'L-peptide linking' y ISOLEUCINE                       ?                               'C6 H13 N O2'    131.173 
IS0 non-polymer         . 4-bromanyl-1,2-dimethoxy-benzene ?                               'C8 H9 Br O2'    217.060 
LEU 'L-peptide linking' y LEUCINE                          ?                               'C6 H13 N O2'    131.173 
LYS 'L-peptide linking' y LYSINE                           ?                               'C6 H15 N2 O2 1' 147.195 
MET 'L-peptide linking' y METHIONINE                       ?                               'C5 H11 N O2 S'  149.211 
PHE 'L-peptide linking' y PHENYLALANINE                    ?                               'C9 H11 N O2'    165.189 
PRO 'L-peptide linking' y PROLINE                          ?                               'C5 H9 N O2'     115.130 
SER 'L-peptide linking' y SERINE                           ?                               'C3 H7 N O3'     105.093 
THR 'L-peptide linking' y THREONINE                        ?                               'C4 H9 N O3'     119.119 
TRP 'L-peptide linking' y TRYPTOPHAN                       ?                               'C11 H12 N2 O2'  204.225 
TYR 'L-peptide linking' y TYROSINE                         ?                               'C9 H11 N O3'    181.189 
VAL 'L-peptide linking' y VALINE                           ?                               'C5 H11 N O2'    117.146 
# 
loop_
_pdbx_poly_seq_scheme.asym_id 
_pdbx_poly_seq_scheme.entity_id 
_pdbx_poly_seq_scheme.seq_id 
_pdbx_poly_seq_scheme.mon_id 
_pdbx_poly_seq_scheme.ndb_seq_num 
_pdbx_poly_seq_scheme.pdb_seq_num 
_pdbx_poly_seq_scheme.auth_seq_num 
_pdbx_poly_seq_scheme.pdb_mon_id 
_pdbx_poly_seq_scheme.auth_mon_id 
_pdbx_poly_seq_scheme.pdb_strand_id 
_pdbx_poly_seq_scheme.pdb_ins_code 
_pdbx_poly_seq_scheme.hetero 
A 1 1   GLY 1   40  40  GLY GLY AAA . n 
A 1 2   SER 2   41  41  SER SER AAA . n 
A 1 3   HIS 3   42  42  HIS HIS AAA . n 
A 1 4   MET 4   43  43  MET MET AAA . n 
A 1 5   ASN 5   44  44  ASN ASN AAA . n 
A 1 6   PRO 6   45  45  PRO PRO AAA . n 
A 1 7   PRO 7   46  46  PRO PRO AAA . n 
A 1 8   PRO 8   47  47  PRO PRO AAA . n 
A 1 9   PRO 9   48  48  PRO PRO AAA . n 
A 1 10  GLU 10  49  49  GLU GLU AAA . n 
A 1 11  THR 11  50  50  THR THR AAA . n 
A 1 12  SER 12  51  51  SER SER AAA . n 
A 1 13  ASN 13  52  52  ASN ASN AAA . n 
A 1 14  PRO 14  53  53  PRO PRO AAA . n 
A 1 15  ASN 15  54  54  ASN ASN AAA . n 
A 1 16  LYS 16  55  55  LYS LYS AAA . n 
A 1 17  PRO 17  56  56  PRO PRO AAA . n 
A 1 18  LYS 18  57  57  LYS LYS AAA . n 
A 1 19  ARG 19  58  58  ARG ARG AAA . n 
A 1 20  GLN 20  59  59  GLN GLN AAA . n 
A 1 21  THR 21  60  60  THR THR AAA . n 
A 1 22  ASN 22  61  61  ASN ASN AAA . n 
A 1 23  GLN 23  62  62  GLN GLN AAA . n 
A 1 24  LEU 24  63  63  LEU LEU AAA . n 
A 1 25  GLN 25  64  64  GLN GLN AAA . n 
A 1 26  TYR 26  65  65  TYR TYR AAA . n 
A 1 27  LEU 27  66  66  LEU LEU AAA . n 
A 1 28  LEU 28  67  67  LEU LEU AAA . n 
A 1 29  ARG 29  68  68  ARG ARG AAA . n 
A 1 30  VAL 30  69  69  VAL VAL AAA . n 
A 1 31  VAL 31  70  70  VAL VAL AAA . n 
A 1 32  LEU 32  71  71  LEU LEU AAA . n 
A 1 33  LYS 33  72  72  LYS LYS AAA . n 
A 1 34  THR 34  73  73  THR THR AAA . n 
A 1 35  LEU 35  74  74  LEU LEU AAA . n 
A 1 36  TRP 36  75  75  TRP TRP AAA . n 
A 1 37  LYS 37  76  76  LYS LYS AAA . n 
A 1 38  HIS 38  77  77  HIS HIS AAA . n 
A 1 39  GLN 39  78  78  GLN GLN AAA . n 
A 1 40  PHE 40  79  79  PHE PHE AAA . n 
A 1 41  ALA 41  80  80  ALA ALA AAA . n 
A 1 42  TRP 42  81  81  TRP TRP AAA . n 
A 1 43  PRO 43  82  82  PRO PRO AAA . n 
A 1 44  PHE 44  83  83  PHE PHE AAA . n 
A 1 45  GLN 45  84  84  GLN GLN AAA . n 
A 1 46  GLN 46  85  85  GLN GLN AAA . n 
A 1 47  PRO 47  86  86  PRO PRO AAA . n 
A 1 48  VAL 48  87  87  VAL VAL AAA . n 
A 1 49  ASP 49  88  88  ASP ASP AAA . n 
A 1 50  ALA 50  89  89  ALA ALA AAA . n 
A 1 51  VAL 51  90  90  VAL VAL AAA . n 
A 1 52  LYS 52  91  91  LYS LYS AAA . n 
A 1 53  LEU 53  92  92  LEU LEU AAA . n 
A 1 54  ASN 54  93  93  ASN ASN AAA . n 
A 1 55  LEU 55  94  94  LEU LEU AAA . n 
A 1 56  PRO 56  95  95  PRO PRO AAA . n 
A 1 57  ASP 57  96  96  ASP ASP AAA . n 
A 1 58  TYR 58  97  97  TYR TYR AAA . n 
A 1 59  TYR 59  98  98  TYR TYR AAA . n 
A 1 60  LYS 60  99  99  LYS LYS AAA . n 
A 1 61  ILE 61  100 100 ILE ILE AAA . n 
A 1 62  ILE 62  101 101 ILE ILE AAA . n 
A 1 63  LYS 63  102 102 LYS LYS AAA . n 
A 1 64  THR 64  103 103 THR THR AAA . n 
A 1 65  PRO 65  104 104 PRO PRO AAA . n 
A 1 66  MET 66  105 105 MET MET AAA . n 
A 1 67  ASP 67  106 106 ASP ASP AAA . n 
A 1 68  MET 68  107 107 MET MET AAA . n 
A 1 69  GLY 69  108 108 GLY GLY AAA . n 
A 1 70  THR 70  109 109 THR THR AAA . n 
A 1 71  ILE 71  110 110 ILE ILE AAA . n 
A 1 72  LYS 72  111 111 LYS LYS AAA . n 
A 1 73  LYS 73  112 112 LYS LYS AAA . n 
A 1 74  ARG 74  113 113 ARG ARG AAA . n 
A 1 75  LEU 75  114 114 LEU LEU AAA . n 
A 1 76  GLU 76  115 115 GLU GLU AAA . n 
A 1 77  ASN 77  116 116 ASN ASN AAA . n 
A 1 78  ASN 78  117 117 ASN ASN AAA . n 
A 1 79  TYR 79  118 118 TYR TYR AAA . n 
A 1 80  TYR 80  119 119 TYR TYR AAA . n 
A 1 81  TRP 81  120 120 TRP TRP AAA . n 
A 1 82  ASN 82  121 121 ASN ASN AAA . n 
A 1 83  ALA 83  122 122 ALA ALA AAA . n 
A 1 84  GLN 84  123 123 GLN GLN AAA . n 
A 1 85  GLU 85  124 124 GLU GLU AAA . n 
A 1 86  CYS 86  125 125 CYS CYS AAA . n 
A 1 87  ILE 87  126 126 ILE ILE AAA . n 
A 1 88  GLN 88  127 127 GLN GLN AAA . n 
A 1 89  ASP 89  128 128 ASP ASP AAA . n 
A 1 90  PHE 90  129 129 PHE PHE AAA . n 
A 1 91  ASN 91  130 130 ASN ASN AAA . n 
A 1 92  THR 92  131 131 THR THR AAA . n 
A 1 93  MET 93  132 132 MET MET AAA . n 
A 1 94  PHE 94  133 133 PHE PHE AAA . n 
A 1 95  THR 95  134 134 THR THR AAA . n 
A 1 96  ASN 96  135 135 ASN ASN AAA . n 
A 1 97  CYS 97  136 136 CYS CYS AAA . n 
A 1 98  TYR 98  137 137 TYR TYR AAA . n 
A 1 99  ILE 99  138 138 ILE ILE AAA . n 
A 1 100 TYR 100 139 139 TYR TYR AAA . n 
A 1 101 ASN 101 140 140 ASN ASN AAA . n 
A 1 102 LYS 102 141 141 LYS LYS AAA . n 
A 1 103 PRO 103 142 142 PRO PRO AAA . n 
A 1 104 GLY 104 143 143 GLY GLY AAA . n 
A 1 105 ASP 105 144 144 ASP ASP AAA . n 
A 1 106 ASP 106 145 145 ASP ASP AAA . n 
A 1 107 ILE 107 146 146 ILE ILE AAA . n 
A 1 108 VAL 108 147 147 VAL VAL AAA . n 
A 1 109 LEU 109 148 148 LEU LEU AAA . n 
A 1 110 MET 110 149 149 MET MET AAA . n 
A 1 111 ALA 111 150 150 ALA ALA AAA . n 
A 1 112 GLU 112 151 151 GLU GLU AAA . n 
A 1 113 ALA 113 152 152 ALA ALA AAA . n 
A 1 114 LEU 114 153 153 LEU LEU AAA . n 
A 1 115 GLU 115 154 154 GLU GLU AAA . n 
A 1 116 LYS 116 155 155 LYS LYS AAA . n 
A 1 117 LEU 117 156 156 LEU LEU AAA . n 
A 1 118 PHE 118 157 157 PHE PHE AAA . n 
A 1 119 LEU 119 158 158 LEU LEU AAA . n 
A 1 120 GLN 120 159 159 GLN GLN AAA . n 
A 1 121 LYS 121 160 160 LYS LYS AAA . n 
A 1 122 ILE 122 161 161 ILE ILE AAA . n 
A 1 123 ASN 123 162 162 ASN ASN AAA . n 
A 1 124 GLU 124 163 163 GLU GLU AAA . n 
A 1 125 LEU 125 164 164 LEU LEU AAA . n 
A 1 126 PRO 126 165 165 PRO PRO AAA . n 
A 1 127 THR 127 166 166 THR THR AAA . n 
A 1 128 GLU 128 167 167 GLU GLU AAA . n 
A 1 129 GLU 129 168 168 GLU GLU AAA . n 
# 
loop_
_pdbx_nonpoly_scheme.asym_id 
_pdbx_nonpoly_scheme.entity_id 
_pdbx_nonpoly_scheme.mon_id 
_pdbx_nonpoly_scheme.ndb_seq_num 
_pdbx_nonpoly_scheme.pdb_seq_num 
_pdbx_nonpoly_scheme.auth_seq_num 
_pdbx_nonpoly_scheme.pdb_mon_id 
_pdbx_nonpoly_scheme.auth_mon_id 
_pdbx_nonpoly_scheme.pdb_strand_id 
_pdbx_nonpoly_scheme.pdb_ins_code 
B 2 GOL 1   201 1   GOL GOL AAA . 
C 3 IS0 1   202 1   IS0 DRG AAA . 
D 4 EDO 1   203 1   EDO EDO AAA . 
E 5 HOH 1   301 93  HOH HOH AAA . 
E 5 HOH 2   302 112 HOH HOH AAA . 
E 5 HOH 3   303 155 HOH HOH AAA . 
E 5 HOH 4   304 90  HOH HOH AAA . 
E 5 HOH 5   305 107 HOH HOH AAA . 
E 5 HOH 6   306 38  HOH HOH AAA . 
E 5 HOH 7   307 132 HOH HOH AAA . 
E 5 HOH 8   308 102 HOH HOH AAA . 
E 5 HOH 9   309 48  HOH HOH AAA . 
E 5 HOH 10  310 97  HOH HOH AAA . 
E 5 HOH 11  311 75  HOH HOH AAA . 
E 5 HOH 12  312 144 HOH HOH AAA . 
E 5 HOH 13  313 81  HOH HOH AAA . 
E 5 HOH 14  314 158 HOH HOH AAA . 
E 5 HOH 15  315 131 HOH HOH AAA . 
E 5 HOH 16  316 85  HOH HOH AAA . 
E 5 HOH 17  317 120 HOH HOH AAA . 
E 5 HOH 18  318 26  HOH HOH AAA . 
E 5 HOH 19  319 77  HOH HOH AAA . 
E 5 HOH 20  320 24  HOH HOH AAA . 
E 5 HOH 21  321 10  HOH HOH AAA . 
E 5 HOH 22  322 153 HOH HOH AAA . 
E 5 HOH 23  323 37  HOH HOH AAA . 
E 5 HOH 24  324 14  HOH HOH AAA . 
E 5 HOH 25  325 31  HOH HOH AAA . 
E 5 HOH 26  326 22  HOH HOH AAA . 
E 5 HOH 27  327 61  HOH HOH AAA . 
E 5 HOH 28  328 100 HOH HOH AAA . 
E 5 HOH 29  329 130 HOH HOH AAA . 
E 5 HOH 30  330 76  HOH HOH AAA . 
E 5 HOH 31  331 54  HOH HOH AAA . 
E 5 HOH 32  332 50  HOH HOH AAA . 
E 5 HOH 33  333 141 HOH HOH AAA . 
E 5 HOH 34  334 11  HOH HOH AAA . 
E 5 HOH 35  335 25  HOH HOH AAA . 
E 5 HOH 36  336 140 HOH HOH AAA . 
E 5 HOH 37  337 65  HOH HOH AAA . 
E 5 HOH 38  338 39  HOH HOH AAA . 
E 5 HOH 39  339 53  HOH HOH AAA . 
E 5 HOH 40  340 42  HOH HOH AAA . 
E 5 HOH 41  341 19  HOH HOH AAA . 
E 5 HOH 42  342 82  HOH HOH AAA . 
E 5 HOH 43  343 96  HOH HOH AAA . 
E 5 HOH 44  344 47  HOH HOH AAA . 
E 5 HOH 45  345 139 HOH HOH AAA . 
E 5 HOH 46  346 55  HOH HOH AAA . 
E 5 HOH 47  347 138 HOH HOH AAA . 
E 5 HOH 48  348 64  HOH HOH AAA . 
E 5 HOH 49  349 136 HOH HOH AAA . 
E 5 HOH 50  350 156 HOH HOH AAA . 
E 5 HOH 51  351 45  HOH HOH AAA . 
E 5 HOH 52  352 57  HOH HOH AAA . 
E 5 HOH 53  353 8   HOH HOH AAA . 
E 5 HOH 54  354 152 HOH HOH AAA . 
E 5 HOH 55  355 137 HOH HOH AAA . 
E 5 HOH 56  356 4   HOH HOH AAA . 
E 5 HOH 57  357 154 HOH HOH AAA . 
E 5 HOH 58  358 13  HOH HOH AAA . 
E 5 HOH 59  359 6   HOH HOH AAA . 
E 5 HOH 60  360 125 HOH HOH AAA . 
E 5 HOH 61  361 49  HOH HOH AAA . 
E 5 HOH 62  362 58  HOH HOH AAA . 
E 5 HOH 63  363 63  HOH HOH AAA . 
E 5 HOH 64  364 71  HOH HOH AAA . 
E 5 HOH 65  365 52  HOH HOH AAA . 
E 5 HOH 66  366 2   HOH HOH AAA . 
E 5 HOH 67  367 51  HOH HOH AAA . 
E 5 HOH 68  368 161 HOH HOH AAA . 
E 5 HOH 69  369 134 HOH HOH AAA . 
E 5 HOH 70  370 92  HOH HOH AAA . 
E 5 HOH 71  371 9   HOH HOH AAA . 
E 5 HOH 72  372 151 HOH HOH AAA . 
E 5 HOH 73  373 7   HOH HOH AAA . 
E 5 HOH 74  374 36  HOH HOH AAA . 
E 5 HOH 75  375 17  HOH HOH AAA . 
E 5 HOH 76  376 32  HOH HOH AAA . 
E 5 HOH 77  377 1   HOH HOH AAA . 
E 5 HOH 78  378 89  HOH HOH AAA . 
E 5 HOH 79  379 129 HOH HOH AAA . 
E 5 HOH 80  380 83  HOH HOH AAA . 
E 5 HOH 81  381 74  HOH HOH AAA . 
E 5 HOH 82  382 103 HOH HOH AAA . 
E 5 HOH 83  383 30  HOH HOH AAA . 
E 5 HOH 84  384 23  HOH HOH AAA . 
E 5 HOH 85  385 12  HOH HOH AAA . 
E 5 HOH 86  386 113 HOH HOH AAA . 
E 5 HOH 87  387 73  HOH HOH AAA . 
E 5 HOH 88  388 101 HOH HOH AAA . 
E 5 HOH 89  389 18  HOH HOH AAA . 
E 5 HOH 90  390 91  HOH HOH AAA . 
E 5 HOH 91  391 5   HOH HOH AAA . 
E 5 HOH 92  392 123 HOH HOH AAA . 
E 5 HOH 93  393 86  HOH HOH AAA . 
E 5 HOH 94  394 33  HOH HOH AAA . 
E 5 HOH 95  395 94  HOH HOH AAA . 
E 5 HOH 96  396 35  HOH HOH AAA . 
E 5 HOH 97  397 62  HOH HOH AAA . 
E 5 HOH 98  398 105 HOH HOH AAA . 
E 5 HOH 99  399 40  HOH HOH AAA . 
E 5 HOH 100 400 116 HOH HOH AAA . 
E 5 HOH 101 401 34  HOH HOH AAA . 
E 5 HOH 102 402 27  HOH HOH AAA . 
E 5 HOH 103 403 110 HOH HOH AAA . 
E 5 HOH 104 404 44  HOH HOH AAA . 
E 5 HOH 105 405 59  HOH HOH AAA . 
E 5 HOH 106 406 160 HOH HOH AAA . 
E 5 HOH 107 407 99  HOH HOH AAA . 
E 5 HOH 108 408 133 HOH HOH AAA . 
E 5 HOH 109 409 3   HOH HOH AAA . 
E 5 HOH 110 410 124 HOH HOH AAA . 
E 5 HOH 111 411 21  HOH HOH AAA . 
E 5 HOH 112 412 80  HOH HOH AAA . 
E 5 HOH 113 413 43  HOH HOH AAA . 
E 5 HOH 114 414 121 HOH HOH AAA . 
E 5 HOH 115 415 128 HOH HOH AAA . 
E 5 HOH 116 416 98  HOH HOH AAA . 
E 5 HOH 117 417 68  HOH HOH AAA . 
E 5 HOH 118 418 46  HOH HOH AAA . 
E 5 HOH 119 419 60  HOH HOH AAA . 
E 5 HOH 120 420 114 HOH HOH AAA . 
E 5 HOH 121 421 95  HOH HOH AAA . 
E 5 HOH 122 422 127 HOH HOH AAA . 
E 5 HOH 123 423 15  HOH HOH AAA . 
E 5 HOH 124 424 70  HOH HOH AAA . 
E 5 HOH 125 425 135 HOH HOH AAA . 
E 5 HOH 126 426 117 HOH HOH AAA . 
E 5 HOH 127 427 88  HOH HOH AAA . 
E 5 HOH 128 428 143 HOH HOH AAA . 
E 5 HOH 129 429 162 HOH HOH AAA . 
E 5 HOH 130 430 67  HOH HOH AAA . 
E 5 HOH 131 431 87  HOH HOH AAA . 
E 5 HOH 132 432 69  HOH HOH AAA . 
E 5 HOH 133 433 126 HOH HOH AAA . 
E 5 HOH 134 434 145 HOH HOH AAA . 
E 5 HOH 135 435 149 HOH HOH AAA . 
E 5 HOH 136 436 106 HOH HOH AAA . 
E 5 HOH 137 437 159 HOH HOH AAA . 
E 5 HOH 138 438 66  HOH HOH AAA . 
E 5 HOH 139 439 118 HOH HOH AAA . 
E 5 HOH 140 440 111 HOH HOH AAA . 
E 5 HOH 141 441 148 HOH HOH AAA . 
E 5 HOH 142 442 29  HOH HOH AAA . 
E 5 HOH 143 443 20  HOH HOH AAA . 
E 5 HOH 144 444 56  HOH HOH AAA . 
E 5 HOH 145 445 28  HOH HOH AAA . 
E 5 HOH 146 446 104 HOH HOH AAA . 
E 5 HOH 147 447 109 HOH HOH AAA . 
E 5 HOH 148 448 119 HOH HOH AAA . 
E 5 HOH 149 449 157 HOH HOH AAA . 
E 5 HOH 150 450 147 HOH HOH AAA . 
E 5 HOH 151 451 78  HOH HOH AAA . 
E 5 HOH 152 452 72  HOH HOH AAA . 
E 5 HOH 153 453 115 HOH HOH AAA . 
E 5 HOH 154 454 150 HOH HOH AAA . 
E 5 HOH 155 455 79  HOH HOH AAA . 
# 
loop_
_software.citation_id 
_software.classification 
_software.compiler_name 
_software.compiler_version 
_software.contact_author 
_software.contact_author_email 
_software.date 
_software.description 
_software.dependencies 
_software.hardware 
_software.language 
_software.location 
_software.mods 
_software.name 
_software.os 
_software.os_version 
_software.type 
_software.version 
_software.pdbx_ordinal 
? refinement       ? ? ? ? ? ? ? ? ? ? ? REFMAC  ? ? ? 5.8.0258 1 
? refinement       ? ? ? ? ? ? ? ? ? ? ? REFMAC  ? ? ? 5.8.0258 2 
? 'data scaling'   ? ? ? ? ? ? ? ? ? ? ? Aimless ? ? ? 0.7.4    3 
? 'data reduction' ? ? ? ? ? ? ? ? ? ? ? xia2    ? ? ? .        4 
? phasing          ? ? ? ? ? ? ? ? ? ? ? PHASER  ? ? ? .        5 
# 
_cell.angle_alpha                  90.000 
_cell.angle_alpha_esd              ? 
_cell.angle_beta                   90.000 
_cell.angle_beta_esd               ? 
_cell.angle_gamma                  90.000 
_cell.angle_gamma_esd              ? 
_cell.entry_id                     7ZFS 
_cell.details                      ? 
_cell.formula_units_Z              ? 
_cell.length_a                     37.842 
_cell.length_a_esd                 ? 
_cell.length_b                     43.142 
_cell.length_b_esd                 ? 
_cell.length_c                     78.990 
_cell.length_c_esd                 ? 
_cell.volume                       ? 
_cell.volume_esd                   ? 
_cell.Z_PDB                        4 
_cell.reciprocal_angle_alpha       ? 
_cell.reciprocal_angle_beta        ? 
_cell.reciprocal_angle_gamma       ? 
_cell.reciprocal_angle_alpha_esd   ? 
_cell.reciprocal_angle_beta_esd    ? 
_cell.reciprocal_angle_gamma_esd   ? 
_cell.reciprocal_length_a          ? 
_cell.reciprocal_length_b          ? 
_cell.reciprocal_length_c          ? 
_cell.reciprocal_length_a_esd      ? 
_cell.reciprocal_length_b_esd      ? 
_cell.reciprocal_length_c_esd      ? 
_cell.pdbx_unique_axis             ? 
# 
_symmetry.entry_id                         7ZFS 
_symmetry.cell_setting                     ? 
_symmetry.Int_Tables_number                19 
_symmetry.space_group_name_Hall            ? 
_symmetry.space_group_name_H-M             'P 21 21 21' 
_symmetry.pdbx_full_space_group_name_H-M   ? 
# 
_exptl.absorpt_coefficient_mu     ? 
_exptl.absorpt_correction_T_max   ? 
_exptl.absorpt_correction_T_min   ? 
_exptl.absorpt_correction_type    ? 
_exptl.absorpt_process_details    ? 
_exptl.entry_id                   7ZFS 
_exptl.crystals_number            1 
_exptl.details                    ? 
_exptl.method                     'X-RAY DIFFRACTION' 
_exptl.method_details             ? 
# 
_exptl_crystal.colour                      ? 
_exptl_crystal.density_diffrn              ? 
_exptl_crystal.density_Matthews            2.11 
_exptl_crystal.density_method              ? 
_exptl_crystal.density_percent_sol         41.65 
_exptl_crystal.description                 ? 
_exptl_crystal.F_000                       ? 
_exptl_crystal.id                          1 
_exptl_crystal.preparation                 ? 
_exptl_crystal.size_max                    ? 
_exptl_crystal.size_mid                    ? 
_exptl_crystal.size_min                    ? 
_exptl_crystal.size_rad                    ? 
_exptl_crystal.colour_lustre               ? 
_exptl_crystal.colour_modifier             ? 
_exptl_crystal.colour_primary              ? 
_exptl_crystal.density_meas                ? 
_exptl_crystal.density_meas_esd            ? 
_exptl_crystal.density_meas_gt             ? 
_exptl_crystal.density_meas_lt             ? 
_exptl_crystal.density_meas_temp           ? 
_exptl_crystal.density_meas_temp_esd       ? 
_exptl_crystal.density_meas_temp_gt        ? 
_exptl_crystal.density_meas_temp_lt        ? 
_exptl_crystal.pdbx_crystal_image_url      ? 
_exptl_crystal.pdbx_crystal_image_format   ? 
_exptl_crystal.pdbx_mosaicity              ? 
_exptl_crystal.pdbx_mosaicity_esd          ? 
# 
_exptl_crystal_grow.apparatus       ? 
_exptl_crystal_grow.atmosphere      ? 
_exptl_crystal_grow.crystal_id      1 
_exptl_crystal_grow.details         ? 
_exptl_crystal_grow.method          'VAPOR DIFFUSION, SITTING DROP' 
_exptl_crystal_grow.method_ref      ? 
_exptl_crystal_grow.pH              8.5 
_exptl_crystal_grow.pressure        ? 
_exptl_crystal_grow.pressure_esd    ? 
_exptl_crystal_grow.seeding         ? 
_exptl_crystal_grow.seeding_ref     ? 
_exptl_crystal_grow.temp            293 
_exptl_crystal_grow.temp_details    ? 
_exptl_crystal_grow.temp_esd        ? 
_exptl_crystal_grow.time            ? 
_exptl_crystal_grow.pdbx_details    
;0.1 M Buffer system 3 (1 M Tris, 1 M BICINE, pH 8.5), 34-44% Precipitant Solution 3 (20% PEG 4000, 40%) and 60-80 mM Halogens Mix (NaF, NaBr and NaI) solution
;
_exptl_crystal_grow.pdbx_pH_range   ? 
# 
_diffrn.ambient_environment              ? 
_diffrn.ambient_temp                     100 
_diffrn.ambient_temp_details             ? 
_diffrn.ambient_temp_esd                 ? 
_diffrn.crystal_id                       1 
_diffrn.crystal_support                  ? 
_diffrn.crystal_treatment                ? 
_diffrn.details                          ? 
_diffrn.id                               1 
_diffrn.ambient_pressure                 ? 
_diffrn.ambient_pressure_esd             ? 
_diffrn.ambient_pressure_gt              ? 
_diffrn.ambient_pressure_lt              ? 
_diffrn.ambient_temp_gt                  ? 
_diffrn.ambient_temp_lt                  ? 
_diffrn.pdbx_serial_crystal_experiment   N 
# 
_diffrn_detector.details                      ? 
_diffrn_detector.detector                     PIXEL 
_diffrn_detector.diffrn_id                    1 
_diffrn_detector.type                         'DECTRIS PILATUS 6M' 
_diffrn_detector.area_resol_mean              ? 
_diffrn_detector.dtime                        ? 
_diffrn_detector.pdbx_frames_total            ? 
_diffrn_detector.pdbx_collection_time_total   ? 
_diffrn_detector.pdbx_collection_date         2019-09-25 
_diffrn_detector.pdbx_frequency               ? 
# 
_diffrn_radiation.collimation                      ? 
_diffrn_radiation.diffrn_id                        1 
_diffrn_radiation.filter_edge                      ? 
_diffrn_radiation.inhomogeneity                    ? 
_diffrn_radiation.monochromator                    ? 
_diffrn_radiation.polarisn_norm                    ? 
_diffrn_radiation.polarisn_ratio                   ? 
_diffrn_radiation.probe                            ? 
_diffrn_radiation.type                             ? 
_diffrn_radiation.xray_symbol                      ? 
_diffrn_radiation.wavelength_id                    1 
_diffrn_radiation.pdbx_monochromatic_or_laue_m_l   M 
_diffrn_radiation.pdbx_wavelength_list             ? 
_diffrn_radiation.pdbx_wavelength                  ? 
_diffrn_radiation.pdbx_diffrn_protocol             'SINGLE WAVELENGTH' 
_diffrn_radiation.pdbx_analyzer                    ? 
_diffrn_radiation.pdbx_scattering_type             x-ray 
# 
_diffrn_radiation_wavelength.id           1 
_diffrn_radiation_wavelength.wavelength   0.911635 
_diffrn_radiation_wavelength.wt           1.0 
# 
_diffrn_source.current                     ? 
_diffrn_source.details                     ? 
_diffrn_source.diffrn_id                   1 
_diffrn_source.power                       ? 
_diffrn_source.size                        ? 
_diffrn_source.source                      SYNCHROTRON 
_diffrn_source.target                      ? 
_diffrn_source.type                        'DIAMOND BEAMLINE I04-1' 
_diffrn_source.voltage                     ? 
_diffrn_source.take-off_angle              ? 
_diffrn_source.pdbx_wavelength_list        0.911635 
_diffrn_source.pdbx_wavelength             ? 
_diffrn_source.pdbx_synchrotron_beamline   I04-1 
_diffrn_source.pdbx_synchrotron_site       Diamond 
# 
_reflns.B_iso_Wilson_estimate                          ? 
_reflns.entry_id                                       7ZFS 
_reflns.data_reduction_details                         ? 
_reflns.data_reduction_method                          ? 
_reflns.d_resolution_high                              1.25 
_reflns.d_resolution_low                               39.49 
_reflns.details                                        ? 
_reflns.limit_h_max                                    ? 
_reflns.limit_h_min                                    ? 
_reflns.limit_k_max                                    ? 
_reflns.limit_k_min                                    ? 
_reflns.limit_l_max                                    ? 
_reflns.limit_l_min                                    ? 
_reflns.number_all                                     ? 
_reflns.number_obs                                     36606 
_reflns.observed_criterion                             ? 
_reflns.observed_criterion_F_max                       ? 
_reflns.observed_criterion_F_min                       ? 
_reflns.observed_criterion_I_max                       ? 
_reflns.observed_criterion_I_min                       ? 
_reflns.observed_criterion_sigma_F                     ? 
_reflns.observed_criterion_sigma_I                     ? 
_reflns.percent_possible_obs                           100.0 
_reflns.R_free_details                                 ? 
_reflns.Rmerge_F_all                                   ? 
_reflns.Rmerge_F_obs                                   ? 
_reflns.Friedel_coverage                               ? 
_reflns.number_gt                                      ? 
_reflns.threshold_expression                           ? 
_reflns.pdbx_redundancy                                13.2 
_reflns.pdbx_Rmerge_I_obs                              0.107 
_reflns.pdbx_Rmerge_I_all                              ? 
_reflns.pdbx_Rsym_value                                ? 
_reflns.pdbx_netI_over_av_sigmaI                       ? 
_reflns.pdbx_netI_over_sigmaI                          10.6 
_reflns.pdbx_res_netI_over_av_sigmaI_2                 ? 
_reflns.pdbx_res_netI_over_sigmaI_2                    ? 
_reflns.pdbx_chi_squared                               ? 
_reflns.pdbx_scaling_rejects                           ? 
_reflns.pdbx_d_res_high_opt                            ? 
_reflns.pdbx_d_res_low_opt                             ? 
_reflns.pdbx_d_res_opt_method                          ? 
_reflns.phase_calculation_details                      ? 
_reflns.pdbx_Rrim_I_all                                0.116 
_reflns.pdbx_Rpim_I_all                                0.043 
_reflns.pdbx_d_opt                                     ? 
_reflns.pdbx_number_measured_all                       ? 
_reflns.pdbx_diffrn_id                                 1 
_reflns.pdbx_ordinal                                   1 
_reflns.pdbx_CC_half                                   0.999 
_reflns.pdbx_CC_star                                   ? 
_reflns.pdbx_R_split                                   ? 
_reflns.pdbx_aniso_diffraction_limit_axis_1_ortho[1]   ? 
_reflns.pdbx_aniso_diffraction_limit_axis_1_ortho[2]   ? 
_reflns.pdbx_aniso_diffraction_limit_axis_1_ortho[3]   ? 
_reflns.pdbx_aniso_diffraction_limit_axis_2_ortho[1]   ? 
_reflns.pdbx_aniso_diffraction_limit_axis_2_ortho[2]   ? 
_reflns.pdbx_aniso_diffraction_limit_axis_2_ortho[3]   ? 
_reflns.pdbx_aniso_diffraction_limit_axis_3_ortho[1]   ? 
_reflns.pdbx_aniso_diffraction_limit_axis_3_ortho[2]   ? 
_reflns.pdbx_aniso_diffraction_limit_axis_3_ortho[3]   ? 
_reflns.pdbx_aniso_diffraction_limit_1                 ? 
_reflns.pdbx_aniso_diffraction_limit_2                 ? 
_reflns.pdbx_aniso_diffraction_limit_3                 ? 
_reflns.pdbx_aniso_B_tensor_eigenvector_1_ortho[1]     ? 
_reflns.pdbx_aniso_B_tensor_eigenvector_1_ortho[2]     ? 
_reflns.pdbx_aniso_B_tensor_eigenvector_1_ortho[3]     ? 
_reflns.pdbx_aniso_B_tensor_eigenvector_2_ortho[1]     ? 
_reflns.pdbx_aniso_B_tensor_eigenvector_2_ortho[2]     ? 
_reflns.pdbx_aniso_B_tensor_eigenvector_2_ortho[3]     ? 
_reflns.pdbx_aniso_B_tensor_eigenvector_3_ortho[1]     ? 
_reflns.pdbx_aniso_B_tensor_eigenvector_3_ortho[2]     ? 
_reflns.pdbx_aniso_B_tensor_eigenvector_3_ortho[3]     ? 
_reflns.pdbx_aniso_B_tensor_eigenvalue_1               ? 
_reflns.pdbx_aniso_B_tensor_eigenvalue_2               ? 
_reflns.pdbx_aniso_B_tensor_eigenvalue_3               ? 
_reflns.pdbx_orthogonalization_convention              ? 
_reflns.pdbx_percent_possible_ellipsoidal              ? 
_reflns.pdbx_percent_possible_spherical                ? 
_reflns.pdbx_percent_possible_ellipsoidal_anomalous    ? 
_reflns.pdbx_percent_possible_spherical_anomalous      ? 
_reflns.pdbx_redundancy_anomalous                      ? 
_reflns.pdbx_CC_half_anomalous                         ? 
_reflns.pdbx_absDiff_over_sigma_anomalous              ? 
_reflns.pdbx_percent_possible_anomalous                ? 
_reflns.pdbx_observed_signal_threshold                 ? 
_reflns.pdbx_signal_type                               ? 
_reflns.pdbx_signal_details                            ? 
_reflns.pdbx_signal_software_id                        ? 
# 
loop_
_reflns_shell.d_res_high 
_reflns_shell.d_res_low 
_reflns_shell.meanI_over_sigI_all 
_reflns_shell.meanI_over_sigI_obs 
_reflns_shell.number_measured_all 
_reflns_shell.number_measured_obs 
_reflns_shell.number_possible 
_reflns_shell.number_unique_all 
_reflns_shell.number_unique_obs 
_reflns_shell.percent_possible_all 
_reflns_shell.percent_possible_obs 
_reflns_shell.Rmerge_F_all 
_reflns_shell.Rmerge_F_obs 
_reflns_shell.Rmerge_I_all 
_reflns_shell.Rmerge_I_obs 
_reflns_shell.meanI_over_sigI_gt 
_reflns_shell.meanI_over_uI_all 
_reflns_shell.meanI_over_uI_gt 
_reflns_shell.number_measured_gt 
_reflns_shell.number_unique_gt 
_reflns_shell.percent_possible_gt 
_reflns_shell.Rmerge_F_gt 
_reflns_shell.Rmerge_I_gt 
_reflns_shell.pdbx_redundancy 
_reflns_shell.pdbx_Rsym_value 
_reflns_shell.pdbx_chi_squared 
_reflns_shell.pdbx_netI_over_sigmaI_all 
_reflns_shell.pdbx_netI_over_sigmaI_obs 
_reflns_shell.pdbx_Rrim_I_all 
_reflns_shell.pdbx_Rpim_I_all 
_reflns_shell.pdbx_rejects 
_reflns_shell.pdbx_ordinal 
_reflns_shell.pdbx_diffrn_id 
_reflns_shell.pdbx_CC_half 
_reflns_shell.pdbx_CC_star 
_reflns_shell.pdbx_R_split 
_reflns_shell.pdbx_percent_possible_ellipsoidal 
_reflns_shell.pdbx_percent_possible_spherical 
_reflns_shell.pdbx_percent_possible_ellipsoidal_anomalous 
_reflns_shell.pdbx_percent_possible_spherical_anomalous 
_reflns_shell.pdbx_redundancy_anomalous 
_reflns_shell.pdbx_CC_half_anomalous 
_reflns_shell.pdbx_absDiff_over_sigma_anomalous 
_reflns_shell.pdbx_percent_possible_anomalous 
6.85 39.49 ? ? ? ? ? ? 281  ? ? ? ? ? 0.030 ? ? ? ? ? ? ? ? 10.6 ? ? ? ? 0.033 0.012 ? 1 1 0.999 ? ? ? ? ? ? ? ? ? ? 
1.25 1.27  ? ? ? ? ? ? 1784 ? ? ? ? ? 4.293 ? ? ? ? ? ? ? ? 12.5 ? ? ? ? 4.665 1.815 ? 2 1 0.323 ? ? ? ? ? ? ? ? ? ? 
# 
_refine.aniso_B[1][1]                            0.891 
_refine.aniso_B[1][2]                            0.000 
_refine.aniso_B[1][3]                            -0.000 
_refine.aniso_B[2][2]                            -0.481 
_refine.aniso_B[2][3]                            0.000 
_refine.aniso_B[3][3]                            -0.410 
_refine.B_iso_max                                ? 
_refine.B_iso_mean                               20.235 
_refine.B_iso_min                                ? 
_refine.correlation_coeff_Fo_to_Fc               0.966 
_refine.correlation_coeff_Fo_to_Fc_free          0.956 
_refine.details                                  'Hydrogens have been added in their riding positions' 
_refine.diff_density_max                         ? 
_refine.diff_density_max_esd                     ? 
_refine.diff_density_min                         ? 
_refine.diff_density_min_esd                     ? 
_refine.diff_density_rms                         ? 
_refine.diff_density_rms_esd                     ? 
_refine.entry_id                                 7ZFS 
_refine.pdbx_refine_id                           'X-RAY DIFFRACTION' 
_refine.ls_abs_structure_details                 ? 
_refine.ls_abs_structure_Flack                   ? 
_refine.ls_abs_structure_Flack_esd               ? 
_refine.ls_abs_structure_Rogers                  ? 
_refine.ls_abs_structure_Rogers_esd              ? 
_refine.ls_d_res_high                            1.250 
_refine.ls_d_res_low                             39.49 
_refine.ls_extinction_coef                       ? 
_refine.ls_extinction_coef_esd                   ? 
_refine.ls_extinction_expression                 ? 
_refine.ls_extinction_method                     ? 
_refine.ls_goodness_of_fit_all                   ? 
_refine.ls_goodness_of_fit_all_esd               ? 
_refine.ls_goodness_of_fit_obs                   ? 
_refine.ls_goodness_of_fit_obs_esd               ? 
_refine.ls_hydrogen_treatment                    ? 
_refine.ls_matrix_type                           ? 
_refine.ls_number_constraints                    ? 
_refine.ls_number_parameters                     ? 
_refine.ls_number_reflns_all                     ? 
_refine.ls_number_reflns_obs                     36539 
_refine.ls_number_reflns_R_free                  1895 
_refine.ls_number_reflns_R_work                  34644 
_refine.ls_number_restraints                     ? 
_refine.ls_percent_reflns_obs                    99.940 
_refine.ls_percent_reflns_R_free                 5.186 
_refine.ls_R_factor_all                          0.204 
_refine.ls_R_factor_obs                          ? 
_refine.ls_R_factor_R_free                       0.2269 
_refine.ls_R_factor_R_free_error                 ? 
_refine.ls_R_factor_R_free_error_details         ? 
_refine.ls_R_factor_R_work                       0.2025 
_refine.ls_R_Fsqd_factor_obs                     ? 
_refine.ls_R_I_factor_obs                        ? 
_refine.ls_redundancy_reflns_all                 ? 
_refine.ls_redundancy_reflns_obs                 ? 
_refine.ls_restrained_S_all                      ? 
_refine.ls_restrained_S_obs                      ? 
_refine.ls_shift_over_esd_max                    ? 
_refine.ls_shift_over_esd_mean                   ? 
_refine.ls_structure_factor_coef                 ? 
_refine.ls_weighting_details                     ? 
_refine.ls_weighting_scheme                      ? 
_refine.ls_wR_factor_all                         ? 
_refine.ls_wR_factor_obs                         ? 
_refine.ls_wR_factor_R_free                      ? 
_refine.ls_wR_factor_R_work                      ? 
_refine.occupancy_max                            ? 
_refine.occupancy_min                            ? 
_refine.solvent_model_details                    'MASK BULK SOLVENT' 
_refine.solvent_model_param_bsol                 ? 
_refine.solvent_model_param_ksol                 ? 
_refine.pdbx_R_complete                          ? 
_refine.ls_R_factor_gt                           ? 
_refine.ls_goodness_of_fit_gt                    ? 
_refine.ls_goodness_of_fit_ref                   ? 
_refine.ls_shift_over_su_max                     ? 
_refine.ls_shift_over_su_max_lt                  ? 
_refine.ls_shift_over_su_mean                    ? 
_refine.ls_shift_over_su_mean_lt                 ? 
_refine.pdbx_ls_sigma_I                          ? 
_refine.pdbx_ls_sigma_F                          ? 
_refine.pdbx_ls_sigma_Fsqd                       ? 
_refine.pdbx_data_cutoff_high_absF               ? 
_refine.pdbx_data_cutoff_high_rms_absF           ? 
_refine.pdbx_data_cutoff_low_absF                ? 
_refine.pdbx_isotropic_thermal_model             ? 
_refine.pdbx_ls_cross_valid_method               'FREE R-VALUE' 
_refine.pdbx_method_to_determine_struct          'MOLECULAR REPLACEMENT' 
_refine.pdbx_starting_model                      5LRQ 
_refine.pdbx_stereochemistry_target_values       ? 
_refine.pdbx_R_Free_selection_details            ? 
_refine.pdbx_stereochem_target_val_spec_case     ? 
_refine.pdbx_overall_ESU_R                       0.053 
_refine.pdbx_overall_ESU_R_Free                  0.055 
_refine.pdbx_solvent_vdw_probe_radii             1.200 
_refine.pdbx_solvent_ion_probe_radii             0.800 
_refine.pdbx_solvent_shrinkage_radii             0.800 
_refine.pdbx_real_space_R                        ? 
_refine.pdbx_density_correlation                 ? 
_refine.pdbx_pd_number_of_powder_patterns        ? 
_refine.pdbx_pd_number_of_points                 ? 
_refine.pdbx_pd_meas_number_of_points            ? 
_refine.pdbx_pd_proc_ls_prof_R_factor            ? 
_refine.pdbx_pd_proc_ls_prof_wR_factor           ? 
_refine.pdbx_pd_Marquardt_correlation_coeff      ? 
_refine.pdbx_pd_Fsqrd_R_factor                   ? 
_refine.pdbx_pd_ls_matrix_band_width             ? 
_refine.pdbx_overall_phase_error                 ? 
_refine.pdbx_overall_SU_R_free_Cruickshank_DPI   ? 
_refine.pdbx_overall_SU_R_free_Blow_DPI          ? 
_refine.pdbx_overall_SU_R_Blow_DPI               ? 
_refine.pdbx_TLS_residual_ADP_flag               ? 
_refine.pdbx_diffrn_id                           1 
_refine.overall_SU_B                             1.160 
_refine.overall_SU_ML                            0.048 
_refine.overall_SU_R_Cruickshank_DPI             ? 
_refine.overall_SU_R_free                        ? 
_refine.overall_FOM_free_R_set                   ? 
_refine.overall_FOM_work_R_set                   ? 
_refine.pdbx_average_fsc_overall                 ? 
_refine.pdbx_average_fsc_work                    ? 
_refine.pdbx_average_fsc_free                    ? 
# 
_refine_hist.pdbx_refine_id                   'X-RAY DIFFRACTION' 
_refine_hist.cycle_id                         LAST 
_refine_hist.details                          ? 
_refine_hist.d_res_high                       1.250 
_refine_hist.d_res_low                        39.49 
_refine_hist.number_atoms_solvent             155 
_refine_hist.number_atoms_total               1252 
_refine_hist.number_reflns_all                ? 
_refine_hist.number_reflns_obs                ? 
_refine_hist.number_reflns_R_free             ? 
_refine_hist.number_reflns_R_work             ? 
_refine_hist.R_factor_all                     ? 
_refine_hist.R_factor_obs                     ? 
_refine_hist.R_factor_R_free                  ? 
_refine_hist.R_factor_R_work                  ? 
_refine_hist.pdbx_number_residues_total       ? 
_refine_hist.pdbx_B_iso_mean_ligand           ? 
_refine_hist.pdbx_B_iso_mean_solvent          ? 
_refine_hist.pdbx_number_atoms_protein        1076 
_refine_hist.pdbx_number_atoms_nucleic_acid   0 
_refine_hist.pdbx_number_atoms_ligand         21 
_refine_hist.pdbx_number_atoms_lipid          ? 
_refine_hist.pdbx_number_atoms_carb           ? 
_refine_hist.pdbx_pseudo_atom_details         ? 
# 
loop_
_refine_ls_restr.pdbx_refine_id 
_refine_ls_restr.criterion 
_refine_ls_restr.dev_ideal 
_refine_ls_restr.dev_ideal_target 
_refine_ls_restr.number 
_refine_ls_restr.rejects 
_refine_ls_restr.type 
_refine_ls_restr.weight 
_refine_ls_restr.pdbx_restraint_function 
'X-RAY DIFFRACTION' ? 0.011  0.012  1141 ? r_bond_refined_d               ? ? 
'X-RAY DIFFRACTION' ? 1.845  1.657  1551 ? r_angle_refined_deg            ? ? 
'X-RAY DIFFRACTION' ? 5.644  5.000  132  ? r_dihedral_angle_1_deg         ? ? 
'X-RAY DIFFRACTION' ? 35.715 25.085 59   ? r_dihedral_angle_2_deg         ? ? 
'X-RAY DIFFRACTION' ? 12.904 15.000 201  ? r_dihedral_angle_3_deg         ? ? 
'X-RAY DIFFRACTION' ? 31.046 15.000 3    ? r_dihedral_angle_4_deg         ? ? 
'X-RAY DIFFRACTION' ? 0.113  0.200  144  ? r_chiral_restr                 ? ? 
'X-RAY DIFFRACTION' ? 0.013  0.020  884  ? r_gen_planes_refined           ? ? 
'X-RAY DIFFRACTION' ? 0.229  0.200  574  ? r_nbd_refined                  ? ? 
'X-RAY DIFFRACTION' ? 0.327  0.200  777  ? r_nbtor_refined                ? ? 
'X-RAY DIFFRACTION' ? 0.147  0.200  102  ? r_xyhbond_nbd_refined          ? ? 
'X-RAY DIFFRACTION' ? 0.203  0.200  42   ? r_symmetry_nbd_refined         ? ? 
'X-RAY DIFFRACTION' ? 0.224  0.200  21   ? r_symmetry_xyhbond_nbd_refined ? ? 
'X-RAY DIFFRACTION' ? 1.498  1.637  522  ? r_mcbond_it                    ? ? 
'X-RAY DIFFRACTION' ? 2.164  2.449  653  ? r_mcangle_it                   ? ? 
'X-RAY DIFFRACTION' ? 2.952  1.964  619  ? r_scbond_it                    ? ? 
'X-RAY DIFFRACTION' ? 4.031  2.833  897  ? r_scangle_it                   ? ? 
'X-RAY DIFFRACTION' ? 5.624  24.603 1859 ? r_lrange_it                    ? ? 
# 
loop_
_refine_ls_shell.pdbx_refine_id 
_refine_ls_shell.d_res_high 
_refine_ls_shell.d_res_low 
_refine_ls_shell.number_reflns_all 
_refine_ls_shell.number_reflns_obs 
_refine_ls_shell.number_reflns_R_free 
_refine_ls_shell.number_reflns_R_work 
_refine_ls_shell.percent_reflns_obs 
_refine_ls_shell.percent_reflns_R_free 
_refine_ls_shell.R_factor_all 
_refine_ls_shell.R_factor_obs 
_refine_ls_shell.R_factor_R_free 
_refine_ls_shell.R_factor_R_free_error 
_refine_ls_shell.R_factor_R_work 
_refine_ls_shell.redundancy_reflns_all 
_refine_ls_shell.redundancy_reflns_obs 
_refine_ls_shell.wR_factor_all 
_refine_ls_shell.wR_factor_obs 
_refine_ls_shell.wR_factor_R_free 
_refine_ls_shell.wR_factor_R_work 
_refine_ls_shell.pdbx_R_complete 
_refine_ls_shell.pdbx_total_number_of_bins_used 
_refine_ls_shell.pdbx_phase_error 
_refine_ls_shell.pdbx_fsc_work 
_refine_ls_shell.pdbx_fsc_free 
'X-RAY DIFFRACTION' 1.250 1.282 . . 121 2515 99.8107  . . . 0.308 . 0.334 . . . . . . . . . . . 
'X-RAY DIFFRACTION' 1.282 1.318 . . 128 2469 100.0000 . . . 0.331 . 0.310 . . . . . . . . . . . 
'X-RAY DIFFRACTION' 1.318 1.356 . . 134 2404 100.0000 . . . 0.318 . 0.300 . . . . . . . . . . . 
'X-RAY DIFFRACTION' 1.356 1.397 . . 142 2313 100.0000 . . . 0.279 . 0.271 . . . . . . . . . . . 
'X-RAY DIFFRACTION' 1.397 1.443 . . 130 2237 100.0000 . . . 0.247 . 0.249 . . . . . . . . . . . 
'X-RAY DIFFRACTION' 1.443 1.494 . . 115 2189 99.9566  . . . 0.247 . 0.231 . . . . . . . . . . . 
'X-RAY DIFFRACTION' 1.494 1.550 . . 116 2125 100.0000 . . . 0.236 . 0.208 . . . . . . . . . . . 
'X-RAY DIFFRACTION' 1.550 1.614 . . 104 2038 99.9533  . . . 0.231 . 0.198 . . . . . . . . . . . 
'X-RAY DIFFRACTION' 1.614 1.685 . . 96  1980 100.0000 . . . 0.211 . 0.183 . . . . . . . . . . . 
'X-RAY DIFFRACTION' 1.685 1.768 . . 99  1858 99.9489  . . . 0.235 . 0.193 . . . . . . . . . . . 
'X-RAY DIFFRACTION' 1.768 1.863 . . 99  1792 100.0000 . . . 0.234 . 0.183 . . . . . . . . . . . 
'X-RAY DIFFRACTION' 1.863 1.976 . . 96  1704 100.0000 . . . 0.231 . 0.190 . . . . . . . . . . . 
'X-RAY DIFFRACTION' 1.976 2.112 . . 89  1590 100.0000 . . . 0.252 . 0.201 . . . . . . . . . . . 
'X-RAY DIFFRACTION' 2.112 2.281 . . 80  1500 100.0000 . . . 0.204 . 0.187 . . . . . . . . . . . 
'X-RAY DIFFRACTION' 2.281 2.499 . . 98  1377 100.0000 . . . 0.227 . 0.190 . . . . . . . . . . . 
'X-RAY DIFFRACTION' 2.499 2.794 . . 86  1224 99.9237  . . . 0.187 . 0.195 . . . . . . . . . . . 
'X-RAY DIFFRACTION' 2.794 3.225 . . 55  1136 100.0000 . . . 0.252 . 0.200 . . . . . . . . . . . 
'X-RAY DIFFRACTION' 3.225 3.948 . . 51  960  100.0000 . . . 0.214 . 0.177 . . . . . . . . . . . 
'X-RAY DIFFRACTION' 3.948 5.577 . . 36  771  100.0000 . . . 0.168 . 0.166 . . . . . . . . . . . 
'X-RAY DIFFRACTION' 5.577 39.49 . . 20  462  100.0000 . . . 0.270 . 0.266 . . . . . . . . . . . 
# 
_struct.entry_id                     7ZFS 
_struct.title                        'BRD4 in complex with FragLite32' 
_struct.pdbx_model_details           ? 
_struct.pdbx_formula_weight          ? 
_struct.pdbx_formula_weight_method   ? 
_struct.pdbx_model_type_details      ? 
_struct.pdbx_CASP_flag               N 
# 
_struct_keywords.entry_id        7ZFS 
_struct_keywords.text            'FragLites, anomalous, BRD4, Fragment screening, TRANSCRIPTION' 
_struct_keywords.pdbx_keywords   TRANSCRIPTION 
# 
loop_
_struct_asym.id 
_struct_asym.pdbx_blank_PDB_chainid_flag 
_struct_asym.pdbx_modified 
_struct_asym.entity_id 
_struct_asym.details 
A N N 1 ? 
B N N 2 ? 
C N N 3 ? 
D N N 4 ? 
E N N 5 ? 
# 
_struct_ref.id                         1 
_struct_ref.db_name                    UNP 
_struct_ref.db_code                    BRD4_HUMAN 
_struct_ref.pdbx_db_accession          O60885 
_struct_ref.pdbx_db_isoform            ? 
_struct_ref.entity_id                  1 
_struct_ref.pdbx_seq_one_letter_code   
;NPPPPETSNPNKPKRQTNQLQYLLRVVLKTLWKHQFAWPFQQPVDAVKLNLPDYYKIIKTPMDMGTIKKRLENNYYWNAQ
ECIQDFNTMFTNCYIYNKPGDDIVLMAEALEKLFLQKINELPTEE
;
_struct_ref.pdbx_align_begin           44 
# 
_struct_ref_seq.align_id                      1 
_struct_ref_seq.ref_id                        1 
_struct_ref_seq.pdbx_PDB_id_code              7ZFS 
_struct_ref_seq.pdbx_strand_id                AAA 
_struct_ref_seq.seq_align_beg                 5 
_struct_ref_seq.pdbx_seq_align_beg_ins_code   ? 
_struct_ref_seq.seq_align_end                 129 
_struct_ref_seq.pdbx_seq_align_end_ins_code   ? 
_struct_ref_seq.pdbx_db_accession             O60885 
_struct_ref_seq.db_align_beg                  44 
_struct_ref_seq.pdbx_db_align_beg_ins_code    ? 
_struct_ref_seq.db_align_end                  168 
_struct_ref_seq.pdbx_db_align_end_ins_code    ? 
_struct_ref_seq.pdbx_auth_seq_align_beg       44 
_struct_ref_seq.pdbx_auth_seq_align_end       168 
# 
loop_
_struct_ref_seq_dif.align_id 
_struct_ref_seq_dif.pdbx_pdb_id_code 
_struct_ref_seq_dif.mon_id 
_struct_ref_seq_dif.pdbx_pdb_strand_id 
_struct_ref_seq_dif.seq_num 
_struct_ref_seq_dif.pdbx_pdb_ins_code 
_struct_ref_seq_dif.pdbx_seq_db_name 
_struct_ref_seq_dif.pdbx_seq_db_accession_code 
_struct_ref_seq_dif.db_mon_id 
_struct_ref_seq_dif.pdbx_seq_db_seq_num 
_struct_ref_seq_dif.details 
_struct_ref_seq_dif.pdbx_auth_seq_num 
_struct_ref_seq_dif.pdbx_ordinal 
1 7ZFS GLY AAA 1 ? UNP O60885 ? ? 'expression tag' 40 1 
1 7ZFS SER AAA 2 ? UNP O60885 ? ? 'expression tag' 41 2 
1 7ZFS HIS AAA 3 ? UNP O60885 ? ? 'expression tag' 42 3 
1 7ZFS MET AAA 4 ? UNP O60885 ? ? 'expression tag' 43 4 
# 
_pdbx_struct_assembly.id                   1 
_pdbx_struct_assembly.details              author_and_software_defined_assembly 
_pdbx_struct_assembly.method_details       PISA 
_pdbx_struct_assembly.oligomeric_details   monomeric 
_pdbx_struct_assembly.oligomeric_count     1 
# 
loop_
_pdbx_struct_assembly_prop.biol_id 
_pdbx_struct_assembly_prop.type 
_pdbx_struct_assembly_prop.value 
_pdbx_struct_assembly_prop.details 
1 'ABSA (A^2)' 440  ? 
1 MORE         2    ? 
1 'SSA (A^2)'  7720 ? 
# 
_pdbx_struct_assembly_gen.assembly_id       1 
_pdbx_struct_assembly_gen.oper_expression   1 
_pdbx_struct_assembly_gen.asym_id_list      A,B,C,D,E 
# 
_pdbx_struct_assembly_auth_evidence.id                     1 
_pdbx_struct_assembly_auth_evidence.assembly_id            1 
_pdbx_struct_assembly_auth_evidence.experimental_support   'gel filtration' 
_pdbx_struct_assembly_auth_evidence.details                ? 
# 
_pdbx_struct_oper_list.id                   1 
_pdbx_struct_oper_list.type                 'identity operation' 
_pdbx_struct_oper_list.name                 1_555 
_pdbx_struct_oper_list.symmetry_operation   x,y,z 
_pdbx_struct_oper_list.matrix[1][1]         1.0000000000 
_pdbx_struct_oper_list.matrix[1][2]         0.0000000000 
_pdbx_struct_oper_list.matrix[1][3]         0.0000000000 
_pdbx_struct_oper_list.vector[1]            0.0000000000 
_pdbx_struct_oper_list.matrix[2][1]         0.0000000000 
_pdbx_struct_oper_list.matrix[2][2]         1.0000000000 
_pdbx_struct_oper_list.matrix[2][3]         0.0000000000 
_pdbx_struct_oper_list.vector[2]            0.0000000000 
_pdbx_struct_oper_list.matrix[3][1]         0.0000000000 
_pdbx_struct_oper_list.matrix[3][2]         0.0000000000 
_pdbx_struct_oper_list.matrix[3][3]         1.0000000000 
_pdbx_struct_oper_list.vector[3]            0.0000000000 
# 
loop_
_struct_conf.conf_type_id 
_struct_conf.id 
_struct_conf.pdbx_PDB_helix_id 
_struct_conf.beg_label_comp_id 
_struct_conf.beg_label_asym_id 
_struct_conf.beg_label_seq_id 
_struct_conf.pdbx_beg_PDB_ins_code 
_struct_conf.end_label_comp_id 
_struct_conf.end_label_asym_id 
_struct_conf.end_label_seq_id 
_struct_conf.pdbx_end_PDB_ins_code 
_struct_conf.beg_auth_comp_id 
_struct_conf.beg_auth_asym_id 
_struct_conf.beg_auth_seq_id 
_struct_conf.end_auth_comp_id 
_struct_conf.end_auth_asym_id 
_struct_conf.end_auth_seq_id 
_struct_conf.pdbx_PDB_helix_class 
_struct_conf.details 
_struct_conf.pdbx_PDB_helix_length 
HELX_P HELX_P1 AA1 THR A 21  ? VAL A 30  ? THR AAA 60  VAL AAA 69  1 ? 10 
HELX_P HELX_P2 AA2 VAL A 30  ? LYS A 37  ? VAL AAA 69  LYS AAA 76  1 ? 8  
HELX_P HELX_P3 AA3 ALA A 41  ? GLN A 45  ? ALA AAA 80  GLN AAA 84  5 ? 5  
HELX_P HELX_P4 AA4 ASP A 57  ? ILE A 62  ? ASP AAA 96  ILE AAA 101 1 ? 6  
HELX_P HELX_P5 AA5 ASP A 67  ? ASN A 77  ? ASP AAA 106 ASN AAA 116 1 ? 11 
HELX_P HELX_P6 AA6 ASN A 82  ? ASN A 101 ? ASN AAA 121 ASN AAA 140 1 ? 20 
HELX_P HELX_P7 AA7 ASP A 105 ? GLU A 124 ? ASP AAA 144 GLU AAA 163 1 ? 20 
# 
_struct_conf_type.id          HELX_P 
_struct_conf_type.criteria    ? 
_struct_conf_type.reference   ? 
# 
_pdbx_validate_close_contact.id               1 
_pdbx_validate_close_contact.PDB_model_num    1 
_pdbx_validate_close_contact.auth_atom_id_1   NZ 
_pdbx_validate_close_contact.auth_asym_id_1   AAA 
_pdbx_validate_close_contact.auth_comp_id_1   LYS 
_pdbx_validate_close_contact.auth_seq_id_1    76 
_pdbx_validate_close_contact.PDB_ins_code_1   ? 
_pdbx_validate_close_contact.label_alt_id_1   ? 
_pdbx_validate_close_contact.auth_atom_id_2   O 
_pdbx_validate_close_contact.auth_asym_id_2   AAA 
_pdbx_validate_close_contact.auth_comp_id_2   HOH 
_pdbx_validate_close_contact.auth_seq_id_2    301 
_pdbx_validate_close_contact.PDB_ins_code_2   ? 
_pdbx_validate_close_contact.label_alt_id_2   ? 
_pdbx_validate_close_contact.dist             2.07 
# 
_pdbx_validate_rmsd_angle.id                         1 
_pdbx_validate_rmsd_angle.PDB_model_num              1 
_pdbx_validate_rmsd_angle.auth_atom_id_1             NE 
_pdbx_validate_rmsd_angle.auth_asym_id_1             AAA 
_pdbx_validate_rmsd_angle.auth_comp_id_1             ARG 
_pdbx_validate_rmsd_angle.auth_seq_id_1              113 
_pdbx_validate_rmsd_angle.PDB_ins_code_1             ? 
_pdbx_validate_rmsd_angle.label_alt_id_1             ? 
_pdbx_validate_rmsd_angle.auth_atom_id_2             CZ 
_pdbx_validate_rmsd_angle.auth_asym_id_2             AAA 
_pdbx_validate_rmsd_angle.auth_comp_id_2             ARG 
_pdbx_validate_rmsd_angle.auth_seq_id_2              113 
_pdbx_validate_rmsd_angle.PDB_ins_code_2             ? 
_pdbx_validate_rmsd_angle.label_alt_id_2             ? 
_pdbx_validate_rmsd_angle.auth_atom_id_3             NH2 
_pdbx_validate_rmsd_angle.auth_asym_id_3             AAA 
_pdbx_validate_rmsd_angle.auth_comp_id_3             ARG 
_pdbx_validate_rmsd_angle.auth_seq_id_3              113 
_pdbx_validate_rmsd_angle.PDB_ins_code_3             ? 
_pdbx_validate_rmsd_angle.label_alt_id_3             ? 
_pdbx_validate_rmsd_angle.angle_value                116.88 
_pdbx_validate_rmsd_angle.angle_target_value         120.30 
_pdbx_validate_rmsd_angle.angle_deviation            -3.42 
_pdbx_validate_rmsd_angle.angle_standard_deviation   0.50 
_pdbx_validate_rmsd_angle.linker_flag                N 
# 
loop_
_pdbx_validate_torsion.id 
_pdbx_validate_torsion.PDB_model_num 
_pdbx_validate_torsion.auth_comp_id 
_pdbx_validate_torsion.auth_asym_id 
_pdbx_validate_torsion.auth_seq_id 
_pdbx_validate_torsion.PDB_ins_code 
_pdbx_validate_torsion.label_alt_id 
_pdbx_validate_torsion.phi 
_pdbx_validate_torsion.psi 
1 1 ASN AAA 52  ? ? -164.52 105.43 
2 1 ASN AAA 117 ? ? 33.72   72.31  
# 
_pdbx_entry_details.entry_id                 7ZFS 
_pdbx_entry_details.has_ligand_of_interest   Y 
_pdbx_entry_details.compound_details         ? 
_pdbx_entry_details.source_details           ? 
_pdbx_entry_details.nonpolymer_details       ? 
_pdbx_entry_details.sequence_details         ? 
# 
loop_
_chem_comp_atom.comp_id 
_chem_comp_atom.atom_id 
_chem_comp_atom.type_symbol 
_chem_comp_atom.pdbx_aromatic_flag 
_chem_comp_atom.pdbx_stereo_config 
_chem_comp_atom.pdbx_ordinal 
ALA N    N  N N 1   
ALA CA   C  N S 2   
ALA C    C  N N 3   
ALA O    O  N N 4   
ALA CB   C  N N 5   
ALA OXT  O  N N 6   
ALA H    H  N N 7   
ALA H2   H  N N 8   
ALA HA   H  N N 9   
ALA HB1  H  N N 10  
ALA HB2  H  N N 11  
ALA HB3  H  N N 12  
ALA HXT  H  N N 13  
ARG N    N  N N 14  
ARG CA   C  N S 15  
ARG C    C  N N 16  
ARG O    O  N N 17  
ARG CB   C  N N 18  
ARG CG   C  N N 19  
ARG CD   C  N N 20  
ARG NE   N  N N 21  
ARG CZ   C  N N 22  
ARG NH1  N  N N 23  
ARG NH2  N  N N 24  
ARG OXT  O  N N 25  
ARG H    H  N N 26  
ARG H2   H  N N 27  
ARG HA   H  N N 28  
ARG HB2  H  N N 29  
ARG HB3  H  N N 30  
ARG HG2  H  N N 31  
ARG HG3  H  N N 32  
ARG HD2  H  N N 33  
ARG HD3  H  N N 34  
ARG HE   H  N N 35  
ARG HH11 H  N N 36  
ARG HH12 H  N N 37  
ARG HH21 H  N N 38  
ARG HH22 H  N N 39  
ARG HXT  H  N N 40  
ASN N    N  N N 41  
ASN CA   C  N S 42  
ASN C    C  N N 43  
ASN O    O  N N 44  
ASN CB   C  N N 45  
ASN CG   C  N N 46  
ASN OD1  O  N N 47  
ASN ND2  N  N N 48  
ASN OXT  O  N N 49  
ASN H    H  N N 50  
ASN H2   H  N N 51  
ASN HA   H  N N 52  
ASN HB2  H  N N 53  
ASN HB3  H  N N 54  
ASN HD21 H  N N 55  
ASN HD22 H  N N 56  
ASN HXT  H  N N 57  
ASP N    N  N N 58  
ASP CA   C  N S 59  
ASP C    C  N N 60  
ASP O    O  N N 61  
ASP CB   C  N N 62  
ASP CG   C  N N 63  
ASP OD1  O  N N 64  
ASP OD2  O  N N 65  
ASP OXT  O  N N 66  
ASP H    H  N N 67  
ASP H2   H  N N 68  
ASP HA   H  N N 69  
ASP HB2  H  N N 70  
ASP HB3  H  N N 71  
ASP HD2  H  N N 72  
ASP HXT  H  N N 73  
CYS N    N  N N 74  
CYS CA   C  N R 75  
CYS C    C  N N 76  
CYS O    O  N N 77  
CYS CB   C  N N 78  
CYS SG   S  N N 79  
CYS OXT  O  N N 80  
CYS H    H  N N 81  
CYS H2   H  N N 82  
CYS HA   H  N N 83  
CYS HB2  H  N N 84  
CYS HB3  H  N N 85  
CYS HG   H  N N 86  
CYS HXT  H  N N 87  
EDO C1   C  N N 88  
EDO O1   O  N N 89  
EDO C2   C  N N 90  
EDO O2   O  N N 91  
EDO H11  H  N N 92  
EDO H12  H  N N 93  
EDO HO1  H  N N 94  
EDO H21  H  N N 95  
EDO H22  H  N N 96  
EDO HO2  H  N N 97  
GLN N    N  N N 98  
GLN CA   C  N S 99  
GLN C    C  N N 100 
GLN O    O  N N 101 
GLN CB   C  N N 102 
GLN CG   C  N N 103 
GLN CD   C  N N 104 
GLN OE1  O  N N 105 
GLN NE2  N  N N 106 
GLN OXT  O  N N 107 
GLN H    H  N N 108 
GLN H2   H  N N 109 
GLN HA   H  N N 110 
GLN HB2  H  N N 111 
GLN HB3  H  N N 112 
GLN HG2  H  N N 113 
GLN HG3  H  N N 114 
GLN HE21 H  N N 115 
GLN HE22 H  N N 116 
GLN HXT  H  N N 117 
GLU N    N  N N 118 
GLU CA   C  N S 119 
GLU C    C  N N 120 
GLU O    O  N N 121 
GLU CB   C  N N 122 
GLU CG   C  N N 123 
GLU CD   C  N N 124 
GLU OE1  O  N N 125 
GLU OE2  O  N N 126 
GLU OXT  O  N N 127 
GLU H    H  N N 128 
GLU H2   H  N N 129 
GLU HA   H  N N 130 
GLU HB2  H  N N 131 
GLU HB3  H  N N 132 
GLU HG2  H  N N 133 
GLU HG3  H  N N 134 
GLU HE2  H  N N 135 
GLU HXT  H  N N 136 
GLY N    N  N N 137 
GLY CA   C  N N 138 
GLY C    C  N N 139 
GLY O    O  N N 140 
GLY OXT  O  N N 141 
GLY H    H  N N 142 
GLY H2   H  N N 143 
GLY HA2  H  N N 144 
GLY HA3  H  N N 145 
GLY HXT  H  N N 146 
GOL C1   C  N N 147 
GOL O1   O  N N 148 
GOL C2   C  N N 149 
GOL O2   O  N N 150 
GOL C3   C  N N 151 
GOL O3   O  N N 152 
GOL H11  H  N N 153 
GOL H12  H  N N 154 
GOL HO1  H  N N 155 
GOL H2   H  N N 156 
GOL HO2  H  N N 157 
GOL H31  H  N N 158 
GOL H32  H  N N 159 
GOL HO3  H  N N 160 
HIS N    N  N N 161 
HIS CA   C  N S 162 
HIS C    C  N N 163 
HIS O    O  N N 164 
HIS CB   C  N N 165 
HIS CG   C  Y N 166 
HIS ND1  N  Y N 167 
HIS CD2  C  Y N 168 
HIS CE1  C  Y N 169 
HIS NE2  N  Y N 170 
HIS OXT  O  N N 171 
HIS H    H  N N 172 
HIS H2   H  N N 173 
HIS HA   H  N N 174 
HIS HB2  H  N N 175 
HIS HB3  H  N N 176 
HIS HD1  H  N N 177 
HIS HD2  H  N N 178 
HIS HE1  H  N N 179 
HIS HE2  H  N N 180 
HIS HXT  H  N N 181 
HOH O    O  N N 182 
HOH H1   H  N N 183 
HOH H2   H  N N 184 
ILE N    N  N N 185 
ILE CA   C  N S 186 
ILE C    C  N N 187 
ILE O    O  N N 188 
ILE CB   C  N S 189 
ILE CG1  C  N N 190 
ILE CG2  C  N N 191 
ILE CD1  C  N N 192 
ILE OXT  O  N N 193 
ILE H    H  N N 194 
ILE H2   H  N N 195 
ILE HA   H  N N 196 
ILE HB   H  N N 197 
ILE HG12 H  N N 198 
ILE HG13 H  N N 199 
ILE HG21 H  N N 200 
ILE HG22 H  N N 201 
ILE HG23 H  N N 202 
ILE HD11 H  N N 203 
ILE HD12 H  N N 204 
ILE HD13 H  N N 205 
ILE HXT  H  N N 206 
IS0 C4   C  Y N 207 
IS0 C5   C  Y N 208 
IS0 C6   C  Y N 209 
IS0 C7   C  Y N 210 
IS0 C8   C  N N 211 
IS0 C3   C  Y N 212 
IS0 C1   C  N N 213 
IS0 O1   O  N N 214 
IS0 C2   C  Y N 215 
IS0 BR1  BR N N 216 
IS0 O2   O  N N 217 
IS0 H1   H  N N 218 
IS0 H2   H  N N 219 
IS0 H3   H  N N 220 
IS0 H4   H  N N 221 
IS0 H5   H  N N 222 
IS0 H6   H  N N 223 
IS0 H7   H  N N 224 
IS0 H8   H  N N 225 
IS0 H9   H  N N 226 
LEU N    N  N N 227 
LEU CA   C  N S 228 
LEU C    C  N N 229 
LEU O    O  N N 230 
LEU CB   C  N N 231 
LEU CG   C  N N 232 
LEU CD1  C  N N 233 
LEU CD2  C  N N 234 
LEU OXT  O  N N 235 
LEU H    H  N N 236 
LEU H2   H  N N 237 
LEU HA   H  N N 238 
LEU HB2  H  N N 239 
LEU HB3  H  N N 240 
LEU HG   H  N N 241 
LEU HD11 H  N N 242 
LEU HD12 H  N N 243 
LEU HD13 H  N N 244 
LEU HD21 H  N N 245 
LEU HD22 H  N N 246 
LEU HD23 H  N N 247 
LEU HXT  H  N N 248 
LYS N    N  N N 249 
LYS CA   C  N S 250 
LYS C    C  N N 251 
LYS O    O  N N 252 
LYS CB   C  N N 253 
LYS CG   C  N N 254 
LYS CD   C  N N 255 
LYS CE   C  N N 256 
LYS NZ   N  N N 257 
LYS OXT  O  N N 258 
LYS H    H  N N 259 
LYS H2   H  N N 260 
LYS HA   H  N N 261 
LYS HB2  H  N N 262 
LYS HB3  H  N N 263 
LYS HG2  H  N N 264 
LYS HG3  H  N N 265 
LYS HD2  H  N N 266 
LYS HD3  H  N N 267 
LYS HE2  H  N N 268 
LYS HE3  H  N N 269 
LYS HZ1  H  N N 270 
LYS HZ2  H  N N 271 
LYS HZ3  H  N N 272 
LYS HXT  H  N N 273 
MET N    N  N N 274 
MET CA   C  N S 275 
MET C    C  N N 276 
MET O    O  N N 277 
MET CB   C  N N 278 
MET CG   C  N N 279 
MET SD   S  N N 280 
MET CE   C  N N 281 
MET OXT  O  N N 282 
MET H    H  N N 283 
MET H2   H  N N 284 
MET HA   H  N N 285 
MET HB2  H  N N 286 
MET HB3  H  N N 287 
MET HG2  H  N N 288 
MET HG3  H  N N 289 
MET HE1  H  N N 290 
MET HE2  H  N N 291 
MET HE3  H  N N 292 
MET HXT  H  N N 293 
PHE N    N  N N 294 
PHE CA   C  N S 295 
PHE C    C  N N 296 
PHE O    O  N N 297 
PHE CB   C  N N 298 
PHE CG   C  Y N 299 
PHE CD1  C  Y N 300 
PHE CD2  C  Y N 301 
PHE CE1  C  Y N 302 
PHE CE2  C  Y N 303 
PHE CZ   C  Y N 304 
PHE OXT  O  N N 305 
PHE H    H  N N 306 
PHE H2   H  N N 307 
PHE HA   H  N N 308 
PHE HB2  H  N N 309 
PHE HB3  H  N N 310 
PHE HD1  H  N N 311 
PHE HD2  H  N N 312 
PHE HE1  H  N N 313 
PHE HE2  H  N N 314 
PHE HZ   H  N N 315 
PHE HXT  H  N N 316 
PRO N    N  N N 317 
PRO CA   C  N S 318 
PRO C    C  N N 319 
PRO O    O  N N 320 
PRO CB   C  N N 321 
PRO CG   C  N N 322 
PRO CD   C  N N 323 
PRO OXT  O  N N 324 
PRO H    H  N N 325 
PRO HA   H  N N 326 
PRO HB2  H  N N 327 
PRO HB3  H  N N 328 
PRO HG2  H  N N 329 
PRO HG3  H  N N 330 
PRO HD2  H  N N 331 
PRO HD3  H  N N 332 
PRO HXT  H  N N 333 
SER N    N  N N 334 
SER CA   C  N S 335 
SER C    C  N N 336 
SER O    O  N N 337 
SER CB   C  N N 338 
SER OG   O  N N 339 
SER OXT  O  N N 340 
SER H    H  N N 341 
SER H2   H  N N 342 
SER HA   H  N N 343 
SER HB2  H  N N 344 
SER HB3  H  N N 345 
SER HG   H  N N 346 
SER HXT  H  N N 347 
THR N    N  N N 348 
THR CA   C  N S 349 
THR C    C  N N 350 
THR O    O  N N 351 
THR CB   C  N R 352 
THR OG1  O  N N 353 
THR CG2  C  N N 354 
THR OXT  O  N N 355 
THR H    H  N N 356 
THR H2   H  N N 357 
THR HA   H  N N 358 
THR HB   H  N N 359 
THR HG1  H  N N 360 
THR HG21 H  N N 361 
THR HG22 H  N N 362 
THR HG23 H  N N 363 
THR HXT  H  N N 364 
TRP N    N  N N 365 
TRP CA   C  N S 366 
TRP C    C  N N 367 
TRP O    O  N N 368 
TRP CB   C  N N 369 
TRP CG   C  Y N 370 
TRP CD1  C  Y N 371 
TRP CD2  C  Y N 372 
TRP NE1  N  Y N 373 
TRP CE2  C  Y N 374 
TRP CE3  C  Y N 375 
TRP CZ2  C  Y N 376 
TRP CZ3  C  Y N 377 
TRP CH2  C  Y N 378 
TRP OXT  O  N N 379 
TRP H    H  N N 380 
TRP H2   H  N N 381 
TRP HA   H  N N 382 
TRP HB2  H  N N 383 
TRP HB3  H  N N 384 
TRP HD1  H  N N 385 
TRP HE1  H  N N 386 
TRP HE3  H  N N 387 
TRP HZ2  H  N N 388 
TRP HZ3  H  N N 389 
TRP HH2  H  N N 390 
TRP HXT  H  N N 391 
TYR N    N  N N 392 
TYR CA   C  N S 393 
TYR C    C  N N 394 
TYR O    O  N N 395 
TYR CB   C  N N 396 
TYR CG   C  Y N 397 
TYR CD1  C  Y N 398 
TYR CD2  C  Y N 399 
TYR CE1  C  Y N 400 
TYR CE2  C  Y N 401 
TYR CZ   C  Y N 402 
TYR OH   O  N N 403 
TYR OXT  O  N N 404 
TYR H    H  N N 405 
TYR H2   H  N N 406 
TYR HA   H  N N 407 
TYR HB2  H  N N 408 
TYR HB3  H  N N 409 
TYR HD1  H  N N 410 
TYR HD2  H  N N 411 
TYR HE1  H  N N 412 
TYR HE2  H  N N 413 
TYR HH   H  N N 414 
TYR HXT  H  N N 415 
VAL N    N  N N 416 
VAL CA   C  N S 417 
VAL C    C  N N 418 
VAL O    O  N N 419 
VAL CB   C  N N 420 
VAL CG1  C  N N 421 
VAL CG2  C  N N 422 
VAL OXT  O  N N 423 
VAL H    H  N N 424 
VAL H2   H  N N 425 
VAL HA   H  N N 426 
VAL HB   H  N N 427 
VAL HG11 H  N N 428 
VAL HG12 H  N N 429 
VAL HG13 H  N N 430 
VAL HG21 H  N N 431 
VAL HG22 H  N N 432 
VAL HG23 H  N N 433 
VAL HXT  H  N N 434 
# 
loop_
_chem_comp_bond.comp_id 
_chem_comp_bond.atom_id_1 
_chem_comp_bond.atom_id_2 
_chem_comp_bond.value_order 
_chem_comp_bond.pdbx_aromatic_flag 
_chem_comp_bond.pdbx_stereo_config 
_chem_comp_bond.pdbx_ordinal 
ALA N   CA   sing N N 1   
ALA N   H    sing N N 2   
ALA N   H2   sing N N 3   
ALA CA  C    sing N N 4   
ALA CA  CB   sing N N 5   
ALA CA  HA   sing N N 6   
ALA C   O    doub N N 7   
ALA C   OXT  sing N N 8   
ALA CB  HB1  sing N N 9   
ALA CB  HB2  sing N N 10  
ALA CB  HB3  sing N N 11  
ALA OXT HXT  sing N N 12  
ARG N   CA   sing N N 13  
ARG N   H    sing N N 14  
ARG N   H2   sing N N 15  
ARG CA  C    sing N N 16  
ARG CA  CB   sing N N 17  
ARG CA  HA   sing N N 18  
ARG C   O    doub N N 19  
ARG C   OXT  sing N N 20  
ARG CB  CG   sing N N 21  
ARG CB  HB2  sing N N 22  
ARG CB  HB3  sing N N 23  
ARG CG  CD   sing N N 24  
ARG CG  HG2  sing N N 25  
ARG CG  HG3  sing N N 26  
ARG CD  NE   sing N N 27  
ARG CD  HD2  sing N N 28  
ARG CD  HD3  sing N N 29  
ARG NE  CZ   sing N N 30  
ARG NE  HE   sing N N 31  
ARG CZ  NH1  sing N N 32  
ARG CZ  NH2  doub N N 33  
ARG NH1 HH11 sing N N 34  
ARG NH1 HH12 sing N N 35  
ARG NH2 HH21 sing N N 36  
ARG NH2 HH22 sing N N 37  
ARG OXT HXT  sing N N 38  
ASN N   CA   sing N N 39  
ASN N   H    sing N N 40  
ASN N   H2   sing N N 41  
ASN CA  C    sing N N 42  
ASN CA  CB   sing N N 43  
ASN CA  HA   sing N N 44  
ASN C   O    doub N N 45  
ASN C   OXT  sing N N 46  
ASN CB  CG   sing N N 47  
ASN CB  HB2  sing N N 48  
ASN CB  HB3  sing N N 49  
ASN CG  OD1  doub N N 50  
ASN CG  ND2  sing N N 51  
ASN ND2 HD21 sing N N 52  
ASN ND2 HD22 sing N N 53  
ASN OXT HXT  sing N N 54  
ASP N   CA   sing N N 55  
ASP N   H    sing N N 56  
ASP N   H2   sing N N 57  
ASP CA  C    sing N N 58  
ASP CA  CB   sing N N 59  
ASP CA  HA   sing N N 60  
ASP C   O    doub N N 61  
ASP C   OXT  sing N N 62  
ASP CB  CG   sing N N 63  
ASP CB  HB2  sing N N 64  
ASP CB  HB3  sing N N 65  
ASP CG  OD1  doub N N 66  
ASP CG  OD2  sing N N 67  
ASP OD2 HD2  sing N N 68  
ASP OXT HXT  sing N N 69  
CYS N   CA   sing N N 70  
CYS N   H    sing N N 71  
CYS N   H2   sing N N 72  
CYS CA  C    sing N N 73  
CYS CA  CB   sing N N 74  
CYS CA  HA   sing N N 75  
CYS C   O    doub N N 76  
CYS C   OXT  sing N N 77  
CYS CB  SG   sing N N 78  
CYS CB  HB2  sing N N 79  
CYS CB  HB3  sing N N 80  
CYS SG  HG   sing N N 81  
CYS OXT HXT  sing N N 82  
EDO C1  O1   sing N N 83  
EDO C1  C2   sing N N 84  
EDO C1  H11  sing N N 85  
EDO C1  H12  sing N N 86  
EDO O1  HO1  sing N N 87  
EDO C2  O2   sing N N 88  
EDO C2  H21  sing N N 89  
EDO C2  H22  sing N N 90  
EDO O2  HO2  sing N N 91  
GLN N   CA   sing N N 92  
GLN N   H    sing N N 93  
GLN N   H2   sing N N 94  
GLN CA  C    sing N N 95  
GLN CA  CB   sing N N 96  
GLN CA  HA   sing N N 97  
GLN C   O    doub N N 98  
GLN C   OXT  sing N N 99  
GLN CB  CG   sing N N 100 
GLN CB  HB2  sing N N 101 
GLN CB  HB3  sing N N 102 
GLN CG  CD   sing N N 103 
GLN CG  HG2  sing N N 104 
GLN CG  HG3  sing N N 105 
GLN CD  OE1  doub N N 106 
GLN CD  NE2  sing N N 107 
GLN NE2 HE21 sing N N 108 
GLN NE2 HE22 sing N N 109 
GLN OXT HXT  sing N N 110 
GLU N   CA   sing N N 111 
GLU N   H    sing N N 112 
GLU N   H2   sing N N 113 
GLU CA  C    sing N N 114 
GLU CA  CB   sing N N 115 
GLU CA  HA   sing N N 116 
GLU C   O    doub N N 117 
GLU C   OXT  sing N N 118 
GLU CB  CG   sing N N 119 
GLU CB  HB2  sing N N 120 
GLU CB  HB3  sing N N 121 
GLU CG  CD   sing N N 122 
GLU CG  HG2  sing N N 123 
GLU CG  HG3  sing N N 124 
GLU CD  OE1  doub N N 125 
GLU CD  OE2  sing N N 126 
GLU OE2 HE2  sing N N 127 
GLU OXT HXT  sing N N 128 
GLY N   CA   sing N N 129 
GLY N   H    sing N N 130 
GLY N   H2   sing N N 131 
GLY CA  C    sing N N 132 
GLY CA  HA2  sing N N 133 
GLY CA  HA3  sing N N 134 
GLY C   O    doub N N 135 
GLY C   OXT  sing N N 136 
GLY OXT HXT  sing N N 137 
GOL C1  O1   sing N N 138 
GOL C1  C2   sing N N 139 
GOL C1  H11  sing N N 140 
GOL C1  H12  sing N N 141 
GOL O1  HO1  sing N N 142 
GOL C2  O2   sing N N 143 
GOL C2  C3   sing N N 144 
GOL C2  H2   sing N N 145 
GOL O2  HO2  sing N N 146 
GOL C3  O3   sing N N 147 
GOL C3  H31  sing N N 148 
GOL C3  H32  sing N N 149 
GOL O3  HO3  sing N N 150 
HIS N   CA   sing N N 151 
HIS N   H    sing N N 152 
HIS N   H2   sing N N 153 
HIS CA  C    sing N N 154 
HIS CA  CB   sing N N 155 
HIS CA  HA   sing N N 156 
HIS C   O    doub N N 157 
HIS C   OXT  sing N N 158 
HIS CB  CG   sing N N 159 
HIS CB  HB2  sing N N 160 
HIS CB  HB3  sing N N 161 
HIS CG  ND1  sing Y N 162 
HIS CG  CD2  doub Y N 163 
HIS ND1 CE1  doub Y N 164 
HIS ND1 HD1  sing N N 165 
HIS CD2 NE2  sing Y N 166 
HIS CD2 HD2  sing N N 167 
HIS CE1 NE2  sing Y N 168 
HIS CE1 HE1  sing N N 169 
HIS NE2 HE2  sing N N 170 
HIS OXT HXT  sing N N 171 
HOH O   H1   sing N N 172 
HOH O   H2   sing N N 173 
ILE N   CA   sing N N 174 
ILE N   H    sing N N 175 
ILE N   H2   sing N N 176 
ILE CA  C    sing N N 177 
ILE CA  CB   sing N N 178 
ILE CA  HA   sing N N 179 
ILE C   O    doub N N 180 
ILE C   OXT  sing N N 181 
ILE CB  CG1  sing N N 182 
ILE CB  CG2  sing N N 183 
ILE CB  HB   sing N N 184 
ILE CG1 CD1  sing N N 185 
ILE CG1 HG12 sing N N 186 
ILE CG1 HG13 sing N N 187 
ILE CG2 HG21 sing N N 188 
ILE CG2 HG22 sing N N 189 
ILE CG2 HG23 sing N N 190 
ILE CD1 HD11 sing N N 191 
ILE CD1 HD12 sing N N 192 
ILE CD1 HD13 sing N N 193 
ILE OXT HXT  sing N N 194 
IS0 C8  O2   sing N N 195 
IS0 O2  C7   sing N N 196 
IS0 C7  C6   doub Y N 197 
IS0 C7  C2   sing Y N 198 
IS0 C6  C5   sing Y N 199 
IS0 C1  O1   sing N N 200 
IS0 O1  C2   sing N N 201 
IS0 BR1 C5   sing N N 202 
IS0 C2  C3   doub Y N 203 
IS0 C5  C4   doub Y N 204 
IS0 C3  C4   sing Y N 205 
IS0 C4  H1   sing N N 206 
IS0 C6  H2   sing N N 207 
IS0 C8  H3   sing N N 208 
IS0 C8  H4   sing N N 209 
IS0 C8  H5   sing N N 210 
IS0 C3  H6   sing N N 211 
IS0 C1  H7   sing N N 212 
IS0 C1  H8   sing N N 213 
IS0 C1  H9   sing N N 214 
LEU N   CA   sing N N 215 
LEU N   H    sing N N 216 
LEU N   H2   sing N N 217 
LEU CA  C    sing N N 218 
LEU CA  CB   sing N N 219 
LEU CA  HA   sing N N 220 
LEU C   O    doub N N 221 
LEU C   OXT  sing N N 222 
LEU CB  CG   sing N N 223 
LEU CB  HB2  sing N N 224 
LEU CB  HB3  sing N N 225 
LEU CG  CD1  sing N N 226 
LEU CG  CD2  sing N N 227 
LEU CG  HG   sing N N 228 
LEU CD1 HD11 sing N N 229 
LEU CD1 HD12 sing N N 230 
LEU CD1 HD13 sing N N 231 
LEU CD2 HD21 sing N N 232 
LEU CD2 HD22 sing N N 233 
LEU CD2 HD23 sing N N 234 
LEU OXT HXT  sing N N 235 
LYS N   CA   sing N N 236 
LYS N   H    sing N N 237 
LYS N   H2   sing N N 238 
LYS CA  C    sing N N 239 
LYS CA  CB   sing N N 240 
LYS CA  HA   sing N N 241 
LYS C   O    doub N N 242 
LYS C   OXT  sing N N 243 
LYS CB  CG   sing N N 244 
LYS CB  HB2  sing N N 245 
LYS CB  HB3  sing N N 246 
LYS CG  CD   sing N N 247 
LYS CG  HG2  sing N N 248 
LYS CG  HG3  sing N N 249 
LYS CD  CE   sing N N 250 
LYS CD  HD2  sing N N 251 
LYS CD  HD3  sing N N 252 
LYS CE  NZ   sing N N 253 
LYS CE  HE2  sing N N 254 
LYS CE  HE3  sing N N 255 
LYS NZ  HZ1  sing N N 256 
LYS NZ  HZ2  sing N N 257 
LYS NZ  HZ3  sing N N 258 
LYS OXT HXT  sing N N 259 
MET N   CA   sing N N 260 
MET N   H    sing N N 261 
MET N   H2   sing N N 262 
MET CA  C    sing N N 263 
MET CA  CB   sing N N 264 
MET CA  HA   sing N N 265 
MET C   O    doub N N 266 
MET C   OXT  sing N N 267 
MET CB  CG   sing N N 268 
MET CB  HB2  sing N N 269 
MET CB  HB3  sing N N 270 
MET CG  SD   sing N N 271 
MET CG  HG2  sing N N 272 
MET CG  HG3  sing N N 273 
MET SD  CE   sing N N 274 
MET CE  HE1  sing N N 275 
MET CE  HE2  sing N N 276 
MET CE  HE3  sing N N 277 
MET OXT HXT  sing N N 278 
PHE N   CA   sing N N 279 
PHE N   H    sing N N 280 
PHE N   H2   sing N N 281 
PHE CA  C    sing N N 282 
PHE CA  CB   sing N N 283 
PHE CA  HA   sing N N 284 
PHE C   O    doub N N 285 
PHE C   OXT  sing N N 286 
PHE CB  CG   sing N N 287 
PHE CB  HB2  sing N N 288 
PHE CB  HB3  sing N N 289 
PHE CG  CD1  doub Y N 290 
PHE CG  CD2  sing Y N 291 
PHE CD1 CE1  sing Y N 292 
PHE CD1 HD1  sing N N 293 
PHE CD2 CE2  doub Y N 294 
PHE CD2 HD2  sing N N 295 
PHE CE1 CZ   doub Y N 296 
PHE CE1 HE1  sing N N 297 
PHE CE2 CZ   sing Y N 298 
PHE CE2 HE2  sing N N 299 
PHE CZ  HZ   sing N N 300 
PHE OXT HXT  sing N N 301 
PRO N   CA   sing N N 302 
PRO N   CD   sing N N 303 
PRO N   H    sing N N 304 
PRO CA  C    sing N N 305 
PRO CA  CB   sing N N 306 
PRO CA  HA   sing N N 307 
PRO C   O    doub N N 308 
PRO C   OXT  sing N N 309 
PRO CB  CG   sing N N 310 
PRO CB  HB2  sing N N 311 
PRO CB  HB3  sing N N 312 
PRO CG  CD   sing N N 313 
PRO CG  HG2  sing N N 314 
PRO CG  HG3  sing N N 315 
PRO CD  HD2  sing N N 316 
PRO CD  HD3  sing N N 317 
PRO OXT HXT  sing N N 318 
SER N   CA   sing N N 319 
SER N   H    sing N N 320 
SER N   H2   sing N N 321 
SER CA  C    sing N N 322 
SER CA  CB   sing N N 323 
SER CA  HA   sing N N 324 
SER C   O    doub N N 325 
SER C   OXT  sing N N 326 
SER CB  OG   sing N N 327 
SER CB  HB2  sing N N 328 
SER CB  HB3  sing N N 329 
SER OG  HG   sing N N 330 
SER OXT HXT  sing N N 331 
THR N   CA   sing N N 332 
THR N   H    sing N N 333 
THR N   H2   sing N N 334 
THR CA  C    sing N N 335 
THR CA  CB   sing N N 336 
THR CA  HA   sing N N 337 
THR C   O    doub N N 338 
THR C   OXT  sing N N 339 
THR CB  OG1  sing N N 340 
THR CB  CG2  sing N N 341 
THR CB  HB   sing N N 342 
THR OG1 HG1  sing N N 343 
THR CG2 HG21 sing N N 344 
THR CG2 HG22 sing N N 345 
THR CG2 HG23 sing N N 346 
THR OXT HXT  sing N N 347 
TRP N   CA   sing N N 348 
TRP N   H    sing N N 349 
TRP N   H2   sing N N 350 
TRP CA  C    sing N N 351 
TRP CA  CB   sing N N 352 
TRP CA  HA   sing N N 353 
TRP C   O    doub N N 354 
TRP C   OXT  sing N N 355 
TRP CB  CG   sing N N 356 
TRP CB  HB2  sing N N 357 
TRP CB  HB3  sing N N 358 
TRP CG  CD1  doub Y N 359 
TRP CG  CD2  sing Y N 360 
TRP CD1 NE1  sing Y N 361 
TRP CD1 HD1  sing N N 362 
TRP CD2 CE2  doub Y N 363 
TRP CD2 CE3  sing Y N 364 
TRP NE1 CE2  sing Y N 365 
TRP NE1 HE1  sing N N 366 
TRP CE2 CZ2  sing Y N 367 
TRP CE3 CZ3  doub Y N 368 
TRP CE3 HE3  sing N N 369 
TRP CZ2 CH2  doub Y N 370 
TRP CZ2 HZ2  sing N N 371 
TRP CZ3 CH2  sing Y N 372 
TRP CZ3 HZ3  sing N N 373 
TRP CH2 HH2  sing N N 374 
TRP OXT HXT  sing N N 375 
TYR N   CA   sing N N 376 
TYR N   H    sing N N 377 
TYR N   H2   sing N N 378 
TYR CA  C    sing N N 379 
TYR CA  CB   sing N N 380 
TYR CA  HA   sing N N 381 
TYR C   O    doub N N 382 
TYR C   OXT  sing N N 383 
TYR CB  CG   sing N N 384 
TYR CB  HB2  sing N N 385 
TYR CB  HB3  sing N N 386 
TYR CG  CD1  doub Y N 387 
TYR CG  CD2  sing Y N 388 
TYR CD1 CE1  sing Y N 389 
TYR CD1 HD1  sing N N 390 
TYR CD2 CE2  doub Y N 391 
TYR CD2 HD2  sing N N 392 
TYR CE1 CZ   doub Y N 393 
TYR CE1 HE1  sing N N 394 
TYR CE2 CZ   sing Y N 395 
TYR CE2 HE2  sing N N 396 
TYR CZ  OH   sing N N 397 
TYR OH  HH   sing N N 398 
TYR OXT HXT  sing N N 399 
VAL N   CA   sing N N 400 
VAL N   H    sing N N 401 
VAL N   H2   sing N N 402 
VAL CA  C    sing N N 403 
VAL CA  CB   sing N N 404 
VAL CA  HA   sing N N 405 
VAL C   O    doub N N 406 
VAL C   OXT  sing N N 407 
VAL CB  CG1  sing N N 408 
VAL CB  CG2  sing N N 409 
VAL CB  HB   sing N N 410 
VAL CG1 HG11 sing N N 411 
VAL CG1 HG12 sing N N 412 
VAL CG1 HG13 sing N N 413 
VAL CG2 HG21 sing N N 414 
VAL CG2 HG22 sing N N 415 
VAL CG2 HG23 sing N N 416 
VAL OXT HXT  sing N N 417 
# 
loop_
_pdbx_audit_support.funding_organization 
_pdbx_audit_support.country 
_pdbx_audit_support.grant_number 
_pdbx_audit_support.ordinal 
'Cancer Research UK' 'United Kingdom' C57659/A27310 1 
'Cancer Research UK' 'United Kingdom' C1362/A20263  2 
'Cancer Research UK' 'United Kingdom' C2215/A21421  3 
# 
_pdbx_entity_instance_feature.ordinal        1 
_pdbx_entity_instance_feature.comp_id        IS0 
_pdbx_entity_instance_feature.asym_id        ? 
_pdbx_entity_instance_feature.seq_num        ? 
_pdbx_entity_instance_feature.auth_comp_id   IS0 
_pdbx_entity_instance_feature.auth_asym_id   ? 
_pdbx_entity_instance_feature.auth_seq_num   ? 
_pdbx_entity_instance_feature.feature_type   'SUBJECT OF INVESTIGATION' 
_pdbx_entity_instance_feature.details        ? 
# 
_pdbx_initial_refinement_model.id               1 
_pdbx_initial_refinement_model.entity_id_list   ? 
_pdbx_initial_refinement_model.type             'experimental model' 
_pdbx_initial_refinement_model.source_name      PDB 
_pdbx_initial_refinement_model.accession_code   5LRQ 
_pdbx_initial_refinement_model.details          ? 
# 
_atom_sites.entry_id                    7ZFS 
_atom_sites.Cartn_transf_matrix[1][1]   ? 
_atom_sites.Cartn_transf_matrix[1][2]   ? 
_atom_sites.Cartn_transf_matrix[1][3]   ? 
_atom_sites.Cartn_transf_matrix[2][1]   ? 
_atom_sites.Cartn_transf_matrix[2][2]   ? 
_atom_sites.Cartn_transf_matrix[2][3]   ? 
_atom_sites.Cartn_transf_matrix[3][1]   ? 
_atom_sites.Cartn_transf_matrix[3][2]   ? 
_atom_sites.Cartn_transf_matrix[3][3]   ? 
_atom_sites.Cartn_transf_vector[1]      ? 
_atom_sites.Cartn_transf_vector[2]      ? 
_atom_sites.Cartn_transf_vector[3]      ? 
_atom_sites.fract_transf_matrix[1][1]   -0.02521697 
_atom_sites.fract_transf_matrix[1][2]   0.00091527 
_atom_sites.fract_transf_matrix[1][3]   -0.00784858 
_atom_sites.fract_transf_matrix[2][1]   0.00480781 
_atom_sites.fract_transf_matrix[2][2]   -0.01480581 
_atom_sites.fract_transf_matrix[2][3]   -0.01717378 
_atom_sites.fract_transf_matrix[3][1]   -0.00272665 
_atom_sites.fract_transf_matrix[3][2]   -0.00973081 
_atom_sites.fract_transf_matrix[3][3]   0.00762577 
_atom_sites.fract_transf_vector[1]      -0.317970 
_atom_sites.fract_transf_vector[2]      0.071292 
_atom_sites.fract_transf_vector[3]      -0.117592 
_atom_sites.solution_primary            ? 
_atom_sites.solution_secondary          ? 
_atom_sites.solution_hydrogens          ? 
_atom_sites.special_details             ? 
# 
loop_
_atom_type.symbol 
_atom_type.pdbx_scat_Z 
_atom_type.pdbx_N_electrons 
_atom_type.scat_Cromer_Mann_a1 
_atom_type.scat_Cromer_Mann_b1 
_atom_type.scat_Cromer_Mann_a2 
_atom_type.scat_Cromer_Mann_b2 
_atom_type.scat_Cromer_Mann_a3 
_atom_type.scat_Cromer_Mann_b3 
_atom_type.scat_Cromer_Mann_a4 
_atom_type.scat_Cromer_Mann_b4 
_atom_type.scat_Cromer_Mann_c 
BR 35 35 17.182 2.172  5.237 16.580 5.639 0.261  3.986 41.433 -1.142  
C  6  6  2.310  20.844 1.020 10.208 1.589 0.569  0.865 51.651 0.216   
N  7  7  12.222 0.006  3.135 9.893  2.014 28.997 1.167 0.583  -11.538 
O  8  8  3.049  13.277 2.287 5.701  1.546 0.324  0.867 32.909 0.251   
S  16 16 6.905  1.468  5.203 22.215 1.438 0.254  1.586 56.172 1.030   
# 
loop_
_atom_site.group_PDB 
_atom_site.id 
_atom_site.type_symbol 
_atom_site.label_atom_id 
_atom_site.label_alt_id 
_atom_site.label_comp_id 
_atom_site.label_asym_id 
_atom_site.label_entity_id 
_atom_site.label_seq_id 
_atom_site.pdbx_PDB_ins_code 
_atom_site.Cartn_x 
_atom_site.Cartn_y 
_atom_site.Cartn_z 
_atom_site.occupancy 
_atom_site.B_iso_or_equiv 
_atom_site.pdbx_formal_charge 
_atom_site.auth_seq_id 
_atom_site.auth_comp_id 
_atom_site.auth_asym_id 
_atom_site.auth_atom_id 
_atom_site.pdbx_PDB_model_num 
_atom_site.calc_flag 
ATOM   1    N  N   . GLY A 1 1   ? -6.543  15.536  9.733   1.000 34.018 ? 40  GLY AAA N   1 ? 
ATOM   2    C  CA  . GLY A 1 1   ? -6.846  14.824  10.974  1.000 27.278 ? 40  GLY AAA CA  1 ? 
ATOM   3    C  C   . GLY A 1 1   ? -5.957  15.362  12.086  1.000 24.075 ? 40  GLY AAA C   1 ? 
ATOM   4    O  O   . GLY A 1 1   ? -5.573  16.528  12.043  1.000 24.167 ? 40  GLY AAA O   1 ? 
ATOM   5    N  N   . SER A 1 2   ? -5.604  14.470  13.006  1.000 22.680 ? 41  SER AAA N   1 ? 
ATOM   6    C  CA  . SER A 1 2   ? -4.854  14.841  14.197  1.000 19.464 ? 41  SER AAA CA  1 ? 
ATOM   7    C  C   . SER A 1 2   ? -3.429  15.253  13.854  1.000 19.030 ? 41  SER AAA C   1 ? 
ATOM   8    O  O   . SER A 1 2   ? -2.702  14.551  13.136  1.000 17.732 ? 41  SER AAA O   1 ? 
ATOM   9    C  CB  . SER A 1 2   ? -4.841  13.720  15.178  1.000 19.924 ? 41  SER AAA CB  1 ? 
ATOM   10   O  OG  . SER A 1 2   ? -3.965  14.053  16.253  1.000 18.721 ? 41  SER AAA OG  1 ? 
ATOM   11   N  N   . HIS A 1 3   ? -2.946  16.301  14.535  1.000 16.886 ? 42  HIS AAA N   1 ? 
ATOM   12   C  CA  . HIS A 1 3   ? -1.544  16.646  14.518  1.000 16.018 ? 42  HIS AAA CA  1 ? 
ATOM   13   C  C   . HIS A 1 3   ? -0.611  15.572  15.076  1.000 17.572 ? 42  HIS AAA C   1 ? 
ATOM   14   O  O   . HIS A 1 3   ? 0.616   15.621  14.859  1.000 19.741 ? 42  HIS AAA O   1 ? 
ATOM   15   C  CB  . HIS A 1 3   ? -1.350  18.000  15.240  1.000 20.494 ? 42  HIS AAA CB  1 ? 
ATOM   16   C  CG  . HIS A 1 3   ? -1.296  17.845  16.727  1.000 20.383 ? 42  HIS AAA CG  1 ? 
ATOM   17   N  ND1 . HIS A 1 3   ? -2.418  17.543  17.472  1.000 21.168 ? 42  HIS AAA ND1 1 ? 
ATOM   18   C  CD2 . HIS A 1 3   ? -0.291  17.965  17.619  1.000 24.878 ? 42  HIS AAA CD2 1 ? 
ATOM   19   C  CE1 . HIS A 1 3   ? -2.100  17.473  18.764  1.000 23.159 ? 42  HIS AAA CE1 1 ? 
ATOM   20   N  NE2 . HIS A 1 3   ? -0.813  17.708  18.858  1.000 23.343 ? 42  HIS AAA NE2 1 ? 
ATOM   21   N  N   . MET A 1 4   ? -1.202  14.586  15.762  1.000 16.363 ? 43  MET AAA N   1 ? 
ATOM   22   C  CA  . MET A 1 4   ? -0.405  13.511  16.305  1.000 16.594 ? 43  MET AAA CA  1 ? 
ATOM   23   C  C   . MET A 1 4   ? -0.176  12.363  15.320  1.000 16.901 ? 43  MET AAA C   1 ? 
ATOM   24   O  O   . MET A 1 4   ? 0.622   11.481  15.622  1.000 19.223 ? 43  MET AAA O   1 ? 
ATOM   25   C  CB  . MET A 1 4   ? -1.028  12.999  17.600  1.000 19.553 ? 43  MET AAA CB  1 ? 
ATOM   26   C  CG  . MET A 1 4   ? -1.073  14.099  18.637  1.000 17.679 ? 43  MET AAA CG  1 ? 
ATOM   27   S  SD  . MET A 1 4   ? -1.334  13.529  20.289  1.000 23.358 ? 43  MET AAA SD  1 ? 
ATOM   28   C  CE  . MET A 1 4   ? -2.447  12.151  20.115  1.000 24.356 ? 43  MET AAA CE  1 ? 
ATOM   29   N  N   . ASN A 1 5   ? -0.855  12.380  14.174  1.000 14.608 ? 44  ASN AAA N   1 ? 
ATOM   30   C  CA  . ASN A 1 5   ? -0.521  11.456  13.090  1.000 15.093 ? 44  ASN AAA CA  1 ? 
ATOM   31   C  C   . ASN A 1 5   ? 0.424   12.173  12.139  1.000 15.800 ? 44  ASN AAA C   1 ? 
ATOM   32   O  O   . ASN A 1 5   ? 0.316   13.388  11.961  1.000 17.283 ? 44  ASN AAA O   1 ? 
ATOM   33   C  CB  . ASN A 1 5   ? -1.762  10.989  12.348  1.000 13.947 ? 44  ASN AAA CB  1 ? 
ATOM   34   C  CG  . ASN A 1 5   ? -2.613  10.032  13.153  1.000 14.696 ? 44  ASN AAA CG  1 ? 
ATOM   35   O  OD1 . ASN A 1 5   ? -2.082  9.118   13.769  1.000 16.991 ? 44  ASN AAA OD1 1 ? 
ATOM   36   N  ND2 . ASN A 1 5   ? -3.915  10.264  13.144  1.000 15.714 ? 44  ASN AAA ND2 1 ? 
ATOM   37   N  N   . PRO A 1 6   ? 1.388   11.477  11.497  1.000 14.761 ? 45  PRO AAA N   1 ? 
ATOM   38   C  CA  . PRO A 1 6   ? 2.265   12.117  10.525  1.000 15.693 ? 45  PRO AAA CA  1 ? 
ATOM   39   C  C   . PRO A 1 6   ? 1.442   12.491  9.301   1.000 16.402 ? 45  PRO AAA C   1 ? 
ATOM   40   O  O   . PRO A 1 6   ? 0.362   11.948  9.018   1.000 16.876 ? 45  PRO AAA O   1 ? 
ATOM   41   C  CB  . PRO A 1 6   ? 3.303   11.018  10.216  1.000 15.586 ? 45  PRO AAA CB  1 ? 
ATOM   42   C  CG  . PRO A 1 6   ? 2.543   9.736   10.414  1.000 16.564 ? 45  PRO AAA CG  1 ? 
ATOM   43   C  CD  . PRO A 1 6   ? 1.638   10.017  11.611  1.000 15.437 ? 45  PRO AAA CD  1 ? 
ATOM   44   N  N   . PRO A 1 7   ? 1.943   13.450  8.479   1.000 17.096 ? 46  PRO AAA N   1 ? 
ATOM   45   C  CA  . PRO A 1 7   ? 1.339   13.679  7.171   1.000 17.125 ? 46  PRO AAA CA  1 ? 
ATOM   46   C  C   . PRO A 1 7   ? 1.453   12.369  6.389   1.000 17.309 ? 46  PRO AAA C   1 ? 
ATOM   47   O  O   . PRO A 1 7   ? 2.335   11.552  6.628   1.000 17.703 ? 46  PRO AAA O   1 ? 
ATOM   48   C  CB  . PRO A 1 7   ? 2.250   14.753  6.520   1.000 18.421 ? 46  PRO AAA CB  1 ? 
ATOM   49   C  CG  . PRO A 1 7   ? 3.504   14.627  7.253   1.000 22.050 ? 46  PRO AAA CG  1 ? 
ATOM   50   C  CD  . PRO A 1 7   ? 3.202   14.169  8.681   1.000 20.181 ? 46  PRO AAA CD  1 ? 
ATOM   51   N  N   . PRO A 1 8   ? 0.480   12.101  5.506   1.000 18.166 ? 47  PRO AAA N   1 ? 
ATOM   52   C  CA  . PRO A 1 8   ? 0.507   10.887  4.702   1.000 18.925 ? 47  PRO AAA CA  1 ? 
ATOM   53   C  C   . PRO A 1 8   ? 1.687   10.890  3.738   1.000 16.977 ? 47  PRO AAA C   1 ? 
ATOM   54   O  O   . PRO A 1 8   ? 2.322   11.930  3.501   1.000 18.811 ? 47  PRO AAA O   1 ? 
ATOM   55   C  CB  . PRO A 1 8   ? -0.830  10.985  3.963   1.000 22.658 ? 47  PRO AAA CB  1 ? 
ATOM   56   C  CG  . PRO A 1 8   ? -1.031  12.475  3.816   1.000 22.827 ? 47  PRO AAA CG  1 ? 
ATOM   57   C  CD  . PRO A 1 8   ? -0.685  12.954  5.209   1.000 20.503 ? 47  PRO AAA CD  1 ? 
ATOM   58   N  N   . PRO A 1 9   ? 2.015   9.754   3.102   1.000 15.094 ? 48  PRO AAA N   1 ? 
ATOM   59   C  CA  . PRO A 1 9   ? 3.060   9.753   2.081   1.000 15.135 ? 48  PRO AAA CA  1 ? 
ATOM   60   C  C   . PRO A 1 9   ? 2.599   10.686  0.965   1.000 17.280 ? 48  PRO AAA C   1 ? 
ATOM   61   O  O   . PRO A 1 9   ? 1.422   10.802  0.692   1.000 16.716 ? 48  PRO AAA O   1 ? 
ATOM   62   C  CB  . PRO A 1 9   ? 3.191   8.258   1.682   1.000 15.242 ? 48  PRO AAA CB  1 ? 
ATOM   63   C  CG  . PRO A 1 9   ? 2.603   7.526   2.897   1.000 16.158 ? 48  PRO AAA CG  1 ? 
ATOM   64   C  CD  . PRO A 1 9   ? 1.443   8.397   3.345   1.000 14.862 ? 48  PRO AAA CD  1 ? 
ATOM   65   N  N   . GLU A 1 10  ? 3.622   11.235  0.304   1.000 19.673 ? 49  GLU AAA N   1 ? 
ATOM   66   C  CA  . GLU A 1 10  ? 3.475   12.068  -0.872  1.000 20.400 ? 49  GLU AAA CA  1 ? 
ATOM   67   C  C   . GLU A 1 10  ? 2.618   11.380  -1.948  1.000 19.277 ? 49  GLU AAA C   1 ? 
ATOM   68   O  O   . GLU A 1 10  ? 2.927   10.248  -2.319  1.000 17.352 ? 49  GLU AAA O   1 ? 
ATOM   69   C  CB  . GLU A 1 10  ? 4.880   12.324  -1.432  1.000 17.930 ? 49  GLU AAA CB  1 ? 
ATOM   70   C  CG  . GLU A 1 10  ? 4.847   13.390  -2.488  1.000 22.161 ? 49  GLU AAA CG  1 ? 
ATOM   71   C  CD  . GLU A 1 10  ? 6.211   13.773  -2.942  1.000 22.674 ? 49  GLU AAA CD  1 ? 
ATOM   72   O  OE1 . GLU A 1 10  ? 6.653   14.900  -2.600  1.000 26.141 ? 49  GLU AAA OE1 1 ? 
ATOM   73   O  OE2 . GLU A 1 10  ? 6.820   12.991  -3.632  1.000 20.963 ? 49  GLU AAA OE2 1 ? 
ATOM   74   N  N   . THR A 1 11  ? 1.624   12.077  -2.507  1.000 17.763 ? 50  THR AAA N   1 ? 
ATOM   75   C  CA  . THR A 1 11  ? 0.881   11.555  -3.649  1.000 18.314 ? 50  THR AAA CA  1 ? 
ATOM   76   C  C   . THR A 1 11  ? 0.914   12.486  -4.872  1.000 15.940 ? 50  THR AAA C   1 ? 
ATOM   77   O  O   . THR A 1 11  ? 0.377   12.092  -5.899  1.000 19.124 ? 50  THR AAA O   1 ? 
ATOM   78   C  CB  . THR A 1 11  ? -0.550  11.211  -3.269  1.000 19.827 ? 50  THR AAA CB  1 ? 
ATOM   79   O  OG1 . THR A 1 11  ? -1.106  12.387  -2.654  1.000 22.360 ? 50  THR AAA OG1 1 ? 
ATOM   80   C  CG2 . THR A 1 11  ? -0.578  10.089  -2.257  1.000 19.570 ? 50  THR AAA CG2 1 ? 
ATOM   81   N  N   . SER A 1 12  ? 1.475   13.678  -4.678  1.000 18.311 ? 51  SER AAA N   1 ? 
ATOM   82   C  CA  . SER A 1 12  ? 1.473   14.712  -5.712  1.000 17.847 ? 51  SER AAA CA  1 ? 
ATOM   83   C  C   . SER A 1 12  ? 2.808   15.403  -5.571  1.000 18.815 ? 51  SER AAA C   1 ? 
ATOM   84   O  O   . SER A 1 12  ? 3.177   15.861  -4.481  1.000 22.460 ? 51  SER AAA O   1 ? 
ATOM   85   C  CB  . SER A 1 12  ? 0.323   15.685  -5.434  1.000 21.663 ? 51  SER AAA CB  1 ? 
ATOM   86   O  OG  . SER A 1 12  ? 0.486   16.850  -6.232  1.000 24.974 ? 51  SER AAA OG  1 ? 
ATOM   87   N  N   . ASN A 1 13  ? 3.546   15.529  -6.685  1.000 17.680 ? 52  ASN AAA N   1 ? 
ATOM   88   C  CA  . ASN A 1 13  ? 4.754   16.335  -6.674  1.000 16.883 ? 52  ASN AAA CA  1 ? 
ATOM   89   C  C   . ASN A 1 13  ? 5.121   16.588  -8.127  1.000 16.254 ? 52  ASN AAA C   1 ? 
ATOM   90   O  O   . ASN A 1 13  ? 5.667   15.712  -8.814  1.000 15.157 ? 52  ASN AAA O   1 ? 
ATOM   91   C  CB  . ASN A 1 13  ? 5.954   15.659  -5.996  1.000 20.773 ? 52  ASN AAA CB  1 ? 
ATOM   92   C  CG  . ASN A 1 13  ? 7.160   16.578  -5.922  1.000 20.484 ? 52  ASN AAA CG  1 ? 
ATOM   93   O  OD1 . ASN A 1 13  ? 7.260   17.567  -6.644  1.000 22.582 ? 52  ASN AAA OD1 1 ? 
ATOM   94   N  ND2 . ASN A 1 13  ? 8.089   16.292  -5.024  1.000 27.070 ? 52  ASN AAA ND2 1 ? 
ATOM   95   N  N   . PRO A 1 14  ? 4.907   17.795  -8.672  1.000 14.623 ? 53  PRO AAA N   1 ? 
ATOM   96   C  CA  . PRO A 1 14  ? 5.256   18.051  -10.062 1.000 15.732 ? 53  PRO AAA CA  1 ? 
ATOM   97   C  C   . PRO A 1 14  ? 6.727   17.909  -10.431 1.000 16.683 ? 53  PRO AAA C   1 ? 
ATOM   98   O  O   . PRO A 1 14  ? 7.022   17.785  -11.615 1.000 19.902 ? 53  PRO AAA O   1 ? 
ATOM   99   C  CB  . PRO A 1 14  ? 4.875   19.535  -10.257 1.000 16.297 ? 53  PRO AAA CB  1 ? 
ATOM   100  C  CG  . PRO A 1 14  ? 3.735   19.698  -9.288  1.000 16.884 ? 53  PRO AAA CG  1 ? 
ATOM   101  C  CD  . PRO A 1 14  ? 4.137   18.889  -8.055  1.000 15.333 ? 53  PRO AAA CD  1 ? 
ATOM   102  N  N   . ASN A 1 15  ? 7.618   17.924  -9.439  1.000 17.979 ? 54  ASN AAA N   1 ? 
ATOM   103  C  CA  . ASN A 1 15  ? 9.043   17.818  -9.763  1.000 18.843 ? 54  ASN AAA CA  1 ? 
ATOM   104  C  C   . ASN A 1 15  ? 9.430   16.377  -10.103 1.000 20.101 ? 54  ASN AAA C   1 ? 
ATOM   105  O  O   . ASN A 1 15  ? 10.519  16.163  -10.633 1.000 20.259 ? 54  ASN AAA O   1 ? 
ATOM   106  C  CB  . ASN A 1 15  ? 9.917   18.365  -8.653  1.000 21.582 ? 54  ASN AAA CB  1 ? 
ATOM   107  C  CG  . ASN A 1 15  ? 9.750   19.862  -8.548  1.000 20.078 ? 54  ASN AAA CG  1 ? 
ATOM   108  O  OD1 . ASN A 1 15  ? 9.680   20.555  -9.577  1.000 22.226 ? 54  ASN AAA OD1 1 ? 
ATOM   109  N  ND2 . ASN A 1 15  ? 9.663   20.350  -7.313  1.000 24.890 ? 54  ASN AAA ND2 1 ? 
ATOM   110  N  N   . LYS A 1 16  ? 8.618   15.396  -9.681  1.000 17.837 ? 55  LYS AAA N   1 ? 
ATOM   111  C  CA  . LYS A 1 16  ? 8.954   13.994  -9.893  1.000 17.985 ? 55  LYS AAA CA  1 ? 
ATOM   112  C  C   . LYS A 1 16  ? 8.491   13.577  -11.275 1.000 18.641 ? 55  LYS AAA C   1 ? 
ATOM   113  O  O   . LYS A 1 16  ? 7.319   13.686  -11.589 1.000 19.181 ? 55  LYS AAA O   1 ? 
ATOM   114  C  CB  . LYS A 1 16  ? 8.212   13.175  -8.839  1.000 16.097 ? 55  LYS AAA CB  1 ? 
ATOM   115  C  CG  . LYS A 1 16  ? 8.479   11.664  -8.954  1.000 18.383 ? 55  LYS AAA CG  1 ? 
ATOM   116  C  CD  . LYS A 1 16  ? 7.673   10.814  -7.938  1.000 17.499 ? 55  LYS AAA CD  1 ? 
ATOM   117  C  CE  . LYS A 1 16  ? 8.118   9.366   -7.790  1.000 17.713 ? 55  LYS AAA CE  1 ? 
ATOM   118  N  NZ  . LYS A 1 16  ? 7.913   8.599   -9.049  1.000 15.117 ? 55  LYS AAA NZ  1 ? 
ATOM   119  N  N   . PRO A 1 17  ? 9.376   13.082  -12.175 1.000 19.843 ? 56  PRO AAA N   1 ? 
ATOM   120  C  CA  . PRO A 1 17  ? 8.921   12.656  -13.505 1.000 18.149 ? 56  PRO AAA CA  1 ? 
ATOM   121  C  C   . PRO A 1 17  ? 7.978   11.458  -13.431 1.000 19.409 ? 56  PRO AAA C   1 ? 
ATOM   122  O  O   . PRO A 1 17  ? 8.119   10.623  -12.565 1.000 17.475 ? 56  PRO AAA O   1 ? 
ATOM   123  C  CB  . PRO A 1 17  ? 10.209  12.336  -14.275 1.000 19.694 ? 56  PRO AAA CB  1 ? 
ATOM   124  C  CG  . PRO A 1 17  ? 11.280  13.051  -13.521 1.000 24.619 ? 56  PRO AAA CG  1 ? 
ATOM   125  C  CD  . PRO A 1 17  ? 10.843  13.069  -12.063 1.000 20.352 ? 56  PRO AAA CD  1 ? 
ATOM   126  N  N   . LYS A 1 18  ? 6.996   11.467  -14.328 1.000 19.942 ? 57  LYS AAA N   1 ? 
ATOM   127  C  CA  . LYS A 1 18  ? 5.920   10.486  -14.227 1.000 19.735 ? 57  LYS AAA CA  1 ? 
ATOM   128  C  C   . LYS A 1 18  ? 5.875   9.735   -15.533 1.000 18.150 ? 57  LYS AAA C   1 ? 
ATOM   129  O  O   . LYS A 1 18  ? 6.197   10.317  -16.550 1.000 18.676 ? 57  LYS AAA O   1 ? 
ATOM   130  C  CB  . LYS A 1 18  ? 4.573   11.212  -14.105 1.000 17.794 ? 57  LYS AAA CB  1 ? 
ATOM   131  C  CG  . LYS A 1 18  ? 4.581   12.306  -13.076 1.000 17.017 ? 57  LYS AAA CG  1 ? 
ATOM   132  C  CD  . LYS A 1 18  ? 4.920   11.700  -11.705 1.000 19.393 ? 57  LYS AAA CD  1 ? 
ATOM   133  C  CE  . LYS A 1 18  ? 4.343   12.555  -10.614 1.000 18.856 ? 57  LYS AAA CE  1 ? 
ATOM   134  N  NZ  . LYS A 1 18  ? 4.819   13.949  -10.768 1.000 14.743 ? 57  LYS AAA NZ  1 ? 
ATOM   135  N  N   . ARG A 1 19  ? 5.355   8.515   -15.515 1.000 16.620 ? 58  ARG AAA N   1 ? 
ATOM   136  C  CA  . ARG A 1 19  ? 5.143   7.867   -16.796 1.000 17.154 ? 58  ARG AAA CA  1 ? 
ATOM   137  C  C   . ARG A 1 19  ? 4.026   6.868   -16.599 1.000 20.217 ? 58  ARG AAA C   1 ? 
ATOM   138  O  O   . ARG A 1 19  ? 3.936   6.298   -15.526 1.000 24.992 ? 58  ARG AAA O   1 ? 
ATOM   139  C  CB  . ARG A 1 19  ? 6.499   7.244   -17.202 1.000 19.610 ? 58  ARG AAA CB  1 ? 
ATOM   140  C  CG  . ARG A 1 19  ? 6.533   6.238   -18.343 1.000 23.372 ? 58  ARG AAA CG  1 ? 
ATOM   141  C  CD  . ARG A 1 19  ? 8.018   5.887   -18.295 1.000 17.154 ? 58  ARG AAA CD  1 ? 
ATOM   142  N  NE  . ARG A 1 19  ? 8.437   4.874   -17.339 1.000 15.673 ? 58  ARG AAA NE  1 ? 
ATOM   143  C  CZ  . ARG A 1 19  ? 9.224   3.872   -17.644 1.000 16.399 ? 58  ARG AAA CZ  1 ? 
ATOM   144  N  NH1 . ARG A 1 19  ? 9.807   3.769   -18.845 1.000 19.297 ? 58  ARG AAA NH1 1 ? 
ATOM   145  N  NH2 . ARG A 1 19  ? 9.415   2.940   -16.724 1.000 17.616 ? 58  ARG AAA NH2 1 ? 
ATOM   146  N  N   . GLN A 1 20  ? 3.233   6.653   -17.651 1.000 20.583 ? 59  GLN AAA N   1 ? 
ATOM   147  C  CA  . GLN A 1 20  ? 2.337   5.515   -17.698 1.000 24.678 ? 59  GLN AAA CA  1 ? 
ATOM   148  C  C   . GLN A 1 20  ? 3.059   4.357   -18.377 1.000 24.124 ? 59  GLN AAA C   1 ? 
ATOM   149  O  O   . GLN A 1 20  ? 3.780   4.558   -19.368 1.000 26.391 ? 59  GLN AAA O   1 ? 
ATOM   150  C  CB  . GLN A 1 20  ? 1.019   5.913   -18.362 1.000 32.753 ? 59  GLN AAA CB  1 ? 
ATOM   151  C  CG  . GLN A 1 20  ? -0.108  6.016   -17.340 1.000 40.136 ? 59  GLN AAA CG  1 ? 
ATOM   152  C  CD  . GLN A 1 20  ? -0.608  4.682   -16.816 1.000 43.655 ? 59  GLN AAA CD  1 ? 
ATOM   153  O  OE1 . GLN A 1 20  ? 0.095   3.908   -16.152 1.000 36.188 ? 59  GLN AAA OE1 1 ? 
ATOM   154  N  NE2 . GLN A 1 20  ? -1.867  4.388   -17.101 1.000 51.515 ? 59  GLN AAA NE2 1 ? 
ATOM   155  N  N   . THR A 1 21  ? 3.004   3.181   -17.748 1.000 20.129 ? 60  THR AAA N   1 ? 
ATOM   156  C  CA  . THR A 1 21  ? 3.449   1.976   -18.427 1.000 17.886 ? 60  THR AAA CA  1 ? 
ATOM   157  C  C   . THR A 1 21  ? 2.301   0.959   -18.409 1.000 17.323 ? 60  THR AAA C   1 ? 
ATOM   158  O  O   . THR A 1 21  ? 1.361   1.037   -17.588 1.000 16.359 ? 60  THR AAA O   1 ? 
ATOM   159  C  CB  . THR A 1 21  ? 4.751   1.396   -17.855 1.000 17.704 ? 60  THR AAA CB  1 ? 
ATOM   160  O  OG1 . THR A 1 21  ? 4.453   0.741   -16.606 1.000 17.291 ? 60  THR AAA OG1 1 ? 
ATOM   161  C  CG2 . THR A 1 21  ? 5.830   2.443   -17.592 1.000 18.801 ? 60  THR AAA CG2 1 ? 
ATOM   162  N  N   . ASN A 1 22  ? 2.384   -0.024  -19.320 1.000 16.709 ? 61  ASN AAA N   1 ? 
ATOM   163  C  CA  . ASN A 1 22  ? 1.416   -1.110  -19.311 1.000 16.898 ? 61  ASN AAA CA  1 ? 
ATOM   164  C  C   . ASN A 1 22  ? 1.424   -1.846  -17.961 1.000 15.506 ? 61  ASN AAA C   1 ? 
ATOM   165  O  O   . ASN A 1 22  ? 0.396   -2.356  -17.535 1.000 16.466 ? 61  ASN AAA O   1 ? 
ATOM   166  C  CB  . ASN A 1 22  ? 1.601   -2.087  -20.483 1.000 16.695 ? 61  ASN AAA CB  1 ? 
ATOM   167  C  CG  . ASN A 1 22  ? 2.913   -2.853  -20.410 1.000 17.476 ? 61  ASN AAA CG  1 ? 
ATOM   168  O  OD1 . ASN A 1 22  ? 3.988   -2.294  -20.210 1.000 19.520 ? 61  ASN AAA OD1 1 ? 
ATOM   169  N  ND2 . ASN A 1 22  ? 2.803   -4.171  -20.561 1.000 18.893 ? 61  ASN AAA ND2 1 ? 
ATOM   170  N  N   . GLN A 1 23  ? 2.616   -1.931  -17.333 1.000 15.531 ? 62  GLN AAA N   1 ? 
ATOM   171  C  CA  . GLN A 1 23  ? 2.689   -2.614  -16.041 1.000 14.085 ? 62  GLN AAA CA  1 ? 
ATOM   172  C  C   . GLN A 1 23  ? 1.991   -1.806  -14.943 1.000 14.425 ? 62  GLN AAA C   1 ? 
ATOM   173  O  O   . GLN A 1 23  ? 1.261   -2.377  -14.128 1.000 15.066 ? 62  GLN AAA O   1 ? 
ATOM   174  C  CB  . GLN A 1 23  ? 4.147   -2.827  -15.650 1.000 15.592 ? 62  GLN AAA CB  1 ? 
ATOM   175  C  CG  . GLN A 1 23  ? 4.873   -3.745  -16.638 1.000 17.687 ? 62  GLN AAA CG  1 ? 
ATOM   176  C  CD  . GLN A 1 23  ? 6.235   -4.075  -16.091 1.000 18.125 ? 62  GLN AAA CD  1 ? 
ATOM   177  O  OE1 . GLN A 1 23  ? 6.910   -3.233  -15.487 1.000 18.934 ? 62  GLN AAA OE1 1 ? 
ATOM   178  N  NE2 . GLN A 1 23  ? 6.708   -5.265  -16.425 1.000 18.275 ? 62  GLN AAA NE2 1 ? 
ATOM   179  N  N   . LEU A 1 24  ? 2.156   -0.480  -14.965 1.000 14.572 ? 63  LEU AAA N   1 ? 
ATOM   180  C  CA  . LEU A 1 24  ? 1.418   0.387   -14.033 1.000 14.136 ? 63  LEU AAA CA  1 ? 
ATOM   181  C  C   . LEU A 1 24  ? -0.080  0.330   -14.281 1.000 14.271 ? 63  LEU AAA C   1 ? 
ATOM   182  O  O   . LEU A 1 24  ? -0.833  0.325   -13.311 1.000 14.876 ? 63  LEU AAA O   1 ? 
ATOM   183  C  CB  . LEU A 1 24  ? 1.979   1.802   -14.057 1.000 15.723 ? 63  LEU AAA CB  1 ? 
ATOM   184  C  CG  . LEU A 1 24  ? 3.305   1.968   -13.318 1.000 14.737 ? 63  LEU AAA CG  1 ? 
ATOM   185  C  CD1 . LEU A 1 24  ? 3.955   3.283   -13.762 1.000 17.816 ? 63  LEU AAA CD1 1 ? 
ATOM   186  C  CD2 . LEU A 1 24  ? 3.030   1.933   -11.793 1.000 16.103 ? 63  LEU AAA CD2 1 ? 
ATOM   187  N  N   . GLN A 1 25  ? -0.505  0.224   -15.547 1.000 15.155 ? 64  GLN AAA N   1 ? 
ATOM   188  C  CA  . GLN A 1 25  ? -1.937  0.111   -15.847 1.000 16.287 ? 64  GLN AAA CA  1 ? 
ATOM   189  C  C   . GLN A 1 25  ? -2.501  -1.190  -15.261 1.000 16.153 ? 64  GLN AAA C   1 ? 
ATOM   190  O  O   . GLN A 1 25  ? -3.582  -1.206  -14.691 1.000 18.190 ? 64  GLN AAA O   1 ? 
ATOM   191  C  CB  . GLN A 1 25  ? -2.136  0.202   -17.360 1.000 18.914 ? 64  GLN AAA CB  1 ? 
ATOM   192  C  CG  . GLN A 1 25  ? -2.033  1.633   -17.855 1.000 24.113 ? 64  GLN AAA CG  1 ? 
ATOM   193  C  CD  . GLN A 1 25  ? -1.771  1.697   -19.344 0.500 23.795 ? 64  GLN AAA CD  1 ? 
ATOM   194  O  OE1 . GLN A 1 25  ? -1.466  0.697   -19.993 0.500 25.809 ? 64  GLN AAA OE1 1 ? 
ATOM   195  N  NE2 . GLN A 1 25  ? -1.904  2.884   -19.903 0.500 27.638 ? 64  GLN AAA NE2 1 ? 
ATOM   196  N  N   . TYR A 1 26  ? -1.733  -2.281  -15.398 1.000 15.364 ? 65  TYR AAA N   1 ? 
ATOM   197  C  CA  . TYR A 1 26  ? -2.104  -3.558  -14.802 1.000 14.932 ? 65  TYR AAA CA  1 ? 
ATOM   198  C  C   . TYR A 1 26  ? -2.186  -3.464  -13.273 1.000 15.770 ? 65  TYR AAA C   1 ? 
ATOM   199  O  O   . TYR A 1 26  ? -3.090  -4.006  -12.635 1.000 15.530 ? 65  TYR AAA O   1 ? 
ATOM   200  C  CB  . TYR A 1 26  ? -1.088  -4.602  -15.252 1.000 15.188 ? 65  TYR AAA CB  1 ? 
ATOM   201  C  CG  . TYR A 1 26  ? -1.255  -5.975  -14.627 1.000 15.723 ? 65  TYR AAA CG  1 ? 
ATOM   202  C  CD1 . TYR A 1 26  ? -0.646  -6.334  -13.430 1.000 15.951 ? 65  TYR AAA CD1 1 ? 
ATOM   203  C  CD2 . TYR A 1 26  ? -1.988  -6.950  -15.296 1.000 17.282 ? 65  TYR AAA CD2 1 ? 
ATOM   204  C  CE1 . TYR A 1 26  ? -0.753  -7.629  -12.917 1.000 16.753 ? 65  TYR AAA CE1 1 ? 
ATOM   205  C  CE2 . TYR A 1 26  ? -2.107  -8.236  -14.792 1.000 17.444 ? 65  TYR AAA CE2 1 ? 
ATOM   206  C  CZ  . TYR A 1 26  ? -1.504  -8.575  -13.594 1.000 16.761 ? 65  TYR AAA CZ  1 ? 
ATOM   207  O  OH  . TYR A 1 26  ? -1.599  -9.859  -13.093 1.000 18.561 ? 65  TYR AAA OH  1 ? 
ATOM   208  N  N   . LEU A 1 27  ? -1.225  -2.773  -12.652 1.000 14.516 ? 66  LEU AAA N   1 ? 
ATOM   209  C  CA  . LEU A 1 27  ? -1.278  -2.605  -11.193 1.000 14.908 ? 66  LEU AAA CA  1 ? 
ATOM   210  C  C   . LEU A 1 27  ? -2.554  -1.905  -10.761 1.000 16.202 ? 66  LEU AAA C   1 ? 
ATOM   211  O  O   . LEU A 1 27  ? -3.043  -2.227  -9.670  1.000 17.169 ? 66  LEU AAA O   1 ? 
ATOM   212  C  CB  . LEU A 1 27  ? -0.009  -1.885  -10.705 1.000 15.997 ? 66  LEU AAA CB  1 ? 
ATOM   213  C  CG  . LEU A 1 27  ? 1.221   -2.787  -10.613 1.000 16.841 ? 66  LEU AAA CG  1 ? 
ATOM   214  C  CD1 . LEU A 1 27  ? 2.495   -1.956  -10.696 1.000 18.005 ? 66  LEU AAA CD1 1 ? 
ATOM   215  C  CD2 . LEU A 1 27  ? 1.206   -3.549  -9.290  1.000 22.274 ? 66  LEU AAA CD2 1 ? 
ATOM   216  N  N   . LEU A 1 28  ? -3.046  -0.935  -11.526 1.000 15.154 ? 67  LEU AAA N   1 ? 
ATOM   217  C  CA  . LEU A 1 28  ? -4.290  -0.274  -11.155 1.000 15.399 ? 67  LEU AAA CA  1 ? 
ATOM   218  C  C   . LEU A 1 28  ? -5.497  -1.166  -11.475 1.000 16.177 ? 67  LEU AAA C   1 ? 
ATOM   219  O  O   . LEU A 1 28  ? -6.346  -1.372  -10.591 1.000 17.170 ? 67  LEU AAA O   1 ? 
ATOM   220  C  CB  . LEU A 1 28  ? -4.397  1.087   -11.844 1.000 17.209 ? 67  LEU AAA CB  1 ? 
ATOM   221  C  CG  . LEU A 1 28  ? -5.710  1.847   -11.573 1.000 18.888 ? 67  LEU AAA CG  1 ? 
ATOM   222  C  CD1 . LEU A 1 28  ? -5.942  2.046   -10.077 1.000 19.696 ? 67  LEU AAA CD1 1 ? 
ATOM   223  C  CD2 . LEU A 1 28  ? -5.652  3.188   -12.297 1.000 20.680 ? 67  LEU AAA CD2 1 ? 
ATOM   224  N  N   . ARG A 1 29  ? -5.603  -1.640  -12.726 1.000 17.232 ? 68  ARG AAA N   1 ? 
ATOM   225  C  CA  . ARG A 1 29  ? -6.836  -2.224  -13.245 1.000 18.742 ? 68  ARG AAA CA  1 ? 
ATOM   226  C  C   . ARG A 1 29  ? -7.018  -3.653  -12.751 1.000 18.541 ? 68  ARG AAA C   1 ? 
ATOM   227  O  O   . ARG A 1 29  ? -8.144  -4.117  -12.646 1.000 22.736 ? 68  ARG AAA O   1 ? 
ATOM   228  C  CB  . ARG A 1 29  ? -6.868  -2.163  -14.781 1.000 20.894 ? 68  ARG AAA CB  1 ? 
ATOM   229  C  CG  . ARG A 1 29  ? -6.753  -0.762  -15.381 1.000 25.352 ? 68  ARG AAA CG  1 ? 
ATOM   230  C  CD  . ARG A 1 29  ? -6.664  -0.887  -16.899 1.000 30.182 ? 68  ARG AAA CD  1 ? 
ATOM   231  N  NE  . ARG A 1 29  ? -6.328  0.340   -17.625 0.500 28.504 ? 68  ARG AAA NE  1 ? 
ATOM   232  C  CZ  . ARG A 1 29  ? -5.681  0.404   -18.792 0.500 27.298 ? 68  ARG AAA CZ  1 ? 
ATOM   233  N  NH1 . ARG A 1 29  ? -5.281  -0.694  -19.410 0.500 33.113 ? 68  ARG AAA NH1 1 ? 
ATOM   234  N  NH2 . ARG A 1 29  ? -5.442  1.575   -19.352 0.500 29.323 ? 68  ARG AAA NH2 1 ? 
ATOM   235  N  N   . VAL A 1 30  ? -5.924  -4.342  -12.456 1.000 17.873 ? 69  VAL AAA N   1 ? 
ATOM   236  C  CA  . VAL A 1 30  ? -5.963  -5.731  -12.006 1.000 18.687 ? 69  VAL AAA CA  1 ? 
ATOM   237  C  C   . VAL A 1 30  ? -5.600  -5.843  -10.518 1.000 19.120 ? 69  VAL AAA C   1 ? 
ATOM   238  O  O   . VAL A 1 30  ? -6.367  -6.402  -9.709  1.000 20.123 ? 69  VAL AAA O   1 ? 
ATOM   239  C  CB  . VAL A 1 30  ? -5.097  -6.667  -12.876 1.000 18.881 ? 69  VAL AAA CB  1 ? 
ATOM   240  C  CG1 . VAL A 1 30  ? -5.221  -8.092  -12.362 1.000 20.614 ? 69  VAL AAA CG1 1 ? 
ATOM   241  C  CG2 . VAL A 1 30  ? -5.544  -6.660  -14.340 1.000 19.412 ? 69  VAL AAA CG2 1 ? 
ATOM   242  N  N   . VAL A 1 31  ? -4.396  -5.403  -10.124 1.000 16.713 ? 70  VAL AAA N   1 ? 
ATOM   243  C  CA  . VAL A 1 31  ? -3.895  -5.669  -8.788  1.000 16.247 ? 70  VAL AAA CA  1 ? 
ATOM   244  C  C   . VAL A 1 31  ? -4.649  -4.857  -7.734  1.000 15.723 ? 70  VAL AAA C   1 ? 
ATOM   245  O  O   . VAL A 1 31  ? -5.208  -5.445  -6.778  1.000 17.555 ? 70  VAL AAA O   1 ? 
ATOM   246  C  CB  . VAL A 1 31  ? -2.380  -5.455  -8.695  1.000 15.786 ? 70  VAL AAA CB  1 ? 
ATOM   247  C  CG1 . VAL A 1 31  ? -1.823  -5.780  -7.295  1.000 18.346 ? 70  VAL AAA CG1 1 ? 
ATOM   248  C  CG2 . VAL A 1 31  ? -1.623  -6.216  -9.779  1.000 18.358 ? 70  VAL AAA CG2 1 ? 
ATOM   249  N  N   . LEU A 1 32  ? -4.657  -3.526  -7.856  1.000 15.507 ? 71  LEU AAA N   1 ? 
ATOM   250  C  CA  . LEU A 1 32  ? -5.361  -2.697  -6.887  1.000 17.832 ? 71  LEU AAA CA  1 ? 
ATOM   251  C  C   . LEU A 1 32  ? -6.839  -3.059  -6.879  1.000 19.524 ? 71  LEU AAA C   1 ? 
ATOM   252  O  O   . LEU A 1 32  ? -7.419  -3.234  -5.796  1.000 18.008 ? 71  LEU AAA O   1 ? 
ATOM   253  C  CB  . LEU A 1 32  ? -5.170  -1.214  -7.170  1.000 18.151 ? 71  LEU AAA CB  1 ? 
ATOM   254  C  CG  . LEU A 1 32  ? -5.840  -0.337  -6.089  1.000 19.825 ? 71  LEU AAA CG  1 ? 
ATOM   255  C  CD1 . LEU A 1 32  ? -5.104  -0.425  -4.752  1.000 20.342 ? 71  LEU AAA CD1 1 ? 
ATOM   256  C  CD2 . LEU A 1 32  ? -6.067  1.081   -6.580  1.000 23.875 ? 71  LEU AAA CD2 1 ? 
ATOM   257  N  N   . LYS A 1 33  ? -7.452  -3.221  -8.050  1.000 19.959 ? 72  LYS AAA N   1 ? 
ATOM   258  C  CA  . LYS A 1 33  ? -8.888  -3.499  -8.112  1.000 21.621 ? 72  LYS AAA CA  1 ? 
ATOM   259  C  C   . LYS A 1 33  ? -9.218  -4.773  -7.337  1.000 20.697 ? 72  LYS AAA C   1 ? 
ATOM   260  O  O   . LYS A 1 33  ? -10.231 -4.804  -6.631  1.000 23.532 ? 72  LYS AAA O   1 ? 
ATOM   261  C  CB  . LYS A 1 33  ? -9.327  -3.718  -9.572  1.000 24.698 ? 72  LYS AAA CB  1 ? 
ATOM   262  C  CG  . LYS A 1 33  ? -10.801 -4.057  -9.779  0.500 24.172 ? 72  LYS AAA CG  1 ? 
ATOM   263  C  CD  . LYS A 1 33  ? -11.182 -4.368  -11.225 0.500 26.289 ? 72  LYS AAA CD  1 ? 
ATOM   264  C  CE  . LYS A 1 33  ? -10.836 -5.769  -11.682 0.500 28.736 ? 72  LYS AAA CE  1 ? 
ATOM   265  N  NZ  . LYS A 1 33  ? -11.671 -6.796  -11.013 0.500 27.877 ? 72  LYS AAA NZ  1 ? 
ATOM   266  N  N   . THR A 1 34  ? -8.380  -5.809  -7.473  1.000 19.035 ? 73  THR AAA N   1 ? 
ATOM   267  C  CA  . THR A 1 34  ? -8.600  -7.115  -6.859  1.000 21.587 ? 73  THR AAA CA  1 ? 
ATOM   268  C  C   . THR A 1 34  ? -8.496  -6.965  -5.340  1.000 20.257 ? 73  THR AAA C   1 ? 
ATOM   269  O  O   . THR A 1 34  ? -9.313  -7.465  -4.569  1.000 20.702 ? 73  THR AAA O   1 ? 
ATOM   270  C  CB  . THR A 1 34  ? -7.585  -8.170  -7.335  1.000 23.218 ? 73  THR AAA CB  1 ? 
ATOM   271  O  OG1 . THR A 1 34  ? -7.897  -8.444  -8.708  1.000 28.262 ? 73  THR AAA OG1 1 ? 
ATOM   272  C  CG2 . THR A 1 34  ? -7.615  -9.462  -6.525  1.000 25.891 ? 73  THR AAA CG2 1 ? 
ATOM   273  N  N   . LEU A 1 35  ? -7.421  -6.317  -4.873  1.000 18.001 ? 74  LEU AAA N   1 ? 
ATOM   274  C  CA  . LEU A 1 35  ? -7.168  -6.256  -3.438  1.000 16.763 ? 74  LEU AAA CA  1 ? 
ATOM   275  C  C   . LEU A 1 35  ? -8.148  -5.290  -2.763  1.000 16.533 ? 74  LEU AAA C   1 ? 
ATOM   276  O  O   . LEU A 1 35  ? -8.519  -5.537  -1.624  1.000 18.337 ? 74  LEU AAA O   1 ? 
ATOM   277  C  CB  . LEU A 1 35  ? -5.716  -5.793  -3.165  1.000 16.543 ? 74  LEU AAA CB  1 ? 
ATOM   278  C  CG  . LEU A 1 35  ? -4.708  -6.935  -3.007  1.000 20.453 ? 74  LEU AAA CG  1 ? 
ATOM   279  C  CD1 . LEU A 1 35  ? -4.522  -7.717  -4.304  1.000 20.157 ? 74  LEU AAA CD1 1 ? 
ATOM   280  C  CD2 . LEU A 1 35  ? -3.363  -6.441  -2.468  1.000 20.159 ? 74  LEU AAA CD2 1 ? 
ATOM   281  N  N   . TRP A 1 36  ? -8.541  -4.205  -3.416  1.000 16.399 ? 75  TRP AAA N   1 ? 
ATOM   282  C  CA  . TRP A 1 36  ? -9.365  -3.172  -2.797  1.000 17.316 ? 75  TRP AAA CA  1 ? 
ATOM   283  C  C   . TRP A 1 36  ? -10.741 -3.694  -2.380  1.000 19.113 ? 75  TRP AAA C   1 ? 
ATOM   284  O  O   . TRP A 1 36  ? -11.274 -3.234  -1.370  1.000 20.225 ? 75  TRP AAA O   1 ? 
ATOM   285  C  CB  . TRP A 1 36  ? -9.513  -1.967  -3.740  1.000 17.857 ? 75  TRP AAA CB  1 ? 
ATOM   286  C  CG  . TRP A 1 36  ? -10.206 -0.798  -3.128  1.000 18.804 ? 75  TRP AAA CG  1 ? 
ATOM   287  C  CD1 . TRP A 1 36  ? -11.548 -0.519  -3.121  1.000 20.783 ? 75  TRP AAA CD1 1 ? 
ATOM   288  C  CD2 . TRP A 1 36  ? -9.571  0.264   -2.402  1.000 16.987 ? 75  TRP AAA CD2 1 ? 
ATOM   289  N  NE1 . TRP A 1 36  ? -11.783 0.657   -2.462  1.000 22.138 ? 75  TRP AAA NE1 1 ? 
ATOM   290  C  CE2 . TRP A 1 36  ? -10.579 1.176   -2.030  1.000 18.412 ? 75  TRP AAA CE2 1 ? 
ATOM   291  C  CE3 . TRP A 1 36  ? -8.233  0.548   -2.069  1.000 16.090 ? 75  TRP AAA CE3 1 ? 
ATOM   292  C  CZ2 . TRP A 1 36  ? -10.294 2.323   -1.312  1.000 17.884 ? 75  TRP AAA CZ2 1 ? 
ATOM   293  C  CZ3 . TRP A 1 36  ? -7.951  1.692   -1.368  1.000 16.787 ? 75  TRP AAA CZ3 1 ? 
ATOM   294  C  CH2 . TRP A 1 36  ? -8.970  2.569   -0.992  1.000 17.458 ? 75  TRP AAA CH2 1 ? 
ATOM   295  N  N   . LYS A 1 37  ? -11.290 -4.620  -3.173  1.000 20.102 ? 76  LYS AAA N   1 ? 
ATOM   296  C  CA  . LYS A 1 37  ? -12.653 -5.106  -2.939  1.000 18.915 ? 76  LYS AAA CA  1 ? 
ATOM   297  C  C   . LYS A 1 37  ? -12.655 -6.341  -2.051  1.000 21.296 ? 76  LYS AAA C   1 ? 
ATOM   298  O  O   . LYS A 1 37  ? -13.738 -6.810  -1.683  1.000 23.609 ? 76  LYS AAA O   1 ? 
ATOM   299  C  CB  . LYS A 1 37  ? -13.328 -5.435  -4.284  1.000 23.189 ? 76  LYS AAA CB  1 ? 
ATOM   300  C  CG  . LYS A 1 37  ? -12.717 -6.607  -5.038  1.000 22.774 ? 76  LYS AAA CG  1 ? 
ATOM   301  C  CD  . LYS A 1 37  ? -13.494 -6.886  -6.356  1.000 30.791 ? 76  LYS AAA CD  1 ? 
ATOM   302  C  CE  . LYS A 1 37  ? -12.732 -7.627  -7.439  1.000 35.616 ? 76  LYS AAA CE  1 ? 
ATOM   303  N  NZ  . LYS A 1 37  ? -12.881 -9.100  -7.366  1.000 38.517 ? 76  LYS AAA NZ  1 ? 
ATOM   304  N  N   . HIS A 1 38  ? -11.482 -6.865  -1.684  1.000 18.750 ? 77  HIS AAA N   1 ? 
ATOM   305  C  CA  . HIS A 1 38  ? -11.383 -7.997  -0.780  1.000 17.108 ? 77  HIS AAA CA  1 ? 
ATOM   306  C  C   . HIS A 1 38  ? -12.066 -7.698  0.554   1.000 16.295 ? 77  HIS AAA C   1 ? 
ATOM   307  O  O   . HIS A 1 38  ? -11.986 -6.603  1.071   1.000 16.919 ? 77  HIS AAA O   1 ? 
ATOM   308  C  CB  . HIS A 1 38  ? -9.908  -8.427  -0.627  1.000 18.292 ? 77  HIS AAA CB  1 ? 
ATOM   309  C  CG  . HIS A 1 38  ? -9.724  -9.769  -0.030  1.000 18.391 ? 77  HIS AAA CG  1 ? 
ATOM   310  N  ND1 . HIS A 1 38  ? -9.867  -10.002 1.320   1.000 16.889 ? 77  HIS AAA ND1 1 ? 
ATOM   311  C  CD2 . HIS A 1 38  ? -9.427  -10.966 -0.598  1.000 20.660 ? 77  HIS AAA CD2 1 ? 
ATOM   312  C  CE1 . HIS A 1 38  ? -9.664  -11.285 1.560   1.000 19.372 ? 77  HIS AAA CE1 1 ? 
ATOM   313  N  NE2 . HIS A 1 38  ? -9.331  -11.891 0.389   1.000 21.981 ? 77  HIS AAA NE2 1 ? 
ATOM   314  N  N   . GLN A 1 39  ? -12.724 -8.735  1.121   1.000 16.811 ? 78  GLN AAA N   1 ? 
ATOM   315  C  CA  . GLN A 1 39  ? -13.360 -8.663  2.420   1.000 17.728 ? 78  GLN AAA CA  1 ? 
ATOM   316  C  C   . GLN A 1 39  ? -12.427 -8.109  3.492   1.000 15.822 ? 78  GLN AAA C   1 ? 
ATOM   317  O  O   . GLN A 1 39  ? -12.880 -7.398  4.353   1.000 16.291 ? 78  GLN AAA O   1 ? 
ATOM   318  C  CB  . GLN A 1 39  ? -13.874 -10.043 2.854   1.000 17.596 ? 78  GLN AAA CB  1 ? 
ATOM   319  C  CG  . GLN A 1 39  ? -14.643 -10.011 4.174   1.000 21.658 ? 78  GLN AAA CG  1 ? 
ATOM   320  C  CD  . GLN A 1 39  ? -15.182 -11.378 4.508   1.000 24.347 ? 78  GLN AAA CD  1 ? 
ATOM   321  O  OE1 . GLN A 1 39  ? -16.409 -11.535 4.680   1.000 27.387 ? 78  GLN AAA OE1 1 ? 
ATOM   322  N  NE2 . GLN A 1 39  ? -14.299 -12.379 4.525   1.000 19.678 ? 78  GLN AAA NE2 1 ? 
ATOM   323  N  N   . PHE A 1 40  ? -11.127 -8.403  3.367   1.000 16.781 ? 79  PHE AAA N   1 ? 
ATOM   324  C  CA  . PHE A 1 40  ? -10.202 -7.989  4.409   1.000 15.102 ? 79  PHE AAA CA  1 ? 
ATOM   325  C  C   . PHE A 1 40  ? -9.425  -6.708  4.059   1.000 14.043 ? 79  PHE AAA C   1 ? 
ATOM   326  O  O   . PHE A 1 40  ? -8.451  -6.396  4.790   1.000 14.919 ? 79  PHE AAA O   1 ? 
ATOM   327  C  CB  . PHE A 1 40  ? -9.189  -9.117  4.619   1.000 15.041 ? 79  PHE AAA CB  1 ? 
ATOM   328  C  CG  . PHE A 1 40  ? -9.726  -10.373 5.254   1.000 15.235 ? 79  PHE AAA CG  1 ? 
ATOM   329  C  CD1 . PHE A 1 40  ? -10.934 -10.387 5.935   1.000 15.539 ? 79  PHE AAA CD1 1 ? 
ATOM   330  C  CD2 . PHE A 1 40  ? -8.967  -11.543 5.168   1.000 16.735 ? 79  PHE AAA CD2 1 ? 
ATOM   331  C  CE1 . PHE A 1 40  ? -11.365 -11.561 6.549   1.000 17.297 ? 79  PHE AAA CE1 1 ? 
ATOM   332  C  CE2 . PHE A 1 40  ? -9.399  -12.714 5.788   1.000 19.171 ? 79  PHE AAA CE2 1 ? 
ATOM   333  C  CZ  . PHE A 1 40  ? -10.601 -12.715 6.474   1.000 17.732 ? 79  PHE AAA CZ  1 ? 
ATOM   334  N  N   . ALA A 1 41  ? -9.875  -5.947  3.030   1.000 14.578 ? 80  ALA AAA N   1 ? 
ATOM   335  C  CA  . ALA A 1 41  ? -9.123  -4.778  2.607   1.000 14.257 ? 80  ALA AAA CA  1 ? 
ATOM   336  C  C   . ALA A 1 41  ? -9.214  -3.626  3.596   1.000 15.732 ? 80  ALA AAA C   1 ? 
ATOM   337  O  O   . ALA A 1 41  ? -8.337  -2.765  3.599   1.000 15.125 ? 80  ALA AAA O   1 ? 
ATOM   338  C  CB  . ALA A 1 41  ? -9.610  -4.301  1.253   1.000 16.364 ? 80  ALA AAA CB  1 ? 
ATOM   339  N  N   . TRP A 1 42  ? -10.338 -3.505  4.343   1.000 15.261 ? 81  TRP AAA N   1 ? 
ATOM   340  C  CA  . TRP A 1 42  ? -10.662 -2.246  4.980   1.000 13.928 ? 81  TRP AAA CA  1 ? 
ATOM   341  C  C   . TRP A 1 42  ? -9.561  -1.691  5.887   1.000 15.015 ? 81  TRP AAA C   1 ? 
ATOM   342  O  O   . TRP A 1 42  ? -9.384  -0.462  5.896   1.000 15.133 ? 81  TRP AAA O   1 ? 
ATOM   343  C  CB  . TRP A 1 42  ? -12.054 -2.268  5.682   1.000 14.817 ? 81  TRP AAA CB  1 ? 
ATOM   344  C  CG  . TRP A 1 42  ? -12.188 -3.267  6.797   1.000 15.151 ? 81  TRP AAA CG  1 ? 
ATOM   345  C  CD1 . TRP A 1 42  ? -12.599 -4.573  6.683   1.000 16.233 ? 81  TRP AAA CD1 1 ? 
ATOM   346  C  CD2 . TRP A 1 42  ? -11.765 -3.103  8.164   1.000 16.001 ? 81  TRP AAA CD2 1 ? 
ATOM   347  N  NE1 . TRP A 1 42  ? -12.553 -5.190  7.907   1.000 17.243 ? 81  TRP AAA NE1 1 ? 
ATOM   348  C  CE2 . TRP A 1 42  ? -12.061 -4.310  8.829   1.000 15.796 ? 81  TRP AAA CE2 1 ? 
ATOM   349  C  CE3 . TRP A 1 42  ? -11.260 -2.021  8.915   1.000 16.756 ? 81  TRP AAA CE3 1 ? 
ATOM   350  C  CZ2 . TRP A 1 42  ? -11.790 -4.488  10.190  1.000 17.677 ? 81  TRP AAA CZ2 1 ? 
ATOM   351  C  CZ3 . TRP A 1 42  ? -10.996 -2.199  10.260  1.000 18.260 ? 81  TRP AAA CZ3 1 ? 
ATOM   352  C  CH2 . TRP A 1 42  ? -11.273 -3.408  10.883  1.000 18.720 ? 81  TRP AAA CH2 1 ? 
ATOM   353  N  N   . PRO A 1 43  ? -8.793  -2.482  6.660   1.000 13.404 ? 82  PRO AAA N   1 ? 
ATOM   354  C  CA  . PRO A 1 43  ? -7.774  -1.873  7.515   1.000 13.065 ? 82  PRO AAA CA  1 ? 
ATOM   355  C  C   . PRO A 1 43  ? -6.625  -1.256  6.713   1.000 12.948 ? 82  PRO AAA C   1 ? 
ATOM   356  O  O   . PRO A 1 43  ? -5.836  -0.515  7.313   1.000 13.636 ? 82  PRO AAA O   1 ? 
ATOM   357  C  CB  . PRO A 1 43  ? -7.164  -3.063  8.294   1.000 14.048 ? 82  PRO AAA CB  1 ? 
ATOM   358  C  CG  . PRO A 1 43  ? -8.303  -4.123  8.222   1.000 14.083 ? 82  PRO AAA CG  1 ? 
ATOM   359  C  CD  . PRO A 1 43  ? -8.904  -3.944  6.852   1.000 13.309 ? 82  PRO AAA CD  1 ? 
ATOM   360  N  N   . PHE A 1 44  ? -6.574  -1.558  5.400   1.000 12.881 ? 83  PHE AAA N   1 ? 
ATOM   361  C  CA  . PHE A 1 44  ? -5.446  -1.138  4.589   1.000 11.678 ? 83  PHE AAA CA  1 ? 
ATOM   362  C  C   . PHE A 1 44  ? -5.894  -0.088  3.583   1.000 12.318 ? 83  PHE AAA C   1 ? 
ATOM   363  O  O   . PHE A 1 44  ? -5.079  0.354   2.753   1.000 13.619 ? 83  PHE AAA O   1 ? 
ATOM   364  C  CB  . PHE A 1 44  ? -4.907  -2.361  3.836   1.000 12.546 ? 83  PHE AAA CB  1 ? 
ATOM   365  C  CG  . PHE A 1 44  ? -4.536  -3.479  4.772   1.000 13.136 ? 83  PHE AAA CG  1 ? 
ATOM   366  C  CD1 . PHE A 1 44  ? -3.349  -3.417  5.494   1.000 14.674 ? 83  PHE AAA CD1 1 ? 
ATOM   367  C  CD2 . PHE A 1 44  ? -5.408  -4.548  5.015   1.000 13.776 ? 83  PHE AAA CD2 1 ? 
ATOM   368  C  CE1 . PHE A 1 44  ? -3.010  -4.405  6.412   1.000 14.966 ? 83  PHE AAA CE1 1 ? 
ATOM   369  C  CE2 . PHE A 1 44  ? -5.073  -5.530  5.952   1.000 13.765 ? 83  PHE AAA CE2 1 ? 
ATOM   370  C  CZ  . PHE A 1 44  ? -3.877  -5.472  6.639   1.000 13.980 ? 83  PHE AAA CZ  1 ? 
ATOM   371  N  N   . GLN A 1 45  ? -7.126  0.422   3.646   1.000 13.209 ? 84  GLN AAA N   1 ? 
ATOM   372  C  CA  . GLN A 1 45  ? -7.618  1.341   2.629   1.000 13.048 ? 84  GLN AAA CA  1 ? 
ATOM   373  C  C   . GLN A 1 45  ? -7.313  2.814   2.913   1.000 12.689 ? 84  GLN AAA C   1 ? 
ATOM   374  O  O   . GLN A 1 45  ? -7.643  3.682   2.110   1.000 13.774 ? 84  GLN AAA O   1 ? 
ATOM   375  C  CB  . GLN A 1 45  ? -9.135  1.170   2.433   1.000 13.502 ? 84  GLN AAA CB  1 ? 
ATOM   376  C  CG  . GLN A 1 45  ? -9.487  -0.053  1.622   1.000 15.895 ? 84  GLN AAA CG  1 ? 
ATOM   377  C  CD  . GLN A 1 45  ? -10.980 -0.345  1.604   1.000 16.407 ? 84  GLN AAA CD  1 ? 
ATOM   378  O  OE1 . GLN A 1 45  ? -11.703 0.110   2.485   1.000 18.078 ? 84  GLN AAA OE1 1 ? 
ATOM   379  N  NE2 . GLN A 1 45  ? -11.425 -1.074  0.586   1.000 17.812 ? 84  GLN AAA NE2 1 ? 
ATOM   380  N  N   . GLN A 1 46  ? -6.597  3.094   4.004   1.000 12.702 ? 85  GLN AAA N   1 ? 
ATOM   381  C  CA  . GLN A 1 46  ? -6.242  4.460   4.378   1.000 12.913 ? 85  GLN AAA CA  1 ? 
ATOM   382  C  C   . GLN A 1 46  ? -5.067  4.355   5.333   1.000 13.195 ? 85  GLN AAA C   1 ? 
ATOM   383  O  O   . GLN A 1 46  ? -4.847  3.296   5.941   1.000 12.894 ? 85  GLN AAA O   1 ? 
ATOM   384  C  CB  . GLN A 1 46  ? -7.440  5.166   5.032   1.000 14.521 ? 85  GLN AAA CB  1 ? 
ATOM   385  C  CG  . GLN A 1 46  ? -7.919  4.479   6.322   1.000 14.505 ? 85  GLN AAA CG  1 ? 
ATOM   386  C  CD  . GLN A 1 46  ? -8.729  3.226   6.036   1.000 15.629 ? 85  GLN AAA CD  1 ? 
ATOM   387  O  OE1 . GLN A 1 46  ? -9.657  3.249   5.225   1.000 18.190 ? 85  GLN AAA OE1 1 ? 
ATOM   388  N  NE2 . GLN A 1 46  ? -8.387  2.140   6.712   1.000 14.536 ? 85  GLN AAA NE2 1 ? 
ATOM   389  N  N   . PRO A 1 47  ? -4.330  5.457   5.552   1.000 12.407 ? 86  PRO AAA N   1 ? 
ATOM   390  C  CA  . PRO A 1 47  ? -3.283  5.462   6.572   1.000 13.763 ? 86  PRO AAA CA  1 ? 
ATOM   391  C  C   . PRO A 1 47  ? -3.792  5.034   7.953   1.000 13.691 ? 86  PRO AAA C   1 ? 
ATOM   392  O  O   . PRO A 1 47  ? -4.966  5.278   8.305   1.000 14.901 ? 86  PRO AAA O   1 ? 
ATOM   393  C  CB  . PRO A 1 47  ? -2.827  6.927   6.626   1.000 15.327 ? 86  PRO AAA CB  1 ? 
ATOM   394  C  CG  . PRO A 1 47  ? -3.080  7.385   5.217   1.000 14.985 ? 86  PRO AAA CG  1 ? 
ATOM   395  C  CD  . PRO A 1 47  ? -4.403  6.750   4.822   1.000 15.930 ? 86  PRO AAA CD  1 ? 
ATOM   396  N  N   . VAL A 1 48  ? -2.901  4.369   8.692   1.000 13.507 ? 87  VAL AAA N   1 ? 
ATOM   397  C  CA  . VAL A 1 48  ? -3.249  3.964   10.050  1.000 14.077 ? 87  VAL AAA CA  1 ? 
ATOM   398  C  C   . VAL A 1 48  ? -3.460  5.235   10.883  1.000 14.965 ? 87  VAL AAA C   1 ? 
ATOM   399  O  O   . VAL A 1 48  ? -2.567  6.091   10.989  1.000 14.898 ? 87  VAL AAA O   1 ? 
ATOM   400  C  CB  . VAL A 1 48  ? -2.135  3.085   10.648  1.000 14.750 ? 87  VAL AAA CB  1 ? 
ATOM   401  C  CG1 . VAL A 1 48  ? -2.326  2.841   12.139  1.000 15.664 ? 87  VAL AAA CG1 1 ? 
ATOM   402  C  CG2 . VAL A 1 48  ? -2.015  1.759   9.934   1.000 15.102 ? 87  VAL AAA CG2 1 ? 
ATOM   403  N  N   . ASP A 1 49  ? -4.653  5.355   11.468  1.000 15.456 ? 88  ASP AAA N   1 ? 
ATOM   404  C  CA  . ASP A 1 49  ? -4.942  6.497   12.338  1.000 15.232 ? 88  ASP AAA CA  1 ? 
ATOM   405  C  C   . ASP A 1 49  ? -4.569  6.038   13.755  1.000 15.517 ? 88  ASP AAA C   1 ? 
ATOM   406  O  O   . ASP A 1 49  ? -5.350  5.409   14.436  1.000 15.156 ? 88  ASP AAA O   1 ? 
ATOM   407  C  CB  . ASP A 1 49  ? -6.389  6.978   12.211  1.000 17.148 ? 88  ASP AAA CB  1 ? 
ATOM   408  C  CG  . ASP A 1 49  ? -6.665  8.213   13.057  1.000 18.289 ? 88  ASP AAA CG  1 ? 
ATOM   409  O  OD1 . ASP A 1 49  ? -5.953  8.438   14.019  1.000 17.642 ? 88  ASP AAA OD1 1 ? 
ATOM   410  O  OD2 . ASP A 1 49  ? -7.724  8.837   12.824  1.000 24.575 ? 88  ASP AAA OD2 1 ? 
ATOM   411  N  N   . ALA A 1 50  ? -3.328  6.299   14.160  1.000 14.916 ? 89  ALA AAA N   1 ? 
ATOM   412  C  CA  . ALA A 1 50  ? -2.803  5.834   15.436  1.000 16.501 ? 89  ALA AAA CA  1 ? 
ATOM   413  C  C   . ALA A 1 50  ? -3.510  6.489   16.624  1.000 16.784 ? 89  ALA AAA C   1 ? 
ATOM   414  O  O   . ALA A 1 50  ? -3.554  5.888   17.702  1.000 17.157 ? 89  ALA AAA O   1 ? 
ATOM   415  C  CB  . ALA A 1 50  ? -1.314  6.058   15.468  1.000 19.295 ? 89  ALA AAA CB  1 ? 
ATOM   416  N  N   . VAL A 1 51  ? -4.069  7.684   16.423  1.000 15.550 ? 90  VAL AAA N   1 ? 
ATOM   417  C  CA  . VAL A 1 51  ? -4.802  8.348   17.498  1.000 17.030 ? 90  VAL AAA CA  1 ? 
ATOM   418  C  C   . VAL A 1 51  ? -6.121  7.616   17.731  1.000 16.409 ? 90  VAL AAA C   1 ? 
ATOM   419  O  O   . VAL A 1 51  ? -6.425  7.192   18.849  1.000 17.006 ? 90  VAL AAA O   1 ? 
ATOM   420  C  CB  . VAL A 1 51  ? -5.049  9.836   17.153  1.000 16.787 ? 90  VAL AAA CB  1 ? 
ATOM   421  C  CG1 . VAL A 1 51  ? -5.924  10.513  18.202  1.000 19.845 ? 90  VAL AAA CG1 1 ? 
ATOM   422  C  CG2 . VAL A 1 51  ? -3.717  10.573  17.010  1.000 19.593 ? 90  VAL AAA CG2 1 ? 
ATOM   423  N  N   . LYS A 1 52  ? -6.857  7.374   16.637  1.000 16.340 ? 91  LYS AAA N   1 ? 
ATOM   424  C  CA  . LYS A 1 52  ? -8.153  6.749   16.811  1.000 18.735 ? 91  LYS AAA CA  1 ? 
ATOM   425  C  C   . LYS A 1 52  ? -8.011  5.325   17.352  1.000 18.189 ? 91  LYS AAA C   1 ? 
ATOM   426  O  O   . LYS A 1 52  ? -8.856  4.872   18.116  1.000 17.643 ? 91  LYS AAA O   1 ? 
ATOM   427  C  CB  . LYS A 1 52  ? -8.949  6.745   15.510  1.000 20.151 ? 91  LYS AAA CB  1 ? 
ATOM   428  C  CG  . LYS A 1 52  ? -10.435 6.512   15.733  1.000 26.391 ? 91  LYS AAA CG  1 ? 
ATOM   429  C  CD  . LYS A 1 52  ? -11.282 6.855   14.541  1.000 26.080 ? 91  LYS AAA CD  1 ? 
ATOM   430  C  CE  . LYS A 1 52  ? -12.765 6.933   14.881  1.000 24.686 ? 91  LYS AAA CE  1 ? 
ATOM   431  N  NZ  . LYS A 1 52  ? -13.552 6.969   13.637  1.000 26.339 ? 91  LYS AAA NZ  1 ? 
ATOM   432  N  N   . LEU A 1 53  ? -6.993  4.588   16.898  1.000 16.306 ? 92  LEU AAA N   1 ? 
ATOM   433  C  CA  . LEU A 1 53  ? -6.764  3.212   17.331  1.000 16.556 ? 92  LEU AAA CA  1 ? 
ATOM   434  C  C   . LEU A 1 53  ? -6.076  3.107   18.694  1.000 18.031 ? 92  LEU AAA C   1 ? 
ATOM   435  O  O   . LEU A 1 53  ? -5.817  1.996   19.173  1.000 17.897 ? 92  LEU AAA O   1 ? 
ATOM   436  C  CB  . LEU A 1 53  ? -5.953  2.496   16.248  1.000 16.539 ? 92  LEU AAA CB  1 ? 
ATOM   437  C  CG  . LEU A 1 53  ? -6.716  2.298   14.931  1.000 17.252 ? 92  LEU AAA CG  1 ? 
ATOM   438  C  CD1 . LEU A 1 53  ? -5.793  1.852   13.817  1.000 22.059 ? 92  LEU AAA CD1 1 ? 
ATOM   439  C  CD2 . LEU A 1 53  ? -7.851  1.296   15.065  1.000 22.227 ? 92  LEU AAA CD2 1 ? 
ATOM   440  N  N   . ASN A 1 54  ? -5.693  4.246   19.274  1.000 17.056 ? 93  ASN AAA N   1 ? 
ATOM   441  C  CA  . ASN A 1 54  ? -4.974  4.263   20.550  1.000 18.102 ? 93  ASN AAA CA  1 ? 
ATOM   442  C  C   . ASN A 1 54  ? -3.689  3.433   20.477  1.000 17.783 ? 93  ASN AAA C   1 ? 
ATOM   443  O  O   . ASN A 1 54  ? -3.418  2.568   21.335  1.000 21.102 ? 93  ASN AAA O   1 ? 
ATOM   444  C  CB  . ASN A 1 54  ? -5.861  3.834   21.731  1.000 21.277 ? 93  ASN AAA CB  1 ? 
ATOM   445  C  CG  . ASN A 1 54  ? -5.153  4.039   23.053  1.000 28.531 ? 93  ASN AAA CG  1 ? 
ATOM   446  O  OD1 . ASN A 1 54  ? -4.326  4.953   23.202  1.000 29.294 ? 93  ASN AAA OD1 1 ? 
ATOM   447  N  ND2 . ASN A 1 54  ? -5.441  3.171   24.014  1.000 30.251 ? 93  ASN AAA ND2 1 ? 
ATOM   448  N  N   . LEU A 1 55  ? -2.881  3.699   19.439  1.000 16.142 ? 94  LEU AAA N   1 ? 
ATOM   449  C  CA  . LEU A 1 55  ? -1.594  3.028   19.225  1.000 14.967 ? 94  LEU AAA CA  1 ? 
ATOM   450  C  C   . LEU A 1 55  ? -0.573  4.144   19.189  1.000 16.525 ? 94  LEU AAA C   1 ? 
ATOM   451  O  O   . LEU A 1 55  ? -0.023  4.445   18.134  1.000 14.397 ? 94  LEU AAA O   1 ? 
ATOM   452  C  CB  . LEU A 1 55  ? -1.636  2.282   17.885  1.000 16.633 ? 94  LEU AAA CB  1 ? 
ATOM   453  C  CG  . LEU A 1 55  ? -2.671  1.157   17.786  1.000 17.220 ? 94  LEU AAA CG  1 ? 
ATOM   454  C  CD1 . LEU A 1 55  ? -2.603  0.544   16.380  1.000 20.447 ? 94  LEU AAA CD1 1 ? 
ATOM   455  C  CD2 . LEU A 1 55  ? -2.434  0.114   18.861  1.000 20.830 ? 94  LEU AAA CD2 1 ? 
ATOM   456  N  N   . PRO A 1 56  ? -0.293  4.844   20.306  1.000 15.117 ? 95  PRO AAA N   1 ? 
ATOM   457  C  CA  . PRO A 1 56  ? 0.619   5.978   20.245  1.000 15.369 ? 95  PRO AAA CA  1 ? 
ATOM   458  C  C   . PRO A 1 56  ? 2.038   5.636   19.834  1.000 15.669 ? 95  PRO AAA C   1 ? 
ATOM   459  O  O   . PRO A 1 56  ? 2.731   6.497   19.343  1.000 19.032 ? 95  PRO AAA O   1 ? 
ATOM   460  C  CB  . PRO A 1 56  ? 0.667   6.536   21.707  1.000 16.296 ? 95  PRO AAA CB  1 ? 
ATOM   461  C  CG  . PRO A 1 56  ? 0.191   5.369   22.504  1.000 16.144 ? 95  PRO AAA CG  1 ? 
ATOM   462  C  CD  . PRO A 1 56  ? -0.839  4.632   21.654  1.000 18.610 ? 95  PRO AAA CD  1 ? 
ATOM   463  N  N   . ASP A 1 57  ? 2.455   4.378   19.938  1.000 15.093 ? 96  ASP AAA N   1 ? 
ATOM   464  C  CA  . ASP A 1 57  ? 3.792   4.006   19.512  1.000 15.497 ? 96  ASP AAA CA  1 ? 
ATOM   465  C  C   . ASP A 1 57  ? 3.866   3.627   18.024  1.000 14.746 ? 96  ASP AAA C   1 ? 
ATOM   466  O  O   . ASP A 1 57  ? 4.932   3.256   17.565  1.000 16.626 ? 96  ASP AAA O   1 ? 
ATOM   467  C  CB  . ASP A 1 57  ? 4.371   2.865   20.349  1.000 17.025 ? 96  ASP AAA CB  1 ? 
ATOM   468  C  CG  . ASP A 1 57  ? 3.715   1.525   20.078  1.000 19.868 ? 96  ASP AAA CG  1 ? 
ATOM   469  O  OD1 . ASP A 1 57  ? 2.567   1.495   19.596  1.000 19.972 ? 96  ASP AAA OD1 1 ? 
ATOM   470  O  OD2 . ASP A 1 57  ? 4.347   0.507   20.408  1.000 24.378 ? 96  ASP AAA OD2 1 ? 
ATOM   471  N  N   . TYR A 1 58  ? 2.738   3.658   17.298  1.000 14.690 ? 97  TYR AAA N   1 ? 
ATOM   472  C  CA  . TYR A 1 58  ? 2.724   3.085   15.955  1.000 14.434 ? 97  TYR AAA CA  1 ? 
ATOM   473  C  C   . TYR A 1 58  ? 3.792   3.741   15.089  1.000 14.093 ? 97  TYR AAA C   1 ? 
ATOM   474  O  O   . TYR A 1 58  ? 4.573   3.051   14.442  1.000 14.333 ? 97  TYR AAA O   1 ? 
ATOM   475  C  CB  . TYR A 1 58  ? 1.330   3.190   15.308  1.000 15.615 ? 97  TYR AAA CB  1 ? 
ATOM   476  C  CG  . TYR A 1 58  ? 1.325   2.509   13.953  1.000 14.415 ? 97  TYR AAA CG  1 ? 
ATOM   477  C  CD1 . TYR A 1 58  ? 1.220   1.124   13.857  1.000 14.383 ? 97  TYR AAA CD1 1 ? 
ATOM   478  C  CD2 . TYR A 1 58  ? 1.467   3.234   12.780  1.000 14.909 ? 97  TYR AAA CD2 1 ? 
ATOM   479  C  CE1 . TYR A 1 58  ? 1.270   0.472   12.635  1.000 13.610 ? 97  TYR AAA CE1 1 ? 
ATOM   480  C  CE2 . TYR A 1 58  ? 1.529   2.593   11.549  1.000 14.549 ? 97  TYR AAA CE2 1 ? 
ATOM   481  C  CZ  . TYR A 1 58  ? 1.411   1.217   11.479  1.000 15.612 ? 97  TYR AAA CZ  1 ? 
ATOM   482  O  OH  . TYR A 1 58  ? 1.507   0.552   10.253  1.000 16.226 ? 97  TYR AAA OH  1 ? 
ATOM   483  N  N   . TYR A 1 59  ? 3.801   5.092   15.047  1.000 15.195 ? 98  TYR AAA N   1 ? 
ATOM   484  C  CA  . TYR A 1 59  ? 4.710   5.825   14.168  1.000 15.662 ? 98  TYR AAA CA  1 ? 
ATOM   485  C  C   . TYR A 1 59  ? 6.067   6.013   14.840  1.000 17.894 ? 98  TYR AAA C   1 ? 
ATOM   486  O  O   . TYR A 1 59  ? 6.951   6.558   14.194  1.000 19.541 ? 98  TYR AAA O   1 ? 
ATOM   487  C  CB  . TYR A 1 59  ? 4.049   7.114   13.653  1.000 15.092 ? 98  TYR AAA CB  1 ? 
ATOM   488  C  CG  . TYR A 1 59  ? 2.939   6.849   12.675  1.000 15.214 ? 98  TYR AAA CG  1 ? 
ATOM   489  C  CD1 . TYR A 1 59  ? 3.217   6.316   11.425  1.000 17.138 ? 98  TYR AAA CD1 1 ? 
ATOM   490  C  CD2 . TYR A 1 59  ? 1.602   7.048   13.035  1.000 13.334 ? 98  TYR AAA CD2 1 ? 
ATOM   491  C  CE1 . TYR A 1 59  ? 2.184   6.071   10.534  1.000 15.943 ? 98  TYR AAA CE1 1 ? 
ATOM   492  C  CE2 . TYR A 1 59  ? 0.570   6.797   12.141  1.000 15.159 ? 98  TYR AAA CE2 1 ? 
ATOM   493  C  CZ  . TYR A 1 59  ? 0.867   6.276   10.884  1.000 14.353 ? 98  TYR AAA CZ  1 ? 
ATOM   494  O  OH  . TYR A 1 59  ? -0.128  6.049   9.960   1.000 15.420 ? 98  TYR AAA OH  1 ? 
ATOM   495  N  N   . LYS A 1 60  ? 6.246   5.513   16.073  1.000 17.021 ? 99  LYS AAA N   1 ? 
ATOM   496  C  CA  . LYS A 1 60  ? 7.559   5.354   16.690  1.000 18.890 ? 99  LYS AAA CA  1 ? 
ATOM   497  C  C   . LYS A 1 60  ? 8.269   4.146   16.066  1.000 19.721 ? 99  LYS AAA C   1 ? 
ATOM   498  O  O   . LYS A 1 60  ? 9.473   4.168   15.851  1.000 24.261 ? 99  LYS AAA O   1 ? 
ATOM   499  C  CB  . LYS A 1 60  ? 7.377   5.150   18.200  1.000 22.714 ? 99  LYS AAA CB  1 ? 
ATOM   500  C  CG  . LYS A 1 60  ? 8.637   5.073   19.035  1.000 24.990 ? 99  LYS AAA CG  1 ? 
ATOM   501  C  CD  . LYS A 1 60  ? 9.317   6.421   19.223  1.000 29.617 ? 99  LYS AAA CD  1 ? 
ATOM   502  C  CE  . LYS A 1 60  ? 10.717  6.244   19.774  1.000 32.877 ? 99  LYS AAA CE  1 ? 
ATOM   503  N  NZ  . LYS A 1 60  ? 11.599  7.375   19.401  1.000 35.207 ? 99  LYS AAA NZ  1 ? 
ATOM   504  N  N   . ILE A 1 61  ? 7.501   3.083   15.759  1.000 17.494 ? 100 ILE AAA N   1 ? 
ATOM   505  C  CA  . ILE A 1 61  ? 8.012   1.818   15.228  1.000 17.653 ? 100 ILE AAA CA  1 ? 
ATOM   506  C  C   . ILE A 1 61  ? 8.013   1.829   13.700  1.000 16.615 ? 100 ILE AAA C   1 ? 
ATOM   507  O  O   . ILE A 1 61  ? 8.946   1.323   13.073  1.000 19.844 ? 100 ILE AAA O   1 ? 
ATOM   508  C  CB  . ILE A 1 61  ? 7.110   0.678   15.776  1.000 17.544 ? 100 ILE AAA CB  1 ? 
ATOM   509  C  CG1 . ILE A 1 61  ? 7.027   0.651   17.304  1.000 19.850 ? 100 ILE AAA CG1 1 ? 
ATOM   510  C  CG2 . ILE A 1 61  ? 7.527   -0.684  15.225  1.000 19.240 ? 100 ILE AAA CG2 1 ? 
ATOM   511  C  CD1 . ILE A 1 61  ? 8.330   0.592   17.974  1.000 23.141 ? 100 ILE AAA CD1 1 ? 
ATOM   512  N  N   . ILE A 1 62  ? 6.918   2.299   13.101  1.000 14.817 ? 101 ILE AAA N   1 ? 
ATOM   513  C  CA  . ILE A 1 62  ? 6.777   2.286   11.639  1.000 13.547 ? 101 ILE AAA CA  1 ? 
ATOM   514  C  C   . ILE A 1 62  ? 7.179   3.651   11.099  1.000 14.815 ? 101 ILE AAA C   1 ? 
ATOM   515  O  O   . ILE A 1 62  ? 6.409   4.605   11.220  1.000 15.724 ? 101 ILE AAA O   1 ? 
ATOM   516  C  CB  . ILE A 1 62  ? 5.322   1.892   11.298  1.000 14.053 ? 101 ILE AAA CB  1 ? 
ATOM   517  C  CG1 . ILE A 1 62  ? 5.017   0.476   11.811  1.000 14.704 ? 101 ILE AAA CG1 1 ? 
ATOM   518  C  CG2 . ILE A 1 62  ? 5.023   2.011   9.797   1.000 15.379 ? 101 ILE AAA CG2 1 ? 
ATOM   519  C  CD1 . ILE A 1 62  ? 6.011   -0.615  11.401  1.000 16.098 ? 101 ILE AAA CD1 1 ? 
ATOM   520  N  N   . LYS A 1 63  ? 8.370   3.682   10.506  1.000 14.713 ? 102 LYS AAA N   1 ? 
ATOM   521  C  CA  . LYS A 1 63  ? 8.923   4.951   10.013  1.000 16.157 ? 102 LYS AAA CA  1 ? 
ATOM   522  C  C   . LYS A 1 63  ? 8.729   5.049   8.514   1.000 17.264 ? 102 LYS AAA C   1 ? 
ATOM   523  O  O   . LYS A 1 63  ? 9.030   6.087   7.947   1.000 19.138 ? 102 LYS AAA O   1 ? 
ATOM   524  C  CB  . LYS A 1 63  ? 10.413  5.037   10.340  1.000 18.258 ? 102 LYS AAA CB  1 ? 
ATOM   525  C  CG  . LYS A 1 63  ? 10.712  5.079   11.822  1.000 21.273 ? 102 LYS AAA CG  1 ? 
ATOM   526  C  CD  . LYS A 1 63  ? 9.978   6.226   12.434  1.000 22.146 ? 102 LYS AAA CD  1 ? 
ATOM   527  C  CE  . LYS A 1 63  ? 10.448  6.594   13.815  1.000 26.495 ? 102 LYS AAA CE  1 ? 
ATOM   528  N  NZ  . LYS A 1 63  ? 9.519   7.576   14.405  1.000 23.155 ? 102 LYS AAA NZ  1 ? 
ATOM   529  N  N   . THR A 1 64  ? 8.297   3.990   7.847   1.000 16.447 ? 103 THR AAA N   1 ? 
ATOM   530  C  CA  . THR A 1 64  ? 8.001   4.023   6.421   1.000 18.132 ? 103 THR AAA CA  1 ? 
ATOM   531  C  C   . THR A 1 64  ? 6.561   3.568   6.198   1.000 15.722 ? 103 THR AAA C   1 ? 
ATOM   532  O  O   . THR A 1 64  ? 6.331   2.461   5.707   1.000 17.040 ? 103 THR AAA O   1 ? 
ATOM   533  C  CB  . THR A 1 64  ? 8.979   3.192   5.568   1.000 21.136 ? 103 THR AAA CB  1 ? 
ATOM   534  O  OG1 . THR A 1 64  ? 10.310  3.592   5.920   1.000 25.573 ? 103 THR AAA OG1 1 ? 
ATOM   535  C  CG2 . THR A 1 64  ? 8.829   3.442   4.077   1.000 25.065 ? 103 THR AAA CG2 1 ? 
ATOM   536  N  N   . PRO A 1 65  ? 5.559   4.389   6.557   1.000 14.940 ? 104 PRO AAA N   1 ? 
ATOM   537  C  CA  . PRO A 1 65  ? 4.170   3.953   6.463   1.000 15.622 ? 104 PRO AAA CA  1 ? 
ATOM   538  C  C   . PRO A 1 65  ? 3.719   3.872   5.013   1.000 14.307 ? 104 PRO AAA C   1 ? 
ATOM   539  O  O   . PRO A 1 65  ? 4.137   4.639   4.149   1.000 14.722 ? 104 PRO AAA O   1 ? 
ATOM   540  C  CB  . PRO A 1 65  ? 3.339   5.038   7.136   1.000 17.024 ? 104 PRO AAA CB  1 ? 
ATOM   541  C  CG  . PRO A 1 65  ? 4.340   6.095   7.618   1.000 18.767 ? 104 PRO AAA CG  1 ? 
ATOM   542  C  CD  . PRO A 1 65  ? 5.725   5.766   7.114   1.000 16.183 ? 104 PRO AAA CD  1 ? 
ATOM   543  N  N   . MET A 1 66  ? 2.825   2.921   4.726   1.000 13.786 ? 105 MET AAA N   1 ? 
ATOM   544  C  CA  . MET A 1 66  ? 2.179   2.869   3.413   1.000 12.285 ? 105 MET AAA CA  1 ? 
ATOM   545  C  C   . MET A 1 66  ? 0.838   2.177   3.574   1.000 12.198 ? 105 MET AAA C   1 ? 
ATOM   546  O  O   . MET A 1 66  ? 0.663   1.309   4.454   1.000 13.766 ? 105 MET AAA O   1 ? 
ATOM   547  C  CB  . MET A 1 66  ? 3.045   2.088   2.417   1.000 12.184 ? 105 MET AAA CB  1 ? 
ATOM   548  C  CG  . MET A 1 66  ? 2.599   2.165   0.969   1.000 14.264 ? 105 MET AAA CG  1 ? 
ATOM   549  S  SD  . MET A 1 66  ? 2.186   3.809   0.322   1.000 13.134 ? 105 MET AAA SD  1 ? 
ATOM   550  C  CE  . MET A 1 66  ? 3.735   4.692   0.561   1.000 15.080 ? 105 MET AAA CE  1 ? 
ATOM   551  N  N   . ASP A 1 67  ? -0.088  2.455   2.701   1.000 12.123 ? 106 ASP AAA N   1 ? 
ATOM   552  C  CA  . ASP A 1 67  ? -1.446  1.918   2.741   1.000 12.261 ? 106 ASP AAA CA  1 ? 
ATOM   553  C  C   . ASP A 1 67  ? -1.989  1.953   1.325   1.000 11.954 ? 106 ASP AAA C   1 ? 
ATOM   554  O  O   . ASP A 1 67  ? -1.449  2.644   0.428   1.000 12.046 ? 106 ASP AAA O   1 ? 
ATOM   555  C  CB  . ASP A 1 67  ? -2.320  2.772   3.686   1.000 12.483 ? 106 ASP AAA CB  1 ? 
ATOM   556  C  CG  . ASP A 1 67  ? -2.534  4.162   3.122   1.000 11.752 ? 106 ASP AAA CG  1 ? 
ATOM   557  O  OD1 . ASP A 1 67  ? -1.600  5.020   3.287   1.000 13.286 ? 106 ASP AAA OD1 1 ? 
ATOM   558  O  OD2 . ASP A 1 67  ? -3.540  4.358   2.444   1.000 12.128 ? 106 ASP AAA OD2 1 ? 
ATOM   559  N  N   . MET A 1 68  ? -3.099  1.238   1.076   1.000 12.464 ? 107 MET AAA N   1 ? 
ATOM   560  C  CA  . MET A 1 68  ? -3.652  1.140   -0.257  1.000 12.501 ? 107 MET AAA CA  1 ? 
ATOM   561  C  C   . MET A 1 68  ? -4.400  2.375   -0.690  1.000 13.393 ? 107 MET AAA C   1 ? 
ATOM   562  O  O   . MET A 1 68  ? -4.574  2.554   -1.885  1.000 14.136 ? 107 MET AAA O   1 ? 
ATOM   563  C  CB  . MET A 1 68  ? -4.595  -0.051  -0.394  1.000 14.614 ? 107 MET AAA CB  1 ? 
ATOM   564  C  CG  . MET A 1 68  ? -3.898  -1.393  -0.262  1.000 14.686 ? 107 MET AAA CG  1 ? 
ATOM   565  S  SD  . MET A 1 68  ? -4.864  -2.742  -1.086  1.000 15.703 ? 107 MET AAA SD  1 ? 
ATOM   566  C  CE  . MET A 1 68  ? -6.360  -2.758  -0.059  1.000 14.524 ? 107 MET AAA CE  1 ? 
ATOM   567  N  N   . GLY A 1 69  ? -4.866  3.204   0.267   1.000 12.905 ? 108 GLY AAA N   1 ? 
ATOM   568  C  CA  . GLY A 1 69  ? -5.459  4.467   -0.113  1.000 14.032 ? 108 GLY AAA CA  1 ? 
ATOM   569  C  C   . GLY A 1 69  ? -4.409  5.346   -0.801  1.000 13.864 ? 108 GLY AAA C   1 ? 
ATOM   570  O  O   . GLY A 1 69  ? -4.648  5.955   -1.875  1.000 13.927 ? 108 GLY AAA O   1 ? 
ATOM   571  N  N   . THR A 1 70  ? -3.219  5.394   -0.199  1.000 12.650 ? 109 THR AAA N   1 ? 
ATOM   572  C  CA  . THR A 1 70  ? -2.093  6.118   -0.792  1.000 12.623 ? 109 THR AAA CA  1 ? 
ATOM   573  C  C   . THR A 1 70  ? -1.715  5.517   -2.139  1.000 12.972 ? 109 THR AAA C   1 ? 
ATOM   574  O  O   . THR A 1 70  ? -1.493  6.240   -3.120  1.000 12.608 ? 109 THR AAA O   1 ? 
ATOM   575  C  CB  . THR A 1 70  ? -0.911  6.107   0.178   1.000 12.856 ? 109 THR AAA CB  1 ? 
ATOM   576  O  OG1 . THR A 1 70  ? -1.319  6.790   1.368   1.000 14.241 ? 109 THR AAA OG1 1 ? 
ATOM   577  C  CG2 . THR A 1 70  ? 0.292   6.821   -0.417  1.000 13.203 ? 109 THR AAA CG2 1 ? 
ATOM   578  N  N   . ILE A 1 71  ? -1.659  4.179   -2.209  1.000 12.297 ? 110 ILE AAA N   1 ? 
ATOM   579  C  CA  . ILE A 1 71  ? -1.271  3.561   -3.480  1.000 12.889 ? 110 ILE AAA CA  1 ? 
ATOM   580  C  C   . ILE A 1 71  ? -2.307  3.853   -4.571  1.000 13.652 ? 110 ILE AAA C   1 ? 
ATOM   581  O  O   . ILE A 1 71  ? -1.978  4.175   -5.711  1.000 13.885 ? 110 ILE AAA O   1 ? 
ATOM   582  C  CB  . ILE A 1 71  ? -1.094  2.042   -3.278  1.000 12.481 ? 110 ILE AAA CB  1 ? 
ATOM   583  C  CG1 . ILE A 1 71  ? 0.135   1.798   -2.403  1.000 12.848 ? 110 ILE AAA CG1 1 ? 
ATOM   584  C  CG2 . ILE A 1 71  ? -0.944  1.349   -4.635  1.000 13.030 ? 110 ILE AAA CG2 1 ? 
ATOM   585  C  CD1 . ILE A 1 71  ? 0.229   0.365   -1.838  1.000 13.489 ? 110 ILE AAA CD1 1 ? 
ATOM   586  N  N   . LYS A 1 72  ? -3.587  3.810   -4.199  1.000 13.671 ? 111 LYS AAA N   1 ? 
ATOM   587  C  CA  . LYS A 1 72  ? -4.648  4.082   -5.170  1.000 15.110 ? 111 LYS AAA CA  1 ? 
ATOM   588  C  C   . LYS A 1 72  ? -4.492  5.495   -5.703  1.000 16.827 ? 111 LYS AAA C   1 ? 
ATOM   589  O  O   . LYS A 1 72  ? -4.615  5.670   -6.912  1.000 17.685 ? 111 LYS AAA O   1 ? 
ATOM   590  C  CB  . LYS A 1 72  ? -5.996  3.878   -4.474  1.000 17.310 ? 111 LYS AAA CB  1 ? 
ATOM   591  C  CG  . LYS A 1 72  ? -7.212  4.144   -5.350  1.000 20.324 ? 111 LYS AAA CG  1 ? 
ATOM   592  C  CD  . LYS A 1 72  ? -8.443  3.636   -4.593  1.000 25.262 ? 111 LYS AAA CD  1 ? 
ATOM   593  C  CE  . LYS A 1 72  ? -9.658  3.524   -5.486  1.000 34.570 ? 111 LYS AAA CE  1 ? 
ATOM   594  N  NZ  . LYS A 1 72  ? -10.236 4.873   -5.608  1.000 31.101 ? 111 LYS AAA NZ  1 ? 
ATOM   595  N  N   . LYS A 1 73  ? -4.235  6.459   -4.824  1.000 16.343 ? 112 LYS AAA N   1 ? 
ATOM   596  C  CA  . LYS A 1 73  ? -4.027  7.841   -5.245  1.000 17.679 ? 112 LYS AAA CA  1 ? 
ATOM   597  C  C   . LYS A 1 73  ? -2.800  7.952   -6.153  1.000 15.991 ? 112 LYS AAA C   1 ? 
ATOM   598  O  O   . LYS A 1 73  ? -2.806  8.638   -7.172  1.000 16.199 ? 112 LYS AAA O   1 ? 
ATOM   599  C  CB  . LYS A 1 73  ? -3.859  8.785   -4.048  1.000 18.591 ? 112 LYS AAA CB  1 ? 
ATOM   600  C  CG  . LYS A 1 73  ? -5.118  9.108   -3.246  1.000 24.645 ? 112 LYS AAA CG  1 ? 
ATOM   601  C  CD  . LYS A 1 73  ? -4.839  10.194  -2.192  1.000 27.850 ? 112 LYS AAA CD  1 ? 
ATOM   602  C  CE  . LYS A 1 73  ? -6.057  10.490  -1.340  1.000 34.955 ? 112 LYS AAA CE  1 ? 
ATOM   603  N  NZ  . LYS A 1 73  ? -6.209  9.490   -0.252  1.000 45.590 ? 112 LYS AAA NZ  1 ? 
ATOM   604  N  N   . ARG A 1 74  ? -1.715  7.268   -5.778  1.000 14.991 ? 113 ARG AAA N   1 ? 
ATOM   605  C  CA  . ARG A 1 74  ? -0.497  7.297   -6.582  1.000 14.605 ? 113 ARG AAA CA  1 ? 
ATOM   606  C  C   . ARG A 1 74  ? -0.750  6.718   -7.968  1.000 14.502 ? 113 ARG AAA C   1 ? 
ATOM   607  O  O   . ARG A 1 74  ? -0.238  7.264   -8.966  1.000 14.842 ? 113 ARG AAA O   1 ? 
ATOM   608  C  CB  . ARG A 1 74  ? 0.644   6.569   -5.870  1.000 13.259 ? 113 ARG AAA CB  1 ? 
ATOM   609  C  CG  . ARG A 1 74  ? 1.263   7.356   -4.719  1.000 12.465 ? 113 ARG AAA CG  1 ? 
ATOM   610  C  CD  . ARG A 1 74  ? 2.365   6.632   -4.007  1.000 12.695 ? 113 ARG AAA CD  1 ? 
ATOM   611  N  NE  . ARG A 1 74  ? 3.025   7.476   -3.036  1.000 12.720 ? 113 ARG AAA NE  1 ? 
ATOM   612  C  CZ  . ARG A 1 74  ? 4.213   7.225   -2.473  1.000 13.383 ? 113 ARG AAA CZ  1 ? 
ATOM   613  N  NH1 . ARG A 1 74  ? 4.859   6.069   -2.627  1.000 15.326 ? 113 ARG AAA NH1 1 ? 
ATOM   614  N  NH2 . ARG A 1 74  ? 4.735   8.186   -1.714  1.000 14.684 ? 113 ARG AAA NH2 1 ? 
ATOM   615  N  N   . LEU A 1 75  ? -1.522  5.640   -8.094  1.000 14.130 ? 114 LEU AAA N   1 ? 
ATOM   616  C  CA  . LEU A 1 75  ? -1.821  5.075   -9.400  1.000 13.869 ? 114 LEU AAA CA  1 ? 
ATOM   617  C  C   . LEU A 1 75  ? -2.799  5.956   -10.187 1.000 16.501 ? 114 LEU AAA C   1 ? 
ATOM   618  O  O   . LEU A 1 75  ? -2.592  6.177   -11.395 1.000 18.018 ? 114 LEU AAA O   1 ? 
ATOM   619  C  CB  . LEU A 1 75  ? -2.427  3.684   -9.202  1.000 13.931 ? 114 LEU AAA CB  1 ? 
ATOM   620  C  CG  . LEU A 1 75  ? -1.418  2.611   -8.808  1.000 13.555 ? 114 LEU AAA CG  1 ? 
ATOM   621  C  CD1 . LEU A 1 75  ? -2.121  1.352   -8.304  1.000 14.376 ? 114 LEU AAA CD1 1 ? 
ATOM   622  C  CD2 . LEU A 1 75  ? -0.500  2.247   -9.980  1.000 14.173 ? 114 LEU AAA CD2 1 ? 
ATOM   623  N  N   . GLU A 1 76  ? -3.883  6.430   -9.552  1.000 16.679 ? 115 GLU AAA N   1 ? 
ATOM   624  C  CA  . GLU A 1 76  ? -4.901  7.255   -10.201 1.000 19.600 ? 115 GLU AAA CA  1 ? 
ATOM   625  C  C   . GLU A 1 76  ? -4.333  8.602   -10.639 1.000 21.413 ? 115 GLU AAA C   1 ? 
ATOM   626  O  O   . GLU A 1 76  ? -4.689  9.064   -11.722 1.000 23.928 ? 115 GLU AAA O   1 ? 
ATOM   627  C  CB  . GLU A 1 76  ? -6.202  7.349   -9.392  1.000 21.121 ? 115 GLU AAA CB  1 ? 
ATOM   628  C  CG  . GLU A 1 76  ? -6.887  5.986   -9.258  1.000 20.968 ? 115 GLU AAA CG  1 ? 
ATOM   629  C  CD  . GLU A 1 76  ? -8.077  6.001   -8.333  1.000 22.928 ? 115 GLU AAA CD  1 ? 
ATOM   630  O  OE1 . GLU A 1 76  ? -8.208  6.973   -7.638  1.000 26.597 ? 115 GLU AAA OE1 1 ? 
ATOM   631  O  OE2 . GLU A 1 76  ? -8.804  5.034   -8.313  1.000 28.442 ? 115 GLU AAA OE2 1 ? 
ATOM   632  N  N   . ASN A 1 77  ? -3.394  9.155   -9.856  1.000 19.851 ? 116 ASN AAA N   1 ? 
ATOM   633  C  CA  . ASN A 1 77  ? -2.802  10.453  -10.164 1.000 23.429 ? 116 ASN AAA CA  1 ? 
ATOM   634  C  C   . ASN A 1 77  ? -1.446  10.329  -10.854 1.000 22.098 ? 116 ASN AAA C   1 ? 
ATOM   635  O  O   . ASN A 1 77  ? -0.723  11.324  -10.873 1.000 28.355 ? 116 ASN AAA O   1 ? 
ATOM   636  C  CB  . ASN A 1 77  ? -2.636  11.326  -8.911  1.000 28.671 ? 116 ASN AAA CB  1 ? 
ATOM   637  C  CG  . ASN A 1 77  ? -3.873  11.474  -8.049  1.000 37.674 ? 116 ASN AAA CG  1 ? 
ATOM   638  O  OD1 . ASN A 1 77  ? -4.986  11.174  -8.471  1.000 40.672 ? 116 ASN AAA OD1 1 ? 
ATOM   639  N  ND2 . ASN A 1 77  ? -3.672  11.889  -6.804  1.000 43.254 ? 116 ASN AAA ND2 1 ? 
ATOM   640  N  N   . ASN A 1 78  ? -1.136  9.195   -11.497 1.000 22.205 ? 117 ASN AAA N   1 ? 
ATOM   641  C  CA  . ASN A 1 78  ? 0.125   8.854   -12.165 1.000 21.259 ? 117 ASN AAA CA  1 ? 
ATOM   642  C  C   . ASN A 1 78  ? 1.310   9.485   -11.423 1.000 22.359 ? 117 ASN AAA C   1 ? 
ATOM   643  O  O   . ASN A 1 78  ? 1.933   10.459  -11.876 1.000 25.662 ? 117 ASN AAA O   1 ? 
ATOM   644  C  CB  . ASN A 1 78  ? 0.048   9.251   -13.649 1.000 30.663 ? 117 ASN AAA CB  1 ? 
ATOM   645  C  CG  . ASN A 1 78  ? -1.195  8.703   -14.327 1.000 32.170 ? 117 ASN AAA CG  1 ? 
ATOM   646  O  OD1 . ASN A 1 78  ? -1.232  7.526   -14.702 1.000 36.141 ? 117 ASN AAA OD1 1 ? 
ATOM   647  N  ND2 . ASN A 1 78  ? -2.226  9.534   -14.459 1.000 34.974 ? 117 ASN AAA ND2 1 ? 
ATOM   648  N  N   . TYR A 1 79  ? 1.633   8.946   -10.247 1.000 15.799 ? 118 TYR AAA N   1 ? 
ATOM   649  C  CA  . TYR A 1 79  ? 2.743   9.437   -9.450  1.000 15.201 ? 118 TYR AAA CA  1 ? 
ATOM   650  C  C   . TYR A 1 79  ? 4.025   8.681   -9.797  1.000 13.796 ? 118 TYR AAA C   1 ? 
ATOM   651  O  O   . TYR A 1 79  ? 5.121   9.149   -9.528  1.000 14.895 ? 118 TYR AAA O   1 ? 
ATOM   652  C  CB  . TYR A 1 79  ? 2.383   9.232   -7.971  1.000 15.023 ? 118 TYR AAA CB  1 ? 
ATOM   653  C  CG  . TYR A 1 79  ? 3.468   9.573   -6.977  1.000 13.648 ? 118 TYR AAA CG  1 ? 
ATOM   654  C  CD1 . TYR A 1 79  ? 3.719   10.895  -6.622  1.000 12.812 ? 118 TYR AAA CD1 1 ? 
ATOM   655  C  CD2 . TYR A 1 79  ? 4.240   8.568   -6.373  1.000 13.704 ? 118 TYR AAA CD2 1 ? 
ATOM   656  C  CE1 . TYR A 1 79  ? 4.689   11.228  -5.703  1.000 15.191 ? 118 TYR AAA CE1 1 ? 
ATOM   657  C  CE2 . TYR A 1 79  ? 5.245   8.881   -5.473  1.000 14.301 ? 118 TYR AAA CE2 1 ? 
ATOM   658  C  CZ  . TYR A 1 79  ? 5.458   10.211  -5.120  1.000 14.787 ? 118 TYR AAA CZ  1 ? 
ATOM   659  O  OH  . TYR A 1 79  ? 6.426   10.511  -4.203  1.000 17.302 ? 118 TYR AAA OH  1 ? 
ATOM   660  N  N   . TYR A 1 80  ? 3.870   7.469   -10.341 1.000 14.271 ? 119 TYR AAA N   1 ? 
ATOM   661  C  CA  . TYR A 1 80  ? 5.013   6.567   -10.448 1.000 14.152 ? 119 TYR AAA CA  1 ? 
ATOM   662  C  C   . TYR A 1 80  ? 5.716   6.726   -11.790 1.000 16.289 ? 119 TYR AAA C   1 ? 
ATOM   663  O  O   . TYR A 1 80  ? 5.105   7.208   -12.759 1.000 17.412 ? 119 TYR AAA O   1 ? 
ATOM   664  C  CB  . TYR A 1 80  ? 4.508   5.122   -10.344 1.000 15.046 ? 119 TYR AAA CB  1 ? 
ATOM   665  C  CG  . TYR A 1 80  ? 3.924   4.761   -9.011  1.000 13.170 ? 119 TYR AAA CG  1 ? 
ATOM   666  C  CD1 . TYR A 1 80  ? 4.699   4.723   -7.853  1.000 12.916 ? 119 TYR AAA CD1 1 ? 
ATOM   667  C  CD2 . TYR A 1 80  ? 2.580   4.399   -8.927  1.000 13.729 ? 119 TYR AAA CD2 1 ? 
ATOM   668  C  CE1 . TYR A 1 80  ? 4.176   4.292   -6.636  1.000 12.374 ? 119 TYR AAA CE1 1 ? 
ATOM   669  C  CE2 . TYR A 1 80  ? 2.043   3.930   -7.741  1.000 12.569 ? 119 TYR AAA CE2 1 ? 
ATOM   670  C  CZ  . TYR A 1 80  ? 2.835   3.902   -6.599  1.000 12.722 ? 119 TYR AAA CZ  1 ? 
ATOM   671  O  OH  . TYR A 1 80  ? 2.299   3.420   -5.424  1.000 14.365 ? 119 TYR AAA OH  1 ? 
ATOM   672  N  N   . TRP A 1 81  ? 6.999   6.321   -11.799 1.000 14.972 ? 120 TRP AAA N   1 ? 
ATOM   673  C  CA  . TRP A 1 81  ? 7.750   6.147   -13.055 1.000 14.900 ? 120 TRP AAA CA  1 ? 
ATOM   674  C  C   . TRP A 1 81  ? 7.721   4.678   -13.503 1.000 14.851 ? 120 TRP AAA C   1 ? 
ATOM   675  O  O   . TRP A 1 81  ? 7.701   4.384   -14.700 1.000 16.062 ? 120 TRP AAA O   1 ? 
ATOM   676  C  CB  . TRP A 1 81  ? 9.215   6.590   -12.875 1.000 15.397 ? 120 TRP AAA CB  1 ? 
ATOM   677  C  CG  . TRP A 1 81  ? 10.002  6.520   -14.163 1.000 15.343 ? 120 TRP AAA CG  1 ? 
ATOM   678  C  CD1 . TRP A 1 81  ? 10.857  5.505   -14.560 1.000 16.041 ? 120 TRP AAA CD1 1 ? 
ATOM   679  C  CD2 . TRP A 1 81  ? 9.998   7.504   -15.201 1.000 14.532 ? 120 TRP AAA CD2 1 ? 
ATOM   680  N  NE1 . TRP A 1 81  ? 11.367  5.846   -15.799 1.000 16.363 ? 120 TRP AAA NE1 1 ? 
ATOM   681  C  CE2 . TRP A 1 81  ? 10.815  7.020   -16.246 1.000 15.106 ? 120 TRP AAA CE2 1 ? 
ATOM   682  C  CE3 . TRP A 1 81  ? 9.317   8.715   -15.428 1.000 16.370 ? 120 TRP AAA CE3 1 ? 
ATOM   683  C  CZ2 . TRP A 1 81  ? 11.038  7.750   -17.415 1.000 16.125 ? 120 TRP AAA CZ2 1 ? 
ATOM   684  C  CZ3 . TRP A 1 81  ? 9.528   9.431   -16.594 1.000 16.650 ? 120 TRP AAA CZ3 1 ? 
ATOM   685  C  CH2 . TRP A 1 81  ? 10.393  8.943   -17.594 1.000 16.523 ? 120 TRP AAA CH2 1 ? 
ATOM   686  N  N   . ASN A 1 82  ? 7.677   3.742   -12.554 1.000 15.225 ? 121 ASN AAA N   1 ? 
ATOM   687  C  CA  . ASN A 1 82  ? 7.713   2.339   -12.964 1.000 14.340 ? 121 ASN AAA CA  1 ? 
ATOM   688  C  C   . ASN A 1 82  ? 6.919   1.470   -11.994 1.000 16.316 ? 121 ASN AAA C   1 ? 
ATOM   689  O  O   . ASN A 1 82  ? 6.506   1.919   -10.910 1.000 15.435 ? 121 ASN AAA O   1 ? 
ATOM   690  C  CB  . ASN A 1 82  ? 9.161   1.843   -13.157 1.000 15.093 ? 121 ASN AAA CB  1 ? 
ATOM   691  C  CG  . ASN A 1 82  ? 10.011  1.821   -11.914 1.000 14.695 ? 121 ASN AAA CG  1 ? 
ATOM   692  O  OD1 . ASN A 1 82  ? 9.490   1.578   -10.812 1.000 15.088 ? 121 ASN AAA OD1 1 ? 
ATOM   693  N  ND2 . ASN A 1 82  ? 11.306  2.131   -11.990 1.000 16.486 ? 121 ASN AAA ND2 1 ? 
ATOM   694  N  N   . ALA A 1 83  ? 6.715   0.215   -12.405 1.000 14.725 ? 122 ALA AAA N   1 ? 
ATOM   695  C  CA  . ALA A 1 83  ? 5.969   -0.746  -11.608 1.000 15.545 ? 122 ALA AAA CA  1 ? 
ATOM   696  C  C   . ALA A 1 83  ? 6.714   -1.053  -10.325 1.000 14.236 ? 122 ALA AAA C   1 ? 
ATOM   697  O  O   . ALA A 1 83  ? 6.041   -1.311  -9.312  1.000 14.516 ? 122 ALA AAA O   1 ? 
ATOM   698  C  CB  . ALA A 1 83  ? 5.728   -2.004  -12.405 1.000 17.044 ? 122 ALA AAA CB  1 ? 
ATOM   699  N  N   . GLN A 1 84  ? 8.026   -1.138  -10.327 1.000 14.259 ? 123 GLN AAA N   1 ? 
ATOM   700  C  CA  . GLN A 1 84  ? 8.763   -1.506  -9.138  1.000 15.725 ? 123 GLN AAA CA  1 ? 
ATOM   701  C  C   . GLN A 1 84  ? 8.459   -0.553  -7.983  1.000 13.630 ? 123 GLN AAA C   1 ? 
ATOM   702  O  O   . GLN A 1 84  ? 8.360   -1.015  -6.845  1.000 14.048 ? 123 GLN AAA O   1 ? 
ATOM   703  C  CB  . GLN A 1 84  ? 10.268  -1.520  -9.379  1.000 17.842 ? 123 GLN AAA CB  1 ? 
ATOM   704  C  CG  . GLN A 1 84  ? 11.020  -2.064  -8.160  1.000 23.240 ? 123 GLN AAA CG  1 ? 
ATOM   705  C  CD  . GLN A 1 84  ? 10.381  -3.329  -7.597  0.500 23.870 ? 123 GLN AAA CD  1 ? 
ATOM   706  O  OE1 . GLN A 1 84  ? 10.202  -4.335  -8.290  0.500 27.371 ? 123 GLN AAA OE1 1 ? 
ATOM   707  N  NE2 . GLN A 1 84  ? 9.902   -3.267  -6.353  0.500 23.351 ? 123 GLN AAA NE2 1 ? 
ATOM   708  N  N   . GLU A 1 85  ? 8.326   0.753   -8.280  1.000 12.737 ? 124 GLU AAA N   1 ? 
ATOM   709  C  CA  . GLU A 1 85  ? 7.985   1.714   -7.215  1.000 12.864 ? 124 GLU AAA CA  1 ? 
ATOM   710  C  C   . GLU A 1 85  ? 6.656   1.356   -6.534  1.000 11.883 ? 124 GLU AAA C   1 ? 
ATOM   711  O  O   . GLU A 1 85  ? 6.518   1.428   -5.303  1.000 12.719 ? 124 GLU AAA O   1 ? 
ATOM   712  C  CB  . GLU A 1 85  ? 7.837   3.152   -7.744  1.000 13.301 ? 124 GLU AAA CB  1 ? 
ATOM   713  C  CG  . GLU A 1 85  ? 9.181   3.764   -8.132  1.000 15.801 ? 124 GLU AAA CG  1 ? 
ATOM   714  C  CD  . GLU A 1 85  ? 9.118   5.067   -8.865  1.000 21.786 ? 124 GLU AAA CD  1 ? 
ATOM   715  O  OE1 . GLU A 1 85  ? 10.194  5.741   -8.866  1.000 29.408 ? 124 GLU AAA OE1 1 ? 
ATOM   716  O  OE2 . GLU A 1 85  ? 8.200   5.258   -9.603  1.000 21.307 ? 124 GLU AAA OE2 1 ? 
ATOM   717  N  N   . CYS A 1 86  ? 5.678   0.931   -7.327  1.000 11.992 ? 125 CYS AAA N   1 ? 
ATOM   718  C  CA  . CYS A 1 86  ? 4.354   0.624   -6.783  1.000 12.078 ? 125 CYS AAA CA  1 ? 
ATOM   719  C  C   . CYS A 1 86  ? 4.380   -0.728  -6.068  1.000 12.130 ? 125 CYS AAA C   1 ? 
ATOM   720  O  O   . CYS A 1 86  ? 3.842   -0.860  -4.975  1.000 12.903 ? 125 CYS AAA O   1 ? 
ATOM   721  C  CB  . CYS A 1 86  ? 3.385   0.614   -7.947  1.000 12.982 ? 125 CYS AAA CB  1 ? 
ATOM   722  S  SG  . CYS A 1 86  ? 1.704   0.148   -7.444  1.000 14.926 ? 125 CYS AAA SG  1 ? 
ATOM   723  N  N   . ILE A 1 87  ? 5.039   -1.725  -6.651  1.000 12.444 ? 126 ILE AAA N   1 ? 
ATOM   724  C  CA  . ILE A 1 87  ? 5.200   -3.007  -5.975  1.000 12.617 ? 126 ILE AAA CA  1 ? 
ATOM   725  C  C   . ILE A 1 87  ? 5.894   -2.796  -4.624  1.000 13.559 ? 126 ILE AAA C   1 ? 
ATOM   726  O  O   . ILE A 1 87  ? 5.511   -3.411  -3.608  1.000 13.314 ? 126 ILE AAA O   1 ? 
ATOM   727  C  CB  . ILE A 1 87  ? 5.978   -3.932  -6.921  1.000 13.806 ? 126 ILE AAA CB  1 ? 
ATOM   728  C  CG1 . ILE A 1 87  ? 5.094   -4.301  -8.102  1.000 15.200 ? 126 ILE AAA CG1 1 ? 
ATOM   729  C  CG2 . ILE A 1 87  ? 6.494   -5.160  -6.166  1.000 14.670 ? 126 ILE AAA CG2 1 ? 
ATOM   730  C  CD1 . ILE A 1 87  ? 5.891   -4.977  -9.278  1.000 16.207 ? 126 ILE AAA CD1 1 ? 
ATOM   731  N  N   A GLN A 1 88  ? 6.901   -1.909  -4.572  0.500 13.273 ? 127 GLN AAA N   1 ? 
ATOM   732  N  N   B GLN A 1 88  ? 6.893   -1.911  -4.569  0.500 13.176 ? 127 GLN AAA N   1 ? 
ATOM   733  C  CA  A GLN A 1 88  ? 7.625   -1.602  -3.342  0.500 13.697 ? 127 GLN AAA CA  1 ? 
ATOM   734  C  CA  B GLN A 1 88  ? 7.588   -1.691  -3.311  0.500 13.564 ? 127 GLN AAA CA  1 ? 
ATOM   735  C  C   A GLN A 1 88  ? 6.626   -1.071  -2.313  0.500 12.981 ? 127 GLN AAA C   1 ? 
ATOM   736  C  C   B GLN A 1 88  ? 6.604   -1.094  -2.302  0.500 12.915 ? 127 GLN AAA C   1 ? 
ATOM   737  O  O   A GLN A 1 88  ? 6.702   -1.441  -1.144  0.500 13.429 ? 127 GLN AAA O   1 ? 
ATOM   738  O  O   B GLN A 1 88  ? 6.662   -1.458  -1.133  0.500 13.373 ? 127 GLN AAA O   1 ? 
ATOM   739  C  CB  A GLN A 1 88  ? 8.717   -0.528  -3.518  0.500 15.370 ? 127 GLN AAA CB  1 ? 
ATOM   740  C  CB  B GLN A 1 88  ? 8.833   -0.809  -3.435  0.500 15.225 ? 127 GLN AAA CB  1 ? 
ATOM   741  C  CG  A GLN A 1 88  ? 9.471   -0.217  -2.214  0.500 18.835 ? 127 GLN AAA CG  1 ? 
ATOM   742  C  CG  B GLN A 1 88  ? 9.434   -0.471  -2.070  0.500 18.685 ? 127 GLN AAA CG  1 ? 
ATOM   743  C  CD  A GLN A 1 88  ? 10.229  1.090   -2.176  0.500 22.020 ? 127 GLN AAA CD  1 ? 
ATOM   744  C  CD  B GLN A 1 88  ? 9.885   -1.731  -1.373  0.500 21.131 ? 127 GLN AAA CD  1 ? 
ATOM   745  O  OE1 A GLN A 1 88  ? 9.999   1.947   -1.313  0.500 24.871 ? 127 GLN AAA OE1 1 ? 
ATOM   746  O  OE1 B GLN A 1 88  ? 9.339   -2.186  -0.349  0.500 22.556 ? 127 GLN AAA OE1 1 ? 
ATOM   747  N  NE2 A GLN A 1 88  ? 11.119  1.259   -3.138  0.500 25.086 ? 127 GLN AAA NE2 1 ? 
ATOM   748  N  NE2 B GLN A 1 88  ? 10.893  -2.338  -1.972  0.500 22.314 ? 127 GLN AAA NE2 1 ? 
ATOM   749  N  N   . ASP A 1 89  ? 5.716   -0.180  -2.723  1.000 12.641 ? 128 ASP AAA N   1 ? 
ATOM   750  C  CA  . ASP A 1 89  ? 4.716   0.364   -1.785  1.000 12.892 ? 128 ASP AAA CA  1 ? 
ATOM   751  C  C   . ASP A 1 89  ? 3.838   -0.745  -1.198  1.000 12.044 ? 128 ASP AAA C   1 ? 
ATOM   752  O  O   . ASP A 1 89  ? 3.565   -0.766  0.009   1.000 12.472 ? 128 ASP AAA O   1 ? 
ATOM   753  C  CB  . ASP A 1 89  ? 3.849   1.429   -2.467  1.000 12.318 ? 128 ASP AAA CB  1 ? 
ATOM   754  C  CG  . ASP A 1 89  ? 4.587   2.746   -2.724  1.000 13.221 ? 128 ASP AAA CG  1 ? 
ATOM   755  O  OD1 . ASP A 1 89  ? 5.655   2.957   -2.093  1.000 14.436 ? 128 ASP AAA OD1 1 ? 
ATOM   756  O  OD2 . ASP A 1 89  ? 4.066   3.538   -3.501  1.000 14.299 ? 128 ASP AAA OD2 1 ? 
ATOM   757  N  N   . PHE A 1 90  ? 3.363   -1.668  -2.034  1.000 11.476 ? 129 PHE AAA N   1 ? 
ATOM   758  C  CA  . PHE A 1 90  ? 2.579   -2.784  -1.514  1.000 11.790 ? 129 PHE AAA CA  1 ? 
ATOM   759  C  C   . PHE A 1 90  ? 3.387   -3.582  -0.503  1.000 12.581 ? 129 PHE AAA C   1 ? 
ATOM   760  O  O   . PHE A 1 90  ? 2.903   -3.926  0.577   1.000 12.479 ? 129 PHE AAA O   1 ? 
ATOM   761  C  CB  . PHE A 1 90  ? 2.051   -3.705  -2.605  1.000 12.664 ? 129 PHE AAA CB  1 ? 
ATOM   762  C  CG  . PHE A 1 90  ? 0.807   -3.226  -3.316  1.000 12.447 ? 129 PHE AAA CG  1 ? 
ATOM   763  C  CD1 . PHE A 1 90  ? -0.443  -3.444  -2.754  1.000 14.256 ? 129 PHE AAA CD1 1 ? 
ATOM   764  C  CD2 . PHE A 1 90  ? 0.859   -2.625  -4.573  1.000 13.164 ? 129 PHE AAA CD2 1 ? 
ATOM   765  C  CE1 . PHE A 1 90  ? -1.604  -3.043  -3.400  1.000 14.736 ? 129 PHE AAA CE1 1 ? 
ATOM   766  C  CE2 . PHE A 1 90  ? -0.306  -2.214  -5.231  1.000 14.417 ? 129 PHE AAA CE2 1 ? 
ATOM   767  C  CZ  . PHE A 1 90  ? -1.535  -2.435  -4.640  1.000 14.798 ? 129 PHE AAA CZ  1 ? 
ATOM   768  N  N   . ASN A 1 91  ? 4.642   -3.888  -0.844  1.000 13.209 ? 130 ASN AAA N   1 ? 
ATOM   769  C  CA  . ASN A 1 91  ? 5.473   -4.687  0.049   1.000 13.621 ? 130 ASN AAA CA  1 ? 
ATOM   770  C  C   . ASN A 1 91  ? 5.705   -3.958  1.365   1.000 13.842 ? 130 ASN AAA C   1 ? 
ATOM   771  O  O   . ASN A 1 91  ? 5.758   -4.581  2.426   1.000 14.137 ? 130 ASN AAA O   1 ? 
ATOM   772  C  CB  . ASN A 1 91  ? 6.726   -5.176  -0.651  1.000 15.318 ? 130 ASN AAA CB  1 ? 
ATOM   773  C  CG  . ASN A 1 91  ? 6.372   -6.281  -1.625  1.000 18.764 ? 130 ASN AAA CG  1 ? 
ATOM   774  O  OD1 . ASN A 1 91  ? 5.537   -7.136  -1.330  1.000 25.844 ? 130 ASN AAA OD1 1 ? 
ATOM   775  N  ND2 . ASN A 1 91  ? 6.995   -6.278  -2.774  1.000 23.515 ? 130 ASN AAA ND2 1 ? 
ATOM   776  N  N   . THR A 1 92  ? 5.894   -2.641  1.307   1.000 12.990 ? 131 THR AAA N   1 ? 
ATOM   777  C  CA  . THR A 1 92  ? 6.102   -1.864  2.527   1.000 13.582 ? 131 THR AAA CA  1 ? 
ATOM   778  C  C   . THR A 1 92  ? 4.845   -1.999  3.396   1.000 12.405 ? 131 THR AAA C   1 ? 
ATOM   779  O  O   . THR A 1 92  ? 4.958   -2.156  4.630   1.000 12.611 ? 131 THR AAA O   1 ? 
ATOM   780  C  CB  . THR A 1 92  ? 6.367   -0.405  2.149   1.000 13.738 ? 131 THR AAA CB  1 ? 
ATOM   781  O  OG1 . THR A 1 92  ? 7.632   -0.378  1.482   1.000 15.927 ? 131 THR AAA OG1 1 ? 
ATOM   782  C  CG2 . THR A 1 92  ? 6.395   0.526   3.347   1.000 15.013 ? 131 THR AAA CG2 1 ? 
ATOM   783  N  N   . MET A 1 93  ? 3.656   -1.823  2.787   1.000 12.434 ? 132 MET AAA N   1 ? 
ATOM   784  C  CA  . MET A 1 93  ? 2.407   -1.927  3.562   1.000 12.629 ? 132 MET AAA CA  1 ? 
ATOM   785  C  C   . MET A 1 93  ? 2.321   -3.284  4.280   1.000 11.976 ? 132 MET AAA C   1 ? 
ATOM   786  O  O   . MET A 1 93  ? 2.052   -3.352  5.477   1.000 12.451 ? 132 MET AAA O   1 ? 
ATOM   787  C  CB  . MET A 1 93  ? 1.249   -1.811  2.581   1.000 11.897 ? 132 MET AAA CB  1 ? 
ATOM   788  C  CG  . MET A 1 93  ? -0.099  -1.977  3.272   1.000 13.617 ? 132 MET AAA CG  1 ? 
ATOM   789  S  SD  . MET A 1 93  ? -1.443  -1.835  2.098   1.000 13.147 ? 132 MET AAA SD  1 ? 
ATOM   790  C  CE  . MET A 1 93  ? -1.397  -3.489  1.403   1.000 16.119 ? 132 MET AAA CE  1 ? 
ATOM   791  N  N   . PHE A 1 94  ? 2.619   -4.378  3.563   1.000 12.269 ? 133 PHE AAA N   1 ? 
ATOM   792  C  CA  . PHE A 1 94  ? 2.530   -5.696  4.202   1.000 12.899 ? 133 PHE AAA CA  1 ? 
ATOM   793  C  C   . PHE A 1 94  ? 3.574   -5.784  5.305   1.000 13.371 ? 133 PHE AAA C   1 ? 
ATOM   794  O  O   . PHE A 1 94  ? 3.278   -6.250  6.416   1.000 13.279 ? 133 PHE AAA O   1 ? 
ATOM   795  C  CB  . PHE A 1 94  ? 2.764   -6.837  3.212   1.000 12.956 ? 133 PHE AAA CB  1 ? 
ATOM   796  C  CG  . PHE A 1 94  ? 1.691   -6.910  2.166   1.000 13.018 ? 133 PHE AAA CG  1 ? 
ATOM   797  C  CD1 . PHE A 1 94  ? 0.361   -6.935  2.535   1.000 15.894 ? 133 PHE AAA CD1 1 ? 
ATOM   798  C  CD2 . PHE A 1 94  ? 1.990   -6.957  0.809   1.000 13.818 ? 133 PHE AAA CD2 1 ? 
ATOM   799  C  CE1 . PHE A 1 94  ? -0.644  -7.036  1.578   1.000 17.599 ? 133 PHE AAA CE1 1 ? 
ATOM   800  C  CE2 . PHE A 1 94  ? 0.984   -7.038  -0.141  1.000 16.050 ? 133 PHE AAA CE2 1 ? 
ATOM   801  C  CZ  . PHE A 1 94  ? -0.338  -7.079  0.237   1.000 15.416 ? 133 PHE AAA CZ  1 ? 
ATOM   802  N  N   . THR A 1 95  ? 4.834   -5.391  5.020   1.000 13.757 ? 134 THR AAA N   1 ? 
ATOM   803  C  CA  A THR A 1 95  ? 5.873   -5.545  6.024   0.500 15.026 ? 134 THR AAA CA  1 ? 
ATOM   804  C  CA  B THR A 1 95  ? 5.927   -5.448  5.983   0.500 13.612 ? 134 THR AAA CA  1 ? 
ATOM   805  C  C   . THR A 1 95  ? 5.566   -4.675  7.248   1.000 13.792 ? 134 THR AAA C   1 ? 
ATOM   806  O  O   . THR A 1 95  ? 5.853   -5.110  8.362   1.000 15.985 ? 134 THR AAA O   1 ? 
ATOM   807  C  CB  A THR A 1 95  ? 7.277   -5.451  5.405   0.500 16.923 ? 134 THR AAA CB  1 ? 
ATOM   808  C  CB  B THR A 1 95  ? 7.225   -4.845  5.411   0.500 12.777 ? 134 THR AAA CB  1 ? 
ATOM   809  O  OG1 A THR A 1 95  ? 7.309   -4.161  4.812   0.500 22.446 ? 134 THR AAA OG1 1 ? 
ATOM   810  O  OG1 B THR A 1 95  ? 7.599   -5.649  4.296   0.500 14.376 ? 134 THR AAA OG1 1 ? 
ATOM   811  C  CG2 A THR A 1 95  ? 7.508   -6.515  4.355   0.500 17.221 ? 134 THR AAA CG2 1 ? 
ATOM   812  C  CG2 B THR A 1 95  ? 8.377   -4.872  6.387   0.500 12.832 ? 134 THR AAA CG2 1 ? 
ATOM   813  N  N   . ASN A 1 96  ? 4.985   -3.476  7.104   1.000 13.316 ? 135 ASN AAA N   1 ? 
ATOM   814  C  CA  . ASN A 1 96  ? 4.638   -2.682  8.276   1.000 14.338 ? 135 ASN AAA CA  1 ? 
ATOM   815  C  C   . ASN A 1 96  ? 3.740   -3.489  9.199   1.000 13.299 ? 135 ASN AAA C   1 ? 
ATOM   816  O  O   . ASN A 1 96  ? 3.911   -3.480  10.402  1.000 13.807 ? 135 ASN AAA O   1 ? 
ATOM   817  C  CB  . ASN A 1 96  ? 3.884   -1.406  7.920   1.000 14.893 ? 135 ASN AAA CB  1 ? 
ATOM   818  C  CG  . ASN A 1 96  ? 4.663   -0.352  7.159   1.000 16.678 ? 135 ASN AAA CG  1 ? 
ATOM   819  O  OD1 . ASN A 1 96  ? 5.886   -0.414  7.153   1.000 19.386 ? 135 ASN AAA OD1 1 ? 
ATOM   820  N  ND2 . ASN A 1 96  ? 3.874   0.589   6.680   1.000 18.594 ? 135 ASN AAA ND2 1 ? 
ATOM   821  N  N   . CYS A 1 97  ? 2.755   -4.160  8.587   1.000 12.193 ? 136 CYS AAA N   1 ? 
ATOM   822  C  CA  . CYS A 1 97  ? 1.804   -4.949  9.349   1.000 13.443 ? 136 CYS AAA CA  1 ? 
ATOM   823  C  C   . CYS A 1 97  ? 2.492   -6.086  10.107  1.000 12.833 ? 136 CYS AAA C   1 ? 
ATOM   824  O  O   . CYS A 1 97  ? 2.234   -6.280  11.282  1.000 12.793 ? 136 CYS AAA O   1 ? 
ATOM   825  C  CB  . CYS A 1 97  ? 0.758   -5.471  8.382   1.000 12.913 ? 136 CYS AAA CB  1 ? 
ATOM   826  S  SG  . CYS A 1 97  ? -0.581  -6.346  9.232   1.000 15.518 ? 136 CYS AAA SG  1 ? 
ATOM   827  N  N   . TYR A 1 98  ? 3.394   -6.780  9.403   1.000 12.255 ? 137 TYR AAA N   1 ? 
ATOM   828  C  CA  . TYR A 1 98  ? 4.070   -7.918  9.980   1.000 14.103 ? 137 TYR AAA CA  1 ? 
ATOM   829  C  C   . TYR A 1 98  ? 5.059   -7.488  11.056  1.000 14.534 ? 137 TYR AAA C   1 ? 
ATOM   830  O  O   . TYR A 1 98  ? 5.298   -8.264  11.987  1.000 16.732 ? 137 TYR AAA O   1 ? 
ATOM   831  C  CB  . TYR A 1 98  ? 4.775   -8.724  8.895   1.000 13.803 ? 137 TYR AAA CB  1 ? 
ATOM   832  C  CG  . TYR A 1 98  ? 3.829   -9.193  7.818   1.000 13.442 ? 137 TYR AAA CG  1 ? 
ATOM   833  C  CD1 . TYR A 1 98  ? 2.484   -9.473  8.044   1.000 13.458 ? 137 TYR AAA CD1 1 ? 
ATOM   834  C  CD2 . TYR A 1 98  ? 4.282   -9.319  6.523   1.000 14.208 ? 137 TYR AAA CD2 1 ? 
ATOM   835  C  CE1 . TYR A 1 98  ? 1.617   -9.907  7.036   1.000 14.065 ? 137 TYR AAA CE1 1 ? 
ATOM   836  C  CE2 . TYR A 1 98  ? 3.456   -9.803  5.526   1.000 14.668 ? 137 TYR AAA CE2 1 ? 
ATOM   837  C  CZ  . TYR A 1 98  ? 2.122   -10.072 5.764   1.000 14.068 ? 137 TYR AAA CZ  1 ? 
ATOM   838  O  OH  . TYR A 1 98  ? 1.290   -10.521 4.762   1.000 16.450 ? 137 TYR AAA OH  1 ? 
ATOM   839  N  N   . ILE A 1 99  ? 5.645   -6.298  10.945  1.000 13.855 ? 138 ILE AAA N   1 ? 
ATOM   840  C  CA  . ILE A 1 99  ? 6.592   -5.839  11.954  1.000 15.309 ? 138 ILE AAA CA  1 ? 
ATOM   841  C  C   . ILE A 1 99  ? 5.852   -5.369  13.199  1.000 14.967 ? 138 ILE AAA C   1 ? 
ATOM   842  O  O   . ILE A 1 99  ? 6.331   -5.620  14.314  1.000 18.052 ? 138 ILE AAA O   1 ? 
ATOM   843  C  CB  . ILE A 1 99  ? 7.461   -4.718  11.360  1.000 18.461 ? 138 ILE AAA CB  1 ? 
ATOM   844  C  CG1 . ILE A 1 99  ? 8.459   -5.364  10.396  1.000 22.072 ? 138 ILE AAA CG1 1 ? 
ATOM   845  C  CG2 . ILE A 1 99  ? 8.164   -3.900  12.448  1.000 20.524 ? 138 ILE AAA CG2 1 ? 
ATOM   846  C  CD1 . ILE A 1 99  ? 9.257   -4.397  9.603   1.000 28.226 ? 138 ILE AAA CD1 1 ? 
ATOM   847  N  N   . TYR A 1 100 ? 4.747   -4.630  13.041  1.000 14.793 ? 139 TYR AAA N   1 ? 
ATOM   848  C  CA  . TYR A 1 100 ? 4.100   -4.019  14.184  1.000 14.737 ? 139 TYR AAA CA  1 ? 
ATOM   849  C  C   . TYR A 1 100 ? 3.299   -5.029  14.991  1.000 15.233 ? 139 TYR AAA C   1 ? 
ATOM   850  O  O   . TYR A 1 100 ? 3.209   -4.926  16.214  1.000 15.948 ? 139 TYR AAA O   1 ? 
ATOM   851  C  CB  . TYR A 1 100 ? 3.239   -2.817  13.772  1.000 14.618 ? 139 TYR AAA CB  1 ? 
ATOM   852  C  CG  . TYR A 1 100 ? 2.662   -2.100  14.963  1.000 14.676 ? 139 TYR AAA CG  1 ? 
ATOM   853  C  CD1 . TYR A 1 100 ? 3.450   -1.221  15.705  1.000 14.371 ? 139 TYR AAA CD1 1 ? 
ATOM   854  C  CD2 . TYR A 1 100 ? 1.381   -2.378  15.408  1.000 15.203 ? 139 TYR AAA CD2 1 ? 
ATOM   855  C  CE1 . TYR A 1 100 ? 2.950   -0.628  16.853  1.000 15.936 ? 139 TYR AAA CE1 1 ? 
ATOM   856  C  CE2 . TYR A 1 100 ? 0.861   -1.781  16.550  1.000 15.777 ? 139 TYR AAA CE2 1 ? 
ATOM   857  C  CZ  . TYR A 1 100 ? 1.665   -0.907  17.271  1.000 16.068 ? 139 TYR AAA CZ  1 ? 
ATOM   858  O  OH  . TYR A 1 100 ? 1.169   -0.306  18.405  1.000 17.421 ? 139 TYR AAA OH  1 ? 
ATOM   859  N  N   . ASN A 1 101 ? 2.639   -5.963  14.301  1.000 15.259 ? 140 ASN AAA N   1 ? 
ATOM   860  C  CA  . ASN A 1 101 ? 1.645   -6.831  14.935  1.000 15.140 ? 140 ASN AAA CA  1 ? 
ATOM   861  C  C   . ASN A 1 101 ? 2.202   -8.208  15.249  1.000 17.972 ? 140 ASN AAA C   1 ? 
ATOM   862  O  O   . ASN A 1 101 ? 3.131   -8.693  14.608  1.000 19.311 ? 140 ASN AAA O   1 ? 
ATOM   863  C  CB  . ASN A 1 101 ? 0.370   -6.923  14.075  1.000 14.459 ? 140 ASN AAA CB  1 ? 
ATOM   864  C  CG  . ASN A 1 101 ? -0.238  -5.563  13.842  1.000 13.525 ? 140 ASN AAA CG  1 ? 
ATOM   865  O  OD1 . ASN A 1 101 ? -0.904  -5.063  14.733  1.000 16.144 ? 140 ASN AAA OD1 1 ? 
ATOM   866  N  ND2 . ASN A 1 101 ? -0.023  -4.983  12.674  1.000 14.702 ? 140 ASN AAA ND2 1 ? 
ATOM   867  N  N   . LYS A 1 102 ? 1.585   -8.876  16.215  1.000 19.305 ? 141 LYS AAA N   1 ? 
ATOM   868  C  CA  . LYS A 1 102 ? 1.956   -10.233 16.594  1.000 20.525 ? 141 LYS AAA CA  1 ? 
ATOM   869  C  C   . LYS A 1 102 ? 1.544   -11.218 15.491  1.000 19.584 ? 141 LYS AAA C   1 ? 
ATOM   870  O  O   . LYS A 1 102 ? 0.489   -11.103 14.873  1.000 18.697 ? 141 LYS AAA O   1 ? 
ATOM   871  C  CB  . LYS A 1 102 ? 1.285   -10.581 17.931  1.000 21.444 ? 141 LYS AAA CB  1 ? 
ATOM   872  C  CG  . LYS A 1 102 ? 1.827   -9.881  19.179  1.000 28.164 ? 141 LYS AAA CG  1 ? 
ATOM   873  C  CD  . LYS A 1 102 ? 1.272   -10.472 20.464  0.500 27.297 ? 141 LYS AAA CD  1 ? 
ATOM   874  C  CE  . LYS A 1 102 ? 1.358   -9.537  21.648  0.500 30.786 ? 141 LYS AAA CE  1 ? 
ATOM   875  N  NZ  . LYS A 1 102 ? 0.246   -8.559  21.627  1.000 39.725 ? 141 LYS AAA NZ  1 ? 
ATOM   876  N  N   . PRO A 1 103 ? 2.319   -12.276 15.181  1.000 18.975 ? 142 PRO AAA N   1 ? 
ATOM   877  C  CA  . PRO A 1 103 ? 1.916   -13.221 14.134  1.000 19.466 ? 142 PRO AAA CA  1 ? 
ATOM   878  C  C   . PRO A 1 103 ? 0.585   -13.860 14.517  1.000 20.805 ? 142 PRO AAA C   1 ? 
ATOM   879  O  O   . PRO A 1 103 ? 0.290   -14.013 15.698  1.000 23.449 ? 142 PRO AAA O   1 ? 
ATOM   880  C  CB  . PRO A 1 103 ? 3.092   -14.219 14.045  1.000 22.612 ? 142 PRO AAA CB  1 ? 
ATOM   881  C  CG  . PRO A 1 103 ? 3.835   -14.012 15.333  1.000 24.246 ? 142 PRO AAA CG  1 ? 
ATOM   882  C  CD  . PRO A 1 103 ? 3.656   -12.559 15.732  1.000 20.764 ? 142 PRO AAA CD  1 ? 
ATOM   883  N  N   . GLY A 1 104 ? -0.267  -14.130 13.518  1.000 23.630 ? 143 GLY AAA N   1 ? 
ATOM   884  C  CA  . GLY A 1 104 ? -1.553  -14.694 13.925  1.000 24.417 ? 143 GLY AAA CA  1 ? 
ATOM   885  C  C   . GLY A 1 104 ? -2.590  -13.701 14.491  1.000 25.846 ? 143 GLY AAA C   1 ? 
ATOM   886  O  O   . GLY A 1 104 ? -3.740  -14.126 14.652  1.000 27.902 ? 143 GLY AAA O   1 ? 
ATOM   887  N  N   . ASP A 1 105 ? -2.226  -12.443 14.860  1.000 20.475 ? 144 ASP AAA N   1 ? 
ATOM   888  C  CA  . ASP A 1 105 ? -3.217  -11.400 15.091  1.000 19.768 ? 144 ASP AAA CA  1 ? 
ATOM   889  C  C   . ASP A 1 105 ? -4.134  -11.271 13.863  1.000 16.433 ? 144 ASP AAA C   1 ? 
ATOM   890  O  O   . ASP A 1 105 ? -3.755  -11.509 12.719  1.000 16.296 ? 144 ASP AAA O   1 ? 
ATOM   891  C  CB  . ASP A 1 105 ? -2.603  -10.004 15.306  1.000 20.215 ? 144 ASP AAA CB  1 ? 
ATOM   892  C  CG  . ASP A 1 105 ? -2.096  -9.687  16.705  1.000 24.825 ? 144 ASP AAA CG  1 ? 
ATOM   893  O  OD1 . ASP A 1 105 ? -2.224  -10.549 17.572  1.000 29.254 ? 144 ASP AAA OD1 1 ? 
ATOM   894  O  OD2 . ASP A 1 105 ? -1.546  -8.588  16.891  1.000 27.186 ? 144 ASP AAA OD2 1 ? 
ATOM   895  N  N   . ASP A 1 106 ? -5.392  -10.883 14.073  1.000 16.090 ? 145 ASP AAA N   1 ? 
ATOM   896  C  CA  . ASP A 1 106 ? -6.336  -10.807 12.971  1.000 15.515 ? 145 ASP AAA CA  1 ? 
ATOM   897  C  C   . ASP A 1 106 ? -5.761  -9.945  11.849  1.000 14.209 ? 145 ASP AAA C   1 ? 
ATOM   898  O  O   . ASP A 1 106 ? -5.904  -10.319 10.684  1.000 14.397 ? 145 ASP AAA O   1 ? 
ATOM   899  C  CB  . ASP A 1 106 ? -7.658  -10.163 13.409  1.000 16.217 ? 145 ASP AAA CB  1 ? 
ATOM   900  C  CG  . ASP A 1 106 ? -8.557  -11.161 14.146  1.000 18.809 ? 145 ASP AAA CG  1 ? 
ATOM   901  O  OD1 . ASP A 1 106 ? -8.323  -12.378 14.051  1.000 18.388 ? 145 ASP AAA OD1 1 ? 
ATOM   902  O  OD2 . ASP A 1 106 ? -9.509  -10.674 14.806  1.000 19.343 ? 145 ASP AAA OD2 1 ? 
ATOM   903  N  N   . ILE A 1 107 ? -5.177  -8.780  12.165  1.000 14.498 ? 146 ILE AAA N   1 ? 
ATOM   904  C  CA  . ILE A 1 107 ? -4.721  -7.905  11.082  1.000 14.693 ? 146 ILE AAA CA  1 ? 
ATOM   905  C  C   . ILE A 1 107 ? -3.649  -8.612  10.230  1.000 12.931 ? 146 ILE AAA C   1 ? 
ATOM   906  O  O   . ILE A 1 107 ? -3.544  -8.393  9.033   1.000 13.038 ? 146 ILE AAA O   1 ? 
ATOM   907  C  CB  . ILE A 1 107 ? -4.255  -6.559  11.670  1.000 15.662 ? 146 ILE AAA CB  1 ? 
ATOM   908  C  CG1 . ILE A 1 107 ? -4.022  -5.516  10.591  1.000 18.820 ? 146 ILE AAA CG1 1 ? 
ATOM   909  C  CG2 . ILE A 1 107 ? -3.025  -6.682  12.558  1.000 16.403 ? 146 ILE AAA CG2 1 ? 
ATOM   910  C  CD1 . ILE A 1 107 ? -5.247  -5.168  9.861   1.000 21.520 ? 146 ILE AAA CD1 1 ? 
ATOM   911  N  N   . VAL A 1 108 ? -2.816  -9.431  10.876  1.000 12.937 ? 147 VAL AAA N   1 ? 
ATOM   912  C  CA  . VAL A 1 108 ? -1.795  -10.154 10.133  1.000 12.707 ? 147 VAL AAA CA  1 ? 
ATOM   913  C  C   . VAL A 1 108 ? -2.431  -11.194 9.229   1.000 13.771 ? 147 VAL AAA C   1 ? 
ATOM   914  O  O   . VAL A 1 108 ? -2.001  -11.335 8.081   1.000 14.226 ? 147 VAL AAA O   1 ? 
ATOM   915  C  CB  . VAL A 1 108 ? -0.813  -10.791 11.115  1.000 12.762 ? 147 VAL AAA CB  1 ? 
ATOM   916  C  CG1 . VAL A 1 108 ? 0.153   -11.713 10.392  1.000 13.573 ? 147 VAL AAA CG1 1 ? 
ATOM   917  C  CG2 . VAL A 1 108 ? -0.040  -9.702  11.853  1.000 14.817 ? 147 VAL AAA CG2 1 ? 
ATOM   918  N  N   . LEU A 1 109 ? -3.441  -11.936 9.733   1.000 13.366 ? 148 LEU AAA N   1 ? 
ATOM   919  C  CA  . LEU A 1 109 ? -4.103  -12.879 8.820   1.000 13.700 ? 148 LEU AAA CA  1 ? 
ATOM   920  C  C   . LEU A 1 109 ? -4.759  -12.158 7.641   1.000 13.161 ? 148 LEU AAA C   1 ? 
ATOM   921  O  O   . LEU A 1 109 ? -4.766  -12.671 6.522   1.000 13.622 ? 148 LEU AAA O   1 ? 
ATOM   922  C  CB  . LEU A 1 109 ? -5.188  -13.625 9.600   1.000 15.585 ? 148 LEU AAA CB  1 ? 
ATOM   923  C  CG  . LEU A 1 109 ? -4.692  -14.442 10.794  1.000 20.488 ? 148 LEU AAA CG  1 ? 
ATOM   924  C  CD1 . LEU A 1 109 ? -5.894  -14.969 11.573  1.000 20.246 ? 148 LEU AAA CD1 1 ? 
ATOM   925  C  CD2 . LEU A 1 109 ? -3.841  -15.602 10.300  1.000 23.749 ? 148 LEU AAA CD2 1 ? 
ATOM   926  N  N   . MET A 1 110 ? -5.282  -10.943 7.884   1.000 12.629 ? 149 MET AAA N   1 ? 
ATOM   927  C  CA  . MET A 1 110 ? -5.887  -10.191 6.787   1.000 12.927 ? 149 MET AAA CA  1 ? 
ATOM   928  C  C   . MET A 1 110 ? -4.854  -9.742  5.743   1.000 11.966 ? 149 MET AAA C   1 ? 
ATOM   929  O  O   . MET A 1 110 ? -5.027  -9.966  4.541   1.000 12.695 ? 149 MET AAA O   1 ? 
ATOM   930  C  CB  . MET A 1 110 ? -6.612  -8.986  7.384   1.000 13.326 ? 149 MET AAA CB  1 ? 
ATOM   931  C  CG  . MET A 1 110 ? -7.788  -9.462  8.274   1.000 13.854 ? 149 MET AAA CG  1 ? 
ATOM   932  S  SD  . MET A 1 110 ? -8.463  -8.100  9.300   1.000 14.662 ? 149 MET AAA SD  1 ? 
ATOM   933  C  CE  . MET A 1 110 ? -9.608  -7.458  8.101   1.000 15.413 ? 149 MET AAA CE  1 ? 
ATOM   934  N  N   . ALA A 1 111 ? -3.722  -9.220  6.245   1.000 11.565 ? 150 ALA AAA N   1 ? 
ATOM   935  C  CA  . ALA A 1 111 ? -2.626  -8.868  5.343   1.000 11.342 ? 150 ALA AAA CA  1 ? 
ATOM   936  C  C   . ALA A 1 111 ? -2.134  -10.079 4.562   1.000 13.040 ? 150 ALA AAA C   1 ? 
ATOM   937  O  O   . ALA A 1 111 ? -1.847  -9.974  3.383   1.000 13.267 ? 150 ALA AAA O   1 ? 
ATOM   938  C  CB  . ALA A 1 111 ? -1.473  -8.252  6.124   1.000 12.409 ? 150 ALA AAA CB  1 ? 
ATOM   939  N  N   . GLU A 1 112 ? -1.969  -11.212 5.238   1.000 13.074 ? 151 GLU AAA N   1 ? 
ATOM   940  C  CA  . GLU A 1 112 ? -1.493  -12.389 4.517   1.000 14.517 ? 151 GLU AAA CA  1 ? 
ATOM   941  C  C   . GLU A 1 112 ? -2.456  -12.824 3.417   1.000 13.339 ? 151 GLU AAA C   1 ? 
ATOM   942  O  O   . GLU A 1 112 ? -2.000  -13.268 2.372   1.000 14.036 ? 151 GLU AAA O   1 ? 
ATOM   943  C  CB  . GLU A 1 112 ? -1.308  -13.534 5.497   1.000 16.054 ? 151 GLU AAA CB  1 ? 
ATOM   944  C  CG  . GLU A 1 112 ? -0.104  -13.337 6.379   1.000 18.527 ? 151 GLU AAA CG  1 ? 
ATOM   945  C  CD  . GLU A 1 112 ? 0.093   -14.364 7.472   1.000 23.361 ? 151 GLU AAA CD  1 ? 
ATOM   946  O  OE1 . GLU A 1 112 ? -0.914  -14.987 7.871   1.000 26.918 ? 151 GLU AAA OE1 1 ? 
ATOM   947  O  OE2 . GLU A 1 112 ? 1.263   -14.453 7.958   1.000 28.562 ? 151 GLU AAA OE2 1 ? 
ATOM   948  N  N   . ALA A 1 113 ? -3.781  -12.704 3.624   1.000 13.591 ? 152 ALA AAA N   1 ? 
ATOM   949  C  CA  . ALA A 1 113 ? -4.689  -13.060 2.559   1.000 14.589 ? 152 ALA AAA CA  1 ? 
ATOM   950  C  C   . ALA A 1 113 ? -4.537  -12.104 1.384   1.000 13.946 ? 152 ALA AAA C   1 ? 
ATOM   951  O  O   . ALA A 1 113 ? -4.566  -12.539 0.212   1.000 14.682 ? 152 ALA AAA O   1 ? 
ATOM   952  C  CB  . ALA A 1 113 ? -6.107  -13.089 3.074   1.000 14.941 ? 152 ALA AAA CB  1 ? 
ATOM   953  N  N   . LEU A 1 114 ? -4.404  -10.790 1.650   1.000 12.978 ? 153 LEU AAA N   1 ? 
ATOM   954  C  CA  . LEU A 1 114 ? -4.170  -9.852  0.552   1.000 13.646 ? 153 LEU AAA CA  1 ? 
ATOM   955  C  C   . LEU A 1 114 ? -2.826  -10.086 -0.128  1.000 13.112 ? 153 LEU AAA C   1 ? 
ATOM   956  O  O   . LEU A 1 114 ? -2.753  -9.959  -1.351  1.000 13.714 ? 153 LEU AAA O   1 ? 
ATOM   957  C  CB  . LEU A 1 114 ? -4.232  -8.406  1.064   1.000 15.211 ? 153 LEU AAA CB  1 ? 
ATOM   958  C  CG  . LEU A 1 114 ? -5.558  -7.985  1.708   1.000 19.066 ? 153 LEU AAA CG  1 ? 
ATOM   959  C  CD1 . LEU A 1 114 ? -5.412  -6.648  2.417   1.000 22.003 ? 153 LEU AAA CD1 1 ? 
ATOM   960  C  CD2 . LEU A 1 114 ? -6.651  -7.919  0.662   1.000 21.244 ? 153 LEU AAA CD2 1 ? 
ATOM   961  N  N   . GLU A 1 115 ? -1.805  -10.463 0.654   1.000 13.217 ? 154 GLU AAA N   1 ? 
ATOM   962  C  CA  . GLU A 1 115 ? -0.480  -10.683 0.046   1.000 14.102 ? 154 GLU AAA CA  1 ? 
ATOM   963  C  C   . GLU A 1 115 ? -0.511  -11.898 -0.872  1.000 14.268 ? 154 GLU AAA C   1 ? 
ATOM   964  O  O   . GLU A 1 115 ? 0.161   -11.905 -1.895  1.000 14.589 ? 154 GLU AAA O   1 ? 
ATOM   965  C  CB  . GLU A 1 115 ? 0.572   -10.773 1.141   1.000 14.732 ? 154 GLU AAA CB  1 ? 
ATOM   966  C  CG  . GLU A 1 115 ? 1.981   -10.876 0.547   1.000 15.694 ? 154 GLU AAA CG  1 ? 
ATOM   967  C  CD  . GLU A 1 115 ? 3.054   -10.997 1.593   1.000 19.842 ? 154 GLU AAA CD  1 ? 
ATOM   968  O  OE1 . GLU A 1 115 ? 2.771   -11.425 2.682   1.000 20.262 ? 154 GLU AAA OE1 1 ? 
ATOM   969  O  OE2 . GLU A 1 115 ? 4.236   -10.740 1.207   1.000 24.697 ? 154 GLU AAA OE2 1 ? 
ATOM   970  N  N   . LYS A 1 116 ? -1.259  -12.943 -0.473  1.000 13.506 ? 155 LYS AAA N   1 ? 
ATOM   971  C  CA  . LYS A 1 116 ? -1.295  -14.126 -1.326  1.000 14.663 ? 155 LYS AAA CA  1 ? 
ATOM   972  C  C   . LYS A 1 116 ? -1.900  -13.732 -2.674  1.000 14.579 ? 155 LYS AAA C   1 ? 
ATOM   973  O  O   . LYS A 1 116 ? -1.455  -14.171 -3.743  1.000 15.095 ? 155 LYS AAA O   1 ? 
ATOM   974  C  CB  . LYS A 1 116 ? -2.159  -15.178 -0.636  1.000 15.572 ? 155 LYS AAA CB  1 ? 
ATOM   975  C  CG  . LYS A 1 116 ? -2.316  -16.459 -1.445  1.000 20.394 ? 155 LYS AAA CG  1 ? 
ATOM   976  C  CD  . LYS A 1 116 ? -2.897  -17.545 -0.593  1.000 22.865 ? 155 LYS AAA CD  1 ? 
ATOM   977  C  CE  . LYS A 1 116 ? -2.920  -18.875 -1.331  1.000 28.168 ? 155 LYS AAA CE  1 ? 
ATOM   978  N  NZ  . LYS A 1 116 ? -3.868  -19.818 -0.692  1.000 36.406 ? 155 LYS AAA NZ  1 ? 
ATOM   979  N  N   . LEU A 1 117 ? -2.971  -12.934 -2.646  1.000 14.519 ? 156 LEU AAA N   1 ? 
ATOM   980  C  CA  . LEU A 1 117 ? -3.577  -12.527 -3.904  1.000 16.009 ? 156 LEU AAA CA  1 ? 
ATOM   981  C  C   . LEU A 1 117 ? -2.593  -11.655 -4.673  1.000 15.681 ? 156 LEU AAA C   1 ? 
ATOM   982  O  O   . LEU A 1 117 ? -2.512  -11.737 -5.912  1.000 15.068 ? 156 LEU AAA O   1 ? 
ATOM   983  C  CB  . LEU A 1 117 ? -4.860  -11.720 -3.628  1.000 18.396 ? 156 LEU AAA CB  1 ? 
ATOM   984  C  CG  . LEU A 1 117 ? -6.191  -12.377 -3.952  1.000 32.998 ? 156 LEU AAA CG  1 ? 
ATOM   985  C  CD1 . LEU A 1 117 ? -6.233  -12.796 -5.417  1.000 29.494 ? 156 LEU AAA CD1 1 ? 
ATOM   986  C  CD2 . LEU A 1 117 ? -6.424  -13.566 -3.059  1.000 34.323 ? 156 LEU AAA CD2 1 ? 
ATOM   987  N  N   . PHE A 1 118 ? -1.946  -10.737 -3.940  1.000 13.995 ? 157 PHE AAA N   1 ? 
ATOM   988  C  CA  . PHE A 1 118 ? -0.997  -9.835  -4.598  1.000 14.254 ? 157 PHE AAA CA  1 ? 
ATOM   989  C  C   . PHE A 1 118 ? 0.066   -10.650 -5.343  1.000 13.579 ? 157 PHE AAA C   1 ? 
ATOM   990  O  O   . PHE A 1 118 ? 0.374   -10.315 -6.494  1.000 14.401 ? 157 PHE AAA O   1 ? 
ATOM   991  C  CB  . PHE A 1 118 ? -0.404  -8.900  -3.520  1.000 13.569 ? 157 PHE AAA CB  1 ? 
ATOM   992  C  CG  . PHE A 1 118 ? 0.704   -8.002  -4.027  1.000 14.014 ? 157 PHE AAA CG  1 ? 
ATOM   993  C  CD1 . PHE A 1 118 ? 0.400   -6.866  -4.745  1.000 14.446 ? 157 PHE AAA CD1 1 ? 
ATOM   994  C  CD2 . PHE A 1 118 ? 2.027   -8.297  -3.752  1.000 18.023 ? 157 PHE AAA CD2 1 ? 
ATOM   995  C  CE1 . PHE A 1 118 ? 1.420   -6.018  -5.181  1.000 14.621 ? 157 PHE AAA CE1 1 ? 
ATOM   996  C  CE2 . PHE A 1 118 ? 3.045   -7.436  -4.170  1.000 19.516 ? 157 PHE AAA CE2 1 ? 
ATOM   997  C  CZ  . PHE A 1 118 ? 2.723   -6.323  -4.906  1.000 17.656 ? 157 PHE AAA CZ  1 ? 
ATOM   998  N  N   . LEU A 1 119 ? 0.667   -11.641 -4.682  1.000 14.743 ? 158 LEU AAA N   1 ? 
ATOM   999  C  CA  . LEU A 1 119 ? 1.731   -12.453 -5.281  1.000 15.486 ? 158 LEU AAA CA  1 ? 
ATOM   1000 C  C   . LEU A 1 119 ? 1.223   -13.125 -6.570  1.000 16.494 ? 158 LEU AAA C   1 ? 
ATOM   1001 O  O   . LEU A 1 119 ? 1.928   -13.138 -7.591  1.000 16.147 ? 158 LEU AAA O   1 ? 
ATOM   1002 C  CB  . LEU A 1 119 ? 2.263   -13.467 -4.258  1.000 18.518 ? 158 LEU AAA CB  1 ? 
ATOM   1003 C  CG  . LEU A 1 119 ? 3.388   -14.397 -4.751  1.000 22.161 ? 158 LEU AAA CG  1 ? 
ATOM   1004 C  CD1 . LEU A 1 119 ? 4.512   -13.585 -5.390  1.000 25.159 ? 158 LEU AAA CD1 1 ? 
ATOM   1005 C  CD2 . LEU A 1 119 ? 3.924   -15.254 -3.610  1.000 26.513 ? 158 LEU AAA CD2 1 ? 
ATOM   1006 N  N   . GLN A 1 120 ? 0.008   -13.670 -6.514  1.000 16.014 ? 159 GLN AAA N   1 ? 
ATOM   1007 C  CA  . GLN A 1 120 ? -0.533  -14.366 -7.687  1.000 17.726 ? 159 GLN AAA CA  1 ? 
ATOM   1008 C  C   . GLN A 1 120 ? -0.585  -13.372 -8.849  1.000 19.136 ? 159 GLN AAA C   1 ? 
ATOM   1009 O  O   . GLN A 1 120 ? -0.173  -13.690 -9.972  1.000 18.670 ? 159 GLN AAA O   1 ? 
ATOM   1010 C  CB  . GLN A 1 120 ? -1.980  -14.799 -7.439  1.000 20.494 ? 159 GLN AAA CB  1 ? 
ATOM   1011 C  CG  . GLN A 1 120 ? -2.281  -15.924 -6.455  1.000 29.334 ? 159 GLN AAA CG  1 ? 
ATOM   1012 C  CD  . GLN A 1 120 ? -3.764  -16.148 -6.224  0.500 29.113 ? 159 GLN AAA CD  1 ? 
ATOM   1013 O  OE1 . GLN A 1 120 ? -4.633  -15.616 -6.931  0.500 27.881 ? 159 GLN AAA OE1 1 ? 
ATOM   1014 N  NE2 . GLN A 1 120 ? -4.083  -16.957 -5.220  0.500 29.980 ? 159 GLN AAA NE2 1 ? 
ATOM   1015 N  N   . LYS A 1 121 ? -1.102  -12.170 -8.577  1.000 16.234 ? 160 LYS AAA N   1 ? 
ATOM   1016 C  CA  . LYS A 1 121 ? -1.245  -11.165 -9.628  1.000 17.309 ? 160 LYS AAA CA  1 ? 
ATOM   1017 C  C   . LYS A 1 121 ? 0.108   -10.680 -10.135 1.000 17.378 ? 160 LYS AAA C   1 ? 
ATOM   1018 O  O   . LYS A 1 121 ? 0.288   -10.409 -11.339 1.000 17.650 ? 160 LYS AAA O   1 ? 
ATOM   1019 C  CB  . LYS A 1 121 ? -2.139  -9.989  -9.204  1.000 18.057 ? 160 LYS AAA CB  1 ? 
ATOM   1020 C  CG  . LYS A 1 121 ? -3.545  -10.350 -8.736  1.000 21.858 ? 160 LYS AAA CG  1 ? 
ATOM   1021 C  CD  . LYS A 1 121 ? -4.256  -11.183 -9.804  1.000 24.915 ? 160 LYS AAA CD  1 ? 
ATOM   1022 C  CE  . LYS A 1 121 ? -5.761  -11.163 -9.718  1.000 30.617 ? 160 LYS AAA CE  1 ? 
ATOM   1023 N  NZ  . LYS A 1 121 ? -6.275  -12.268 -10.568 1.000 30.638 ? 160 LYS AAA NZ  1 ? 
ATOM   1024 N  N   . ILE A 1 122 ? 1.065   -10.482 -9.227  1.000 16.191 ? 161 ILE AAA N   1 ? 
ATOM   1025 C  CA  . ILE A 1 122 ? 2.355   -9.940  -9.635  1.000 17.514 ? 161 ILE AAA CA  1 ? 
ATOM   1026 C  C   . ILE A 1 122 ? 3.190   -10.964 -10.422 1.000 17.815 ? 161 ILE AAA C   1 ? 
ATOM   1027 O  O   . ILE A 1 122 ? 3.961   -10.601 -11.301 1.000 17.585 ? 161 ILE AAA O   1 ? 
ATOM   1028 C  CB  . ILE A 1 122 ? 3.052   -9.328  -8.400  1.000 21.206 ? 161 ILE AAA CB  1 ? 
ATOM   1029 C  CG1 . ILE A 1 122 ? 3.583   -7.927  -8.694  1.000 30.064 ? 161 ILE AAA CG1 1 ? 
ATOM   1030 C  CG2 . ILE A 1 122 ? 4.013   -10.227 -7.657  1.000 24.570 ? 161 ILE AAA CG2 1 ? 
ATOM   1031 C  CD1 . ILE A 1 122 ? 2.471   -6.941  -8.892  1.000 23.238 ? 161 ILE AAA CD1 1 ? 
ATOM   1032 N  N   . ASN A 1 123 ? 2.934   -12.263 -10.203 1.000 17.098 ? 162 ASN AAA N   1 ? 
ATOM   1033 C  CA  . ASN A 1 123 ? 3.570   -13.303 -11.006 1.000 18.128 ? 162 ASN AAA CA  1 ? 
ATOM   1034 C  C   . ASN A 1 123 ? 3.147   -13.201 -12.469 1.000 19.526 ? 162 ASN AAA C   1 ? 
ATOM   1035 O  O   . ASN A 1 123 ? 3.914   -13.641 -13.332 1.000 19.708 ? 162 ASN AAA O   1 ? 
ATOM   1036 C  CB  . ASN A 1 123 ? 3.298   -14.675 -10.381 1.000 19.230 ? 162 ASN AAA CB  1 ? 
ATOM   1037 C  CG  . ASN A 1 123 ? 4.150   -14.935 -9.159  1.000 18.819 ? 162 ASN AAA CG  1 ? 
ATOM   1038 O  OD1 . ASN A 1 123 ? 5.165   -14.289 -8.932  1.000 24.751 ? 162 ASN AAA OD1 1 ? 
ATOM   1039 N  ND2 . ASN A 1 123 ? 3.762   -15.935 -8.390  1.000 23.888 ? 162 ASN AAA ND2 1 ? 
ATOM   1040 N  N   . GLU A 1 124 ? 1.975   -12.602 -12.729 1.000 18.339 ? 163 GLU AAA N   1 ? 
ATOM   1041 C  CA  . GLU A 1 124 ? 1.361   -12.421 -14.035 1.000 19.297 ? 163 GLU AAA CA  1 ? 
ATOM   1042 C  C   . GLU A 1 124 ? 1.538   -10.985 -14.526 1.000 18.890 ? 163 GLU AAA C   1 ? 
ATOM   1043 O  O   . GLU A 1 124 ? 1.004   -10.596 -15.561 1.000 22.048 ? 163 GLU AAA O   1 ? 
ATOM   1044 C  CB  . GLU A 1 124 ? -0.118  -12.831 -14.009 1.000 20.274 ? 163 GLU AAA CB  1 ? 
ATOM   1045 C  CG  . GLU A 1 124 ? -0.291  -14.360 -13.925 1.000 23.630 ? 163 GLU AAA CG  1 ? 
ATOM   1046 C  CD  . GLU A 1 124 ? 0.102   -15.189 -15.146 1.000 25.068 ? 163 GLU AAA CD  1 ? 
ATOM   1047 O  OE1 . GLU A 1 124 ? 0.649   -14.648 -16.128 1.000 27.103 ? 163 GLU AAA OE1 1 ? 
ATOM   1048 O  OE2 . GLU A 1 124 ? -0.157  -16.417 -15.105 1.000 29.704 ? 163 GLU AAA OE2 1 ? 
ATOM   1049 N  N   . LEU A 1 125 ? 2.363   -10.201 -13.815 1.000 17.035 ? 164 LEU AAA N   1 ? 
ATOM   1050 C  CA  . LEU A 1 125 ? 2.600   -8.828  -14.257 1.000 18.438 ? 164 LEU AAA CA  1 ? 
ATOM   1051 C  C   . LEU A 1 125 ? 3.075   -8.907  -15.699 1.000 18.534 ? 164 LEU AAA C   1 ? 
ATOM   1052 O  O   . LEU A 1 125 ? 4.035   -9.610  -15.957 1.000 17.584 ? 164 LEU AAA O   1 ? 
ATOM   1053 C  CB  . LEU A 1 125 ? 3.688   -8.176  -13.395 1.000 18.376 ? 164 LEU AAA CB  1 ? 
ATOM   1054 C  CG  . LEU A 1 125 ? 4.020   -6.716  -13.728 1.000 17.515 ? 164 LEU AAA CG  1 ? 
ATOM   1055 C  CD1 . LEU A 1 125 ? 2.856   -5.807  -13.295 1.000 18.488 ? 164 LEU AAA CD1 1 ? 
ATOM   1056 C  CD2 . LEU A 1 125 ? 5.330   -6.295  -13.062 1.000 20.357 ? 164 LEU AAA CD2 1 ? 
ATOM   1057 N  N   . PRO A 1 126 ? 2.483   -8.182  -16.668 1.000 18.996 ? 165 PRO AAA N   1 ? 
ATOM   1058 C  CA  . PRO A 1 126 ? 2.884   -8.369  -18.048 1.000 21.392 ? 165 PRO AAA CA  1 ? 
ATOM   1059 C  C   . PRO A 1 126 ? 4.260   -7.822  -18.359 1.000 18.104 ? 165 PRO AAA C   1 ? 
ATOM   1060 O  O   . PRO A 1 126 ? 4.800   -6.893  -17.756 1.000 18.388 ? 165 PRO AAA O   1 ? 
ATOM   1061 C  CB  . PRO A 1 126 ? 1.824   -7.605  -18.853 1.000 22.420 ? 165 PRO AAA CB  1 ? 
ATOM   1062 C  CG  . PRO A 1 126 ? 1.451   -6.507  -17.905 1.000 24.376 ? 165 PRO AAA CG  1 ? 
ATOM   1063 C  CD  . PRO A 1 126 ? 1.388   -7.204  -16.550 1.000 22.407 ? 165 PRO AAA CD  1 ? 
ATOM   1064 N  N   . THR A 1 127 ? 4.836   -8.470  -19.370 1.000 22.794 ? 166 THR AAA N   1 ? 
ATOM   1065 C  CA  . THR A 1 127 ? 6.035   -7.951  -19.972 1.000 23.528 ? 166 THR AAA CA  1 ? 
ATOM   1066 C  C   . THR A 1 127 ? 5.826   -6.481  -20.345 1.000 22.007 ? 166 THR AAA C   1 ? 
ATOM   1067 O  O   . THR A 1 127 ? 4.781   -6.115  -20.880 1.000 23.864 ? 166 THR AAA O   1 ? 
ATOM   1068 C  CB  . THR A 1 127 ? 6.331   -8.801  -21.211 1.000 27.220 ? 166 THR AAA CB  1 ? 
ATOM   1069 O  OG1 . THR A 1 127 ? 6.226   -10.177 -20.819 1.000 26.197 ? 166 THR AAA OG1 1 ? 
ATOM   1070 C  CG2 . THR A 1 127 ? 7.678   -8.469  -21.812 1.000 29.361 ? 166 THR AAA CG2 1 ? 
ATOM   1071 N  N   . GLU A 1 128 ? 6.789   -5.659  -19.938 1.000 22.000 ? 167 GLU AAA N   1 ? 
ATOM   1072 C  CA  . GLU A 1 128 ? 6.750   -4.234  -20.229 1.000 26.358 ? 167 GLU AAA CA  1 ? 
ATOM   1073 C  C   . GLU A 1 128 ? 6.826   -4.019  -21.737 1.000 32.221 ? 167 GLU AAA C   1 ? 
ATOM   1074 O  O   . GLU A 1 128 ? 7.660   -4.609  -22.412 1.000 33.739 ? 167 GLU AAA O   1 ? 
ATOM   1075 C  CB  . GLU A 1 128 ? 7.910   -3.512  -19.541 1.000 30.374 ? 167 GLU AAA CB  1 ? 
ATOM   1076 C  CG  . GLU A 1 128 ? 7.893   -2.010  -19.785 1.000 36.437 ? 167 GLU AAA CG  1 ? 
ATOM   1077 C  CD  . GLU A 1 128 ? 8.920   -1.268  -18.956 1.000 40.941 ? 167 GLU AAA CD  1 ? 
ATOM   1078 O  OE1 . GLU A 1 128 ? 9.843   -1.940  -18.444 1.000 43.989 ? 167 GLU AAA OE1 1 ? 
ATOM   1079 O  OE2 . GLU A 1 128 ? 8.797   -0.032  -18.815 1.000 43.032 ? 167 GLU AAA OE2 1 ? 
ATOM   1080 N  N   . GLU A 1 129 ? 5.942   -3.166  -22.267 1.000 30.697 ? 168 GLU AAA N   1 ? 
ATOM   1081 C  CA  . GLU A 1 129 ? 6.009   -2.890  -23.689 1.000 37.984 ? 168 GLU AAA CA  1 ? 
ATOM   1082 C  C   . GLU A 1 129 ? 6.176   -1.384  -23.863 1.000 43.417 ? 168 GLU AAA C   1 ? 
ATOM   1083 O  O   . GLU A 1 129 ? 6.159   -0.629  -22.875 1.000 44.961 ? 168 GLU AAA O   1 ? 
ATOM   1084 C  CB  . GLU A 1 129 ? 4.788   -3.465  -24.406 1.000 42.758 ? 168 GLU AAA CB  1 ? 
ATOM   1085 C  CG  . GLU A 1 129 ? 3.487   -2.782  -24.028 1.000 47.616 ? 168 GLU AAA CG  1 ? 
ATOM   1086 C  CD  . GLU A 1 129 ? 2.277   -3.697  -24.099 1.000 52.814 ? 168 GLU AAA CD  1 ? 
ATOM   1087 O  OE1 . GLU A 1 129 ? 2.469   -4.945  -24.123 1.000 51.546 ? 168 GLU AAA OE1 1 ? 
ATOM   1088 O  OE2 . GLU A 1 129 ? 1.142   -3.166  -24.127 1.000 59.362 ? 168 GLU AAA OE2 1 ? 
ATOM   1089 O  OXT . GLU A 1 129 ? 6.353   -0.944  -24.994 1.000 44.506 ? 168 GLU AAA OXT 1 ? 
HETATM 1090 C  C1  . GOL B 2 .   ? 8.661   -1.209  8.302   1.000 30.737 ? 201 GOL AAA C1  1 ? 
HETATM 1091 O  O1  . GOL B 2 .   ? 7.924   -1.356  7.092   1.000 35.335 ? 201 GOL AAA O1  1 ? 
HETATM 1092 C  C2  . GOL B 2 .   ? 9.212   0.194   8.491   1.000 26.448 ? 201 GOL AAA C2  1 ? 
HETATM 1093 O  O2  . GOL B 2 .   ? 8.119   1.122   8.418   1.000 22.072 ? 201 GOL AAA O2  1 ? 
HETATM 1094 C  C3  . GOL B 2 .   ? 9.919   0.292   9.822   1.000 25.945 ? 201 GOL AAA C3  1 ? 
HETATM 1095 O  O3  . GOL B 2 .   ? 10.469  1.587   10.064  1.000 24.832 ? 201 GOL AAA O3  1 ? 
HETATM 1096 C  C4  . IS0 C 3 .   ? -5.394  -1.614  13.482  1.000 45.989 ? 202 IS0 AAA C4  1 ? 
HETATM 1097 C  C5  . IS0 C 3 .   ? -5.773  -1.469  12.159  1.000 51.803 ? 202 IS0 AAA C5  1 ? 
HETATM 1098 C  C6  . IS0 C 3 .   ? -4.872  -1.443  11.121  1.000 47.674 ? 202 IS0 AAA C6  1 ? 
HETATM 1099 C  C7  . IS0 C 3 .   ? -3.544  -1.564  11.387  1.000 41.342 ? 202 IS0 AAA C7  1 ? 
HETATM 1100 C  C8  . IS0 C 3 .   ? -3.047  -1.775  9.061   1.000 38.541 ? 202 IS0 AAA C8  1 ? 
HETATM 1101 C  C3  . IS0 C 3 .   ? -4.050  -1.729  13.764  1.000 46.787 ? 202 IS0 AAA C3  1 ? 
HETATM 1102 C  C1  . IS0 C 3 .   ? -1.146  -2.599  11.906  1.000 19.077 ? 202 IS0 AAA C1  1 ? 
HETATM 1103 O  O1  . IS0 C 3 .   ? -1.779  -1.810  12.891  1.000 38.841 ? 202 IS0 AAA O1  1 ? 
HETATM 1104 C  C2  . IS0 C 3 .   ? -3.120  -1.692  12.730  1.000 44.231 ? 202 IS0 AAA C2  1 ? 
HETATM 1105 BR BR1 . IS0 C 3 .   ? -7.573  -1.254  11.642  1.000 45.350 ? 202 IS0 AAA BR1 1 ? 
HETATM 1106 O  O2  . IS0 C 3 .   ? -2.599  -1.578  10.408  1.000 44.776 ? 202 IS0 AAA O2  1 ? 
HETATM 1107 C  C1  . EDO D 4 .   ? -9.027  -6.492  12.921  1.000 33.425 ? 203 EDO AAA C1  1 ? 
HETATM 1108 O  O1  . EDO D 4 .   ? -8.268  -6.528  14.129  1.000 39.932 ? 203 EDO AAA O1  1 ? 
HETATM 1109 C  C2  . EDO D 4 .   ? -8.333  -5.563  12.033  1.000 31.077 ? 203 EDO AAA C2  1 ? 
HETATM 1110 O  O2  . EDO D 4 .   ? -7.545  -4.657  12.780  1.000 34.187 ? 203 EDO AAA O2  1 ? 
HETATM 1111 O  O   . HOH E 5 .   ? -11.932 -10.821 -6.705  1.000 36.928 ? 301 HOH AAA O   1 ? 
HETATM 1112 O  O   . HOH E 5 .   ? -7.193  8.473   -6.293  1.000 40.912 ? 302 HOH AAA O   1 ? 
HETATM 1113 O  O   . HOH E 5 .   ? -9.919  -7.937  15.167  1.000 31.633 ? 303 HOH AAA O   1 ? 
HETATM 1114 O  O   . HOH E 5 .   ? -1.645  -12.665 18.563  1.000 37.864 ? 304 HOH AAA O   1 ? 
HETATM 1115 O  O   . HOH E 5 .   ? -2.436  -16.639 6.866   1.000 33.433 ? 305 HOH AAA O   1 ? 
HETATM 1116 O  O   . HOH E 5 .   ? 11.241  6.723   -6.858  1.000 32.232 ? 306 HOH AAA O   1 ? 
HETATM 1117 O  O   . HOH E 5 .   ? -0.151  -7.185  18.409  1.000 33.833 ? 307 HOH AAA O   1 ? 
HETATM 1118 O  O   . HOH E 5 .   ? 3.931   -1.945  20.150  1.000 30.261 ? 308 HOH AAA O   1 ? 
HETATM 1119 O  O   . HOH E 5 .   ? 10.053  20.926  -12.054 1.000 37.920 ? 309 HOH AAA O   1 ? 
HETATM 1120 O  O   . HOH E 5 .   ? 9.389   -1.453  2.985   1.000 47.526 ? 310 HOH AAA O   1 ? 
HETATM 1121 O  O   . HOH E 5 .   ? 9.030   -3.772  -14.170 1.000 39.176 ? 311 HOH AAA O   1 ? 
HETATM 1122 O  O   . HOH E 5 .   ? 0.190   -11.435 -17.841 1.000 48.899 ? 312 HOH AAA O   1 ? 
HETATM 1123 O  O   . HOH E 5 .   ? 9.400   0.037   -16.317 1.000 24.194 ? 313 HOH AAA O   1 ? 
HETATM 1124 O  O   . HOH E 5 .   ? 11.960  2.444   8.140   1.000 35.840 ? 314 HOH AAA O   1 ? 
HETATM 1125 O  O   . HOH E 5 .   ? 8.765   -5.600  -24.541 1.000 40.685 ? 315 HOH AAA O   1 ? 
HETATM 1126 O  O   . HOH E 5 .   ? 1.329   19.082  -5.187  1.000 35.593 ? 316 HOH AAA O   1 ? 
HETATM 1127 O  O   . HOH E 5 .   ? -1.976  -18.199 -4.291  1.000 50.096 ? 317 HOH AAA O   1 ? 
HETATM 1128 O  O   . HOH E 5 .   ? 0.122   8.909   15.843  1.000 23.569 ? 318 HOH AAA O   1 ? 
HETATM 1129 O  O   . HOH E 5 .   ? -3.333  -11.568 -14.096 1.000 28.889 ? 319 HOH AAA O   1 ? 
HETATM 1130 O  O   . HOH E 5 .   ? -6.470  7.432   8.064   1.000 21.862 ? 320 HOH AAA O   1 ? 
HETATM 1131 O  O   . HOH E 5 .   ? -9.753  -14.343 15.086  1.000 17.976 ? 321 HOH AAA O   1 ? 
HETATM 1132 O  O   . HOH E 5 .   ? 4.810   -9.676  -1.344  1.000 30.172 ? 322 HOH AAA O   1 ? 
HETATM 1133 O  O   . HOH E 5 .   ? -15.766 -5.145  -1.361  1.000 35.483 ? 323 HOH AAA O   1 ? 
HETATM 1134 O  O   . HOH E 5 .   ? 9.911   9.451   -11.015 1.000 20.087 ? 324 HOH AAA O   1 ? 
HETATM 1135 O  O   . HOH E 5 .   ? -6.428  -0.479  18.468  1.000 28.823 ? 325 HOH AAA O   1 ? 
HETATM 1136 O  O   . HOH E 5 .   ? 1.286   1.525   7.796   1.000 18.586 ? 326 HOH AAA O   1 ? 
HETATM 1137 O  O   . HOH E 5 .   ? 4.269   0.617   -21.480 1.000 24.821 ? 327 HOH AAA O   1 ? 
HETATM 1138 O  O   . HOH E 5 .   ? -9.488  5.481   1.452   1.000 37.608 ? 328 HOH AAA O   1 ? 
HETATM 1139 O  O   . HOH E 5 .   ? 5.706   -8.806  15.285  1.000 36.871 ? 329 HOH AAA O   1 ? 
HETATM 1140 O  O   . HOH E 5 .   ? -10.613 6.207   19.613  1.000 29.471 ? 330 HOH AAA O   1 ? 
HETATM 1141 O  O   . HOH E 5 .   ? -12.044 -13.348 3.482   1.000 34.632 ? 331 HOH AAA O   1 ? 
HETATM 1142 O  O   . HOH E 5 .   ? -6.331  -13.884 15.244  1.000 33.973 ? 332 HOH AAA O   1 ? 
HETATM 1143 O  O   . HOH E 5 .   ? 11.351  7.230   16.748  1.000 43.992 ? 333 HOH AAA O   1 ? 
HETATM 1144 O  O   . HOH E 5 .   ? -0.892  0.260   6.357   1.000 15.190 ? 334 HOH AAA O   1 ? 
HETATM 1145 O  O   . HOH E 5 .   ? 2.965   8.950   6.575   1.000 17.616 ? 335 HOH AAA O   1 ? 
HETATM 1146 O  O   . HOH E 5 .   ? 3.011   -7.307  -22.512 1.000 34.004 ? 336 HOH AAA O   1 ? 
HETATM 1147 O  O   . HOH E 5 .   ? -11.969 -2.756  -6.468  1.000 33.970 ? 337 HOH AAA O   1 ? 
HETATM 1148 O  O   . HOH E 5 .   ? -1.058  15.493  -7.970  1.000 37.533 ? 338 HOH AAA O   1 ? 
HETATM 1149 O  O   . HOH E 5 .   ? 1.073   2.112   21.763  1.000 27.735 ? 339 HOH AAA O   1 ? 
HETATM 1150 O  O   . HOH E 5 .   ? -0.598  12.518  0.151   1.000 25.065 ? 340 HOH AAA O   1 ? 
HETATM 1151 O  O   . HOH E 5 .   ? 3.813   -10.456 12.599  1.000 20.380 ? 341 HOH AAA O   1 ? 
HETATM 1152 O  O   . HOH E 5 .   ? 7.368   2.075   -0.171  1.000 20.464 ? 342 HOH AAA O   1 ? 
HETATM 1153 O  O   . HOH E 5 .   ? -0.082  -15.220 11.025  1.000 37.316 ? 343 HOH AAA O   1 ? 
HETATM 1154 O  O   . HOH E 5 .   ? -11.892 1.724   4.880   1.000 23.469 ? 344 HOH AAA O   1 ? 
HETATM 1155 O  O   . HOH E 5 .   ? -4.445  0.149   22.103  1.000 40.711 ? 345 HOH AAA O   1 ? 
HETATM 1156 O  O   . HOH E 5 .   ? -1.681  -3.438  -18.960 1.000 31.009 ? 346 HOH AAA O   1 ? 
HETATM 1157 O  O   . HOH E 5 .   ? -2.763  13.737  -4.371  1.000 46.379 ? 347 HOH AAA O   1 ? 
HETATM 1158 O  O   . HOH E 5 .   ? -8.601  -14.512 0.034   1.000 32.892 ? 348 HOH AAA O   1 ? 
HETATM 1159 O  O   . HOH E 5 .   ? 10.728  -0.760  13.195  1.000 41.434 ? 349 HOH AAA O   1 ? 
HETATM 1160 O  O   . HOH E 5 .   ? -4.158  -16.844 14.749  1.000 36.545 ? 350 HOH AAA O   1 ? 
HETATM 1161 O  O   . HOH E 5 .   ? 1.924   14.568  2.770   1.000 34.199 ? 351 HOH AAA O   1 ? 
HETATM 1162 O  O   . HOH E 5 .   ? 0.081   -16.469 -3.892  1.000 24.096 ? 352 HOH AAA O   1 ? 
HETATM 1163 O  O   . HOH E 5 .   ? -3.506  0.980   6.651   1.000 15.161 ? 353 HOH AAA O   1 ? 
HETATM 1164 O  O   . HOH E 5 .   ? -6.279  2.418   8.508   1.000 25.209 ? 354 HOH AAA O   1 ? 
HETATM 1165 O  O   . HOH E 5 .   ? -13.228 -4.149  0.594   1.000 27.551 ? 355 HOH AAA O   1 ? 
HETATM 1166 O  O   . HOH E 5 .   ? 0.334   -1.946  9.815   1.000 19.532 ? 356 HOH AAA O   1 ? 
HETATM 1167 O  O   . HOH E 5 .   ? 3.407   -12.699 7.582   1.000 33.170 ? 357 HOH AAA O   1 ? 
HETATM 1168 O  O   . HOH E 5 .   ? 0.378   5.300   5.242   1.000 15.039 ? 358 HOH AAA O   1 ? 
HETATM 1169 O  O   . HOH E 5 .   ? -0.806  9.646   7.943   1.000 18.009 ? 359 HOH AAA O   1 ? 
HETATM 1170 O  O   . HOH E 5 .   ? -14.165 -1.493  0.193   1.000 35.447 ? 360 HOH AAA O   1 ? 
HETATM 1171 O  O   . HOH E 5 .   ? -2.227  12.920  8.573   1.000 31.591 ? 361 HOH AAA O   1 ? 
HETATM 1172 O  O   . HOH E 5 .   ? 0.479   -14.577 2.378   1.000 21.216 ? 362 HOH AAA O   1 ? 
HETATM 1173 O  O   . HOH E 5 .   ? -6.005  -14.900 -0.255  1.000 23.414 ? 363 HOH AAA O   1 ? 
HETATM 1174 O  O   . HOH E 5 .   ? -3.386  8.685   1.413   1.000 31.519 ? 364 HOH AAA O   1 ? 
HETATM 1175 O  O   . HOH E 5 .   ? 0.438   18.298  21.300  1.000 26.707 ? 365 HOH AAA O   1 ? 
HETATM 1176 O  O   . HOH E 5 .   ? 0.062   -2.221  7.103   1.000 16.615 ? 366 HOH AAA O   1 ? 
HETATM 1177 O  O   . HOH E 5 .   ? 8.560   -11.689 -21.209 1.000 28.171 ? 367 HOH AAA O   1 ? 
HETATM 1178 O  O   . HOH E 5 .   ? -5.674  0.287   9.999   1.000 26.470 ? 368 HOH AAA O   1 ? 
HETATM 1179 O  O   . HOH E 5 .   ? -5.151  11.801  11.127  1.000 50.610 ? 369 HOH AAA O   1 ? 
HETATM 1180 O  O   . HOH E 5 .   ? -1.679  3.017   -13.338 1.000 29.980 ? 370 HOH AAA O   1 ? 
HETATM 1181 O  O   . HOH E 5 .   ? 1.030   12.373  -8.632  1.000 21.320 ? 371 HOH AAA O   1 ? 
HETATM 1182 O  O   . HOH E 5 .   ? -6.293  -10.467 16.721  1.000 28.668 ? 372 HOH AAA O   1 ? 
HETATM 1183 O  O   . HOH E 5 .   ? -5.478  -7.550  14.694  1.000 20.373 ? 373 HOH AAA O   1 ? 
HETATM 1184 O  O   . HOH E 5 .   ? 1.975   -16.111 -18.154 1.000 33.079 ? 374 HOH AAA O   1 ? 
HETATM 1185 O  O   . HOH E 5 .   ? 6.737   -0.388  -15.377 1.000 17.919 ? 375 HOH AAA O   1 ? 
HETATM 1186 O  O   . HOH E 5 .   ? 7.516   3.863   -4.025  1.000 20.499 ? 376 HOH AAA O   1 ? 
HETATM 1187 O  O   . HOH E 5 .   ? -7.386  6.645   -2.106  1.000 27.166 ? 377 HOH AAA O   1 ? 
HETATM 1188 O  O   . HOH E 5 .   ? 6.737   -8.628  -4.344  1.000 33.425 ? 378 HOH AAA O   1 ? 
HETATM 1189 O  O   . HOH E 5 .   ? 6.800   0.958   21.764  1.000 42.328 ? 379 HOH AAA O   1 ? 
HETATM 1190 O  O   . HOH E 5 .   ? -4.444  -15.423 5.895   1.000 27.010 ? 380 HOH AAA O   1 ? 
HETATM 1191 O  O   . HOH E 5 .   ? -11.022 5.313   3.815   1.000 42.244 ? 381 HOH AAA O   1 ? 
HETATM 1192 O  O   . HOH E 5 .   ? 9.057   -6.722  -18.581 1.000 29.767 ? 382 HOH AAA O   1 ? 
HETATM 1193 O  O   . HOH E 5 .   ? -6.896  3.819   10.614  1.000 26.201 ? 383 HOH AAA O   1 ? 
HETATM 1194 O  O   . HOH E 5 .   ? 1.434   14.821  -1.745  1.000 23.602 ? 384 HOH AAA O   1 ? 
HETATM 1195 O  O   . HOH E 5 .   ? -2.580  8.767   9.995   1.000 16.852 ? 385 HOH AAA O   1 ? 
HETATM 1196 O  O   . HOH E 5 .   ? 9.173   -4.714  -3.770  1.000 35.108 ? 386 HOH AAA O   1 ? 
HETATM 1197 O  O   . HOH E 5 .   ? -6.195  7.568   1.874   1.000 33.060 ? 387 HOH AAA O   1 ? 
HETATM 1198 O  O   . HOH E 5 .   ? 0.742   13.342  -12.302 1.000 35.724 ? 388 HOH AAA O   1 ? 
HETATM 1199 O  O   . HOH E 5 .   ? 5.036   11.858  4.446   1.000 20.462 ? 389 HOH AAA O   1 ? 
HETATM 1200 O  O   . HOH E 5 .   ? -3.669  13.696  10.561  1.000 30.030 ? 390 HOH AAA O   1 ? 
HETATM 1201 O  O   . HOH E 5 .   ? -0.292  3.938   7.541   1.000 18.991 ? 391 HOH AAA O   1 ? 
HETATM 1202 O  O   . HOH E 5 .   ? -14.174 1.925   -1.421  1.000 43.843 ? 392 HOH AAA O   1 ? 
HETATM 1203 O  O   . HOH E 5 .   ? 9.498   13.237  -4.734  1.000 30.912 ? 393 HOH AAA O   1 ? 
HETATM 1204 O  O   . HOH E 5 .   ? 12.850  1.539   -9.592  1.000 28.700 ? 394 HOH AAA O   1 ? 
HETATM 1205 O  O   . HOH E 5 .   ? -3.290  -6.426  16.013  1.000 29.401 ? 395 HOH AAA O   1 ? 
HETATM 1206 O  O   . HOH E 5 .   ? 2.236   7.061   16.526  1.000 21.539 ? 396 HOH AAA O   1 ? 
HETATM 1207 O  O   . HOH E 5 .   ? -8.803  -0.016  -9.791  1.000 28.048 ? 397 HOH AAA O   1 ? 
HETATM 1208 O  O   . HOH E 5 .   ? -9.949  10.100  14.230  1.000 37.834 ? 398 HOH AAA O   1 ? 
HETATM 1209 O  O   . HOH E 5 .   ? 9.718   -1.454  -12.692 1.000 23.915 ? 399 HOH AAA O   1 ? 
HETATM 1210 O  O   . HOH E 5 .   ? 9.382   -4.370  2.356   1.000 40.495 ? 400 HOH AAA O   1 ? 
HETATM 1211 O  O   . HOH E 5 .   ? 8.613   8.563   -4.298  1.000 26.077 ? 401 HOH AAA O   1 ? 
HETATM 1212 O  O   . HOH E 5 .   ? -2.385  7.376   19.940  1.000 29.371 ? 402 HOH AAA O   1 ? 
HETATM 1213 O  O   . HOH E 5 .   ? -6.399  -18.954 0.536   1.000 37.806 ? 403 HOH AAA O   1 ? 
HETATM 1214 O  O   . HOH E 5 .   ? -12.946 -4.640  3.312   1.000 21.203 ? 404 HOH AAA O   1 ? 
HETATM 1215 O  O   . HOH E 5 .   ? 7.152   6.664   -0.860  1.000 31.014 ? 405 HOH AAA O   1 ? 
HETATM 1216 O  O   . HOH E 5 .   ? -0.294  5.059   -12.887 1.000 37.503 ? 406 HOH AAA O   1 ? 
HETATM 1217 O  O   . HOH E 5 .   ? 11.948  -1.058  -4.800  1.000 38.135 ? 407 HOH AAA O   1 ? 
HETATM 1218 O  O   . HOH E 5 .   ? -12.460 9.464   12.424  1.000 37.462 ? 408 HOH AAA O   1 ? 
HETATM 1219 O  O   . HOH E 5 .   ? 13.121  3.706   -16.925 1.000 18.583 ? 409 HOH AAA O   1 ? 
HETATM 1220 O  O   . HOH E 5 .   ? 0.027   -5.182  -21.073 1.000 36.477 ? 410 HOH AAA O   1 ? 
HETATM 1221 O  O   . HOH E 5 .   ? -12.881 -11.382 -0.295  1.000 26.516 ? 411 HOH AAA O   1 ? 
HETATM 1222 O  O   . HOH E 5 .   ? 6.742   20.190  -5.254  1.000 30.821 ? 412 HOH AAA O   1 ? 
HETATM 1223 O  O   . HOH E 5 .   ? -8.607  -11.267 -12.241 1.000 30.633 ? 413 HOH AAA O   1 ? 
HETATM 1224 O  O   . HOH E 5 .   ? -7.657  -15.270 -7.113  1.000 34.136 ? 414 HOH AAA O   1 ? 
HETATM 1225 O  O   . HOH E 5 .   ? 12.709  -2.996  -18.438 1.000 54.171 ? 415 HOH AAA O   1 ? 
HETATM 1226 O  O   . HOH E 5 .   ? 5.586   -17.196 -6.213  1.000 34.018 ? 416 HOH AAA O   1 ? 
HETATM 1227 O  O   . HOH E 5 .   ? -14.146 -9.528  -3.147  1.000 28.758 ? 417 HOH AAA O   1 ? 
HETATM 1228 O  O   . HOH E 5 .   ? 6.513   9.999   0.668   1.000 25.287 ? 418 HOH AAA O   1 ? 
HETATM 1229 O  O   . HOH E 5 .   ? 13.249  4.958   20.627  1.000 36.023 ? 419 HOH AAA O   1 ? 
HETATM 1230 O  O   . HOH E 5 .   ? -6.057  -16.391 -2.776  1.000 32.947 ? 420 HOH AAA O   1 ? 
HETATM 1231 O  O   . HOH E 5 .   ? -8.139  -12.779 -7.900  1.000 46.609 ? 421 HOH AAA O   1 ? 
HETATM 1232 O  O   . HOH E 5 .   ? -2.711  -15.620 -10.862 1.000 39.077 ? 422 HOH AAA O   1 ? 
HETATM 1233 O  O   . HOH E 5 .   ? 0.699   7.523   6.978   1.000 19.936 ? 423 HOH AAA O   1 ? 
HETATM 1234 O  O   . HOH E 5 .   ? 6.436   12.234  2.064   1.000 34.131 ? 424 HOH AAA O   1 ? 
HETATM 1235 O  O   . HOH E 5 .   ? -12.183 -13.739 1.138   1.000 42.543 ? 425 HOH AAA O   1 ? 
HETATM 1236 O  O   . HOH E 5 .   ? 9.521   -7.116  -5.144  1.000 41.183 ? 426 HOH AAA O   1 ? 
HETATM 1237 O  O   . HOH E 5 .   ? 1.296   -17.211 -6.095  1.000 34.382 ? 427 HOH AAA O   1 ? 
HETATM 1238 O  O   . HOH E 5 .   ? 12.440  1.334   -18.330 1.000 32.153 ? 428 HOH AAA O   1 ? 
HETATM 1239 O  O   . HOH E 5 .   ? 1.792   -14.878 0.054   1.000 24.346 ? 429 HOH AAA O   1 ? 
HETATM 1240 O  O   . HOH E 5 .   ? -3.751  -16.402 3.207   1.000 27.216 ? 430 HOH AAA O   1 ? 
HETATM 1241 O  O   . HOH E 5 .   ? -12.047 1.335   7.773   1.000 32.572 ? 431 HOH AAA O   1 ? 
HETATM 1242 O  O   . HOH E 5 .   ? 5.983   14.622  1.076   1.000 28.819 ? 432 HOH AAA O   1 ? 
HETATM 1243 O  O   . HOH E 5 .   ? -8.341  8.045   -4.044  1.000 42.592 ? 433 HOH AAA O   1 ? 
HETATM 1244 O  O   . HOH E 5 .   ? 3.811   16.463  -0.697  1.000 35.939 ? 434 HOH AAA O   1 ? 
HETATM 1245 O  O   . HOH E 5 .   ? 10.704  -0.524  -22.062 1.000 44.496 ? 435 HOH AAA O   1 ? 
HETATM 1246 O  O   . HOH E 5 .   ? -0.984  16.050  -1.555  1.000 34.768 ? 436 HOH AAA O   1 ? 
HETATM 1247 O  O   . HOH E 5 .   ? 1.808   9.878   -16.032 1.000 33.672 ? 437 HOH AAA O   1 ? 
HETATM 1248 O  O   . HOH E 5 .   ? -0.893  -16.957 2.719   1.000 29.085 ? 438 HOH AAA O   1 ? 
HETATM 1249 O  O   . HOH E 5 .   ? -2.938  11.288  0.878   1.000 31.793 ? 439 HOH AAA O   1 ? 
HETATM 1250 O  O   . HOH E 5 .   ? 1.792   17.546  11.673  1.000 37.262 ? 440 HOH AAA O   1 ? 
HETATM 1251 O  O   . HOH E 5 .   ? -2.584  -11.351 -16.992 1.000 39.068 ? 441 HOH AAA O   1 ? 
HETATM 1252 O  O   . HOH E 5 .   ? -0.585  9.214   18.626  1.000 25.251 ? 442 HOH AAA O   1 ? 
HETATM 1253 O  O   . HOH E 5 .   ? 7.700   6.262   -5.397  1.000 19.986 ? 443 HOH AAA O   1 ? 
HETATM 1254 O  O   . HOH E 5 .   ? -17.346 -6.469  -3.500  1.000 29.502 ? 444 HOH AAA O   1 ? 
HETATM 1255 O  O   . HOH E 5 .   ? -3.072  10.719  6.994   1.000 26.302 ? 445 HOH AAA O   1 ? 
HETATM 1256 O  O   . HOH E 5 .   ? 7.696   4.573   1.114   1.000 27.800 ? 446 HOH AAA O   1 ? 
HETATM 1257 O  O   . HOH E 5 .   ? -5.051  9.448   9.221   1.000 26.521 ? 447 HOH AAA O   1 ? 
HETATM 1258 O  O   . HOH E 5 .   ? -5.343  -1.944  20.622  1.000 45.607 ? 448 HOH AAA O   1 ? 
HETATM 1259 O  O   . HOH E 5 .   ? 10.532  10.314  -5.331  1.000 33.680 ? 449 HOH AAA O   1 ? 
HETATM 1260 O  O   . HOH E 5 .   ? -10.363 0.023   -7.012  1.000 39.698 ? 450 HOH AAA O   1 ? 
HETATM 1261 O  O   . HOH E 5 .   ? -5.759  -16.575 1.853   1.000 25.538 ? 451 HOH AAA O   1 ? 
HETATM 1262 O  O   . HOH E 5 .   ? -7.750  8.778   5.936   1.000 38.074 ? 452 HOH AAA O   1 ? 
HETATM 1263 O  O   . HOH E 5 .   ? 2.435   21.358  -6.225  1.000 26.269 ? 453 HOH AAA O   1 ? 
HETATM 1264 O  O   . HOH E 5 .   ? -4.432  10.946  4.711   1.000 35.626 ? 454 HOH AAA O   1 ? 
HETATM 1265 O  O   . HOH E 5 .   ? -7.932  -16.227 3.766   1.000 32.044 ? 455 HOH AAA O   1 ? 
# 
